data_9BNM
#
_entry.id   9BNM
#
_cell.length_a   1.00
_cell.length_b   1.00
_cell.length_c   1.00
_cell.angle_alpha   90.00
_cell.angle_beta   90.00
_cell.angle_gamma   90.00
#
_symmetry.space_group_name_H-M   'P 1'
#
loop_
_entity.id
_entity.type
_entity.pdbx_description
1 polymer 'Envelope glycoprotein Gp120'
2 polymer '47715-a.01 heavy chain'
3 polymer '44715-a.01 light chain'
4 polymer 'Envelope glycoprotein Gp41'
5 branched 2-acetamido-2-deoxy-beta-D-glucopyranose-(1-4)-2-acetamido-2-deoxy-beta-D-glucopyranose
6 branched beta-D-mannopyranose-(1-4)-2-acetamido-2-deoxy-beta-D-glucopyranose-(1-4)-2-acetamido-2-deoxy-beta-D-glucopyranose
7 branched alpha-D-mannopyranose-(1-3)-[alpha-D-mannopyranose-(1-6)]beta-D-mannopyranose-(1-4)-2-acetamido-2-deoxy-beta-D-glucopyranose-(1-4)-2-acetamido-2-deoxy-beta-D-glucopyranose
8 branched alpha-D-mannopyranose-(1-3)-beta-D-mannopyranose-(1-4)-2-acetamido-2-deoxy-beta-D-glucopyranose-(1-4)-2-acetamido-2-deoxy-beta-D-glucopyranose
9 branched alpha-D-mannopyranose-(1-3)-[alpha-D-mannopyranose-(1-6)]alpha-D-mannopyranose-(1-6)-[alpha-D-mannopyranose-(1-3)]beta-D-mannopyranose-(1-4)-2-acetamido-2-deoxy-beta-D-glucopyranose-(1-4)-2-acetamido-2-deoxy-beta-D-glucopyranose
10 non-polymer 2-acetamido-2-deoxy-beta-D-glucopyranose
#
loop_
_entity_poly.entity_id
_entity_poly.type
_entity_poly.pdbx_seq_one_letter_code
_entity_poly.pdbx_strand_id
1 'polypeptide(L)'
;AENLWVTVYYGVPVWKDAETTLFCASDAKAYETEKHNVWATHACVPTDPNPQEIHLENVTEEFNMWKNNMVEQMHTDIIS
LWDQSLKPCVKLTPLCVTLQCTNVTNNITDDMRGELKNCSFNMTTELRDKKQKVYSLFYRLDVVQINENQGNRSNNSNKE
YRLINCNTSACTQACPKVSFEPIPIHYCAPAGFAILKCKDKKFNGTGPCPSVSTVQCTHGIKPVVSTQLLLNGSLAEEEV
MIRSENITNNAKNILVQFNTPVQINCTRPNNNTRKSIRIGPGQAFYATGDIIGDIRQAHCNVSKATWNETLGKVVKQLRK
HFGNNTIIRFANSSGGDLEVTTHSFNCGGEFFYCNTSGLFNSTWISNTSVQGSNSTGSNDSITLPCRIKQIINMWQRIGQ
CMYAPPIQGVIRCVSNITGLILTRDGGSTNSTTETFRPGGGDMRDNWRSELYKYKVVKIEPLGVAPTRCKRRVVGR
;
A,B,C
2 'polypeptide(L)'
;EVQVVESGGGLVQPGGSLRLSCAASGFTFSHVWMNWVRQAPGKGLEWVARIKTKGEGGAHYAASVKDRFSVSRDEAKNTA
YLQMNSLKIEDTAVYHCKVDGSIVVDEGFD(TYS)YIDAIEKGFVVWGPGVQVTVSSASTKGPSVFPLAPSSRSTSESTA
ALGCLVKDYFPEPVTVSWNSGSLTSGVHTFPAVLQSSGLYSLSSVVTVPSSSLGTQTYVCNVNHKPSNTKVDKRVEIKTC
GGGLEVLFQ
;
H
3 'polypeptide(L)'
;DVVMTQSPLSLSITPGQPASISCRSIQSLLDSNGKTFLSWYQQKPGRPPRRLIYEVSNRDSGVPDRISGSGAGTDFTLKI
SRVEAEDVGIYYCGQDSFFPFTFGPGTKLDIKRTVAAPSVFIFPPSEDQVKSGTVSVVCLLNNFYPREASVKWKVDGALK
TGNSQESVTEQDSKDNTYSLSSTLTLSSTEYQSHKVYACEVTHQGLSSPVTKSFNRGEC
;
L
4 'polypeptide(L)'
;VGIGAVFLGFLGAAGSTMGAASMTLTVQARNLLSGIVQQQSNLLRAPEAQQHLLKLTVWGIKQLQARVLAVERYLRDQQL
LGIWGCSGKLICCTNVPWNSSWSNRNLSEIWDNMTWLQWDKEISNYTQIIYGLLEESQNQQEKNEQDLLALD
;
X,Y,Z
#
# COMPACT_ATOMS: atom_id res chain seq x y z
N ASN A 3 -63.12 -2.19 -14.72
CA ASN A 3 -61.98 -1.37 -14.22
C ASN A 3 -60.65 -2.03 -14.55
N LEU A 4 -59.56 -1.43 -14.07
CA LEU A 4 -58.22 -1.94 -14.30
C LEU A 4 -57.40 -1.79 -13.04
N TRP A 5 -56.38 -2.64 -12.90
CA TRP A 5 -55.50 -2.64 -11.75
C TRP A 5 -54.05 -2.75 -12.24
N VAL A 6 -53.15 -2.15 -11.47
CA VAL A 6 -51.73 -2.18 -11.80
C VAL A 6 -51.17 -3.56 -11.49
N THR A 7 -50.25 -4.01 -12.33
CA THR A 7 -49.61 -5.31 -12.19
C THR A 7 -48.10 -5.13 -12.08
N VAL A 8 -47.48 -5.92 -11.22
CA VAL A 8 -46.03 -5.86 -10.99
C VAL A 8 -45.38 -6.99 -11.77
N TYR A 9 -44.36 -6.65 -12.55
CA TYR A 9 -43.61 -7.62 -13.36
C TYR A 9 -42.14 -7.51 -13.02
N TYR A 10 -41.51 -8.65 -12.76
CA TYR A 10 -40.10 -8.73 -12.41
C TYR A 10 -39.31 -9.28 -13.58
N GLY A 11 -38.04 -8.90 -13.67
CA GLY A 11 -37.19 -9.37 -14.74
C GLY A 11 -37.56 -8.82 -16.10
N VAL A 12 -38.20 -7.66 -16.15
CA VAL A 12 -38.59 -7.07 -17.43
C VAL A 12 -37.34 -6.66 -18.21
N PRO A 13 -37.30 -6.80 -19.55
CA PRO A 13 -36.09 -6.41 -20.29
C PRO A 13 -36.06 -4.91 -20.64
N VAL A 14 -35.72 -4.11 -19.62
CA VAL A 14 -35.62 -2.66 -19.76
C VAL A 14 -34.25 -2.24 -19.25
N TRP A 15 -33.60 -1.34 -19.99
CA TRP A 15 -32.27 -0.85 -19.63
C TRP A 15 -32.22 0.66 -19.76
N LYS A 16 -31.16 1.24 -19.18
CA LYS A 16 -30.95 2.68 -19.22
C LYS A 16 -29.44 2.94 -19.20
N ASP A 17 -29.07 4.12 -19.68
CA ASP A 17 -27.66 4.48 -19.72
C ASP A 17 -27.10 4.65 -18.30
N ALA A 18 -25.89 4.16 -18.09
CA ALA A 18 -25.22 4.24 -16.80
C ALA A 18 -23.78 3.80 -16.99
N GLU A 19 -23.03 3.79 -15.89
CA GLU A 19 -21.63 3.40 -15.90
C GLU A 19 -21.35 2.50 -14.71
N THR A 20 -20.40 1.58 -14.90
CA THR A 20 -20.02 0.63 -13.85
C THR A 20 -18.59 0.20 -14.07
N THR A 21 -17.98 -0.31 -13.00
CA THR A 21 -16.59 -0.78 -13.04
C THR A 21 -16.56 -2.18 -13.65
N LEU A 22 -16.10 -2.28 -14.89
CA LEU A 22 -16.02 -3.56 -15.57
C LEU A 22 -14.72 -4.26 -15.22
N PHE A 23 -14.77 -5.57 -15.08
CA PHE A 23 -13.60 -6.37 -14.75
C PHE A 23 -12.94 -6.91 -16.02
N CYS A 24 -11.62 -7.05 -15.95
CA CYS A 24 -10.85 -7.54 -17.07
C CYS A 24 -11.04 -9.05 -17.24
N ALA A 25 -10.68 -9.54 -18.42
CA ALA A 25 -10.81 -10.96 -18.73
C ALA A 25 -9.97 -11.27 -19.96
N SER A 26 -9.11 -12.27 -19.84
CA SER A 26 -8.23 -12.69 -20.94
C SER A 26 -8.10 -14.21 -20.89
N ASP A 27 -7.26 -14.75 -21.77
CA ASP A 27 -7.04 -16.19 -21.82
C ASP A 27 -6.41 -16.69 -20.53
N HIS A 36 3.83 -12.88 -18.31
CA HIS A 36 4.95 -12.24 -18.99
C HIS A 36 4.47 -11.10 -19.87
N ASN A 37 3.39 -10.43 -19.44
CA ASN A 37 2.81 -9.33 -20.18
C ASN A 37 2.22 -8.32 -19.21
N VAL A 38 2.52 -7.04 -19.43
CA VAL A 38 2.01 -5.97 -18.58
C VAL A 38 0.51 -5.76 -18.73
N TRP A 39 -0.10 -6.34 -19.77
CA TRP A 39 -1.54 -6.11 -20.03
C TRP A 39 -2.40 -7.17 -19.35
N ALA A 40 -1.82 -8.30 -18.89
CA ALA A 40 -2.63 -9.35 -18.30
C ALA A 40 -1.88 -10.03 -17.17
N THR A 41 -2.61 -10.32 -16.10
CA THR A 41 -2.07 -10.98 -14.92
C THR A 41 -3.18 -11.84 -14.33
N HIS A 42 -3.02 -12.27 -13.07
CA HIS A 42 -4.04 -13.09 -12.43
C HIS A 42 -5.34 -12.33 -12.21
N ALA A 43 -5.31 -10.99 -12.28
CA ALA A 43 -6.52 -10.21 -12.09
C ALA A 43 -7.59 -10.55 -13.11
N CYS A 44 -7.22 -10.69 -14.37
CA CYS A 44 -8.17 -11.02 -15.42
C CYS A 44 -8.57 -12.49 -15.32
N VAL A 45 -9.87 -12.73 -15.22
CA VAL A 45 -10.40 -14.09 -15.11
C VAL A 45 -10.50 -14.71 -16.50
N PRO A 46 -10.57 -16.04 -16.62
CA PRO A 46 -10.67 -16.64 -17.96
C PRO A 46 -11.97 -16.25 -18.64
N THR A 47 -11.91 -16.13 -19.97
CA THR A 47 -13.07 -15.78 -20.78
C THR A 47 -13.79 -17.02 -21.26
N ASP A 48 -15.05 -16.85 -21.62
CA ASP A 48 -15.85 -17.96 -22.11
C ASP A 48 -15.52 -18.18 -23.59
N PRO A 49 -15.02 -19.36 -23.99
CA PRO A 49 -14.71 -19.55 -25.43
C PRO A 49 -15.91 -19.35 -26.33
N ASN A 50 -17.09 -19.76 -25.87
CA ASN A 50 -18.29 -19.61 -26.69
C ASN A 50 -18.82 -18.18 -26.55
N PRO A 51 -18.94 -17.41 -27.63
CA PRO A 51 -19.46 -16.04 -27.50
C PRO A 51 -20.97 -16.05 -27.30
N GLN A 52 -21.42 -15.58 -26.14
CA GLN A 52 -22.84 -15.54 -25.82
C GLN A 52 -23.49 -14.28 -26.40
N GLU A 53 -23.49 -14.20 -27.72
CA GLU A 53 -24.05 -13.07 -28.44
C GLU A 53 -25.50 -13.38 -28.81
N ILE A 54 -26.40 -12.45 -28.50
CA ILE A 54 -27.82 -12.60 -28.79
C ILE A 54 -28.26 -11.39 -29.61
N HIS A 55 -28.90 -11.65 -30.75
CA HIS A 55 -29.37 -10.57 -31.61
C HIS A 55 -30.67 -10.00 -31.07
N LEU A 56 -30.83 -8.68 -31.18
CA LEU A 56 -32.01 -7.98 -30.70
C LEU A 56 -32.81 -7.49 -31.91
N GLU A 57 -33.94 -8.12 -32.16
CA GLU A 57 -34.81 -7.75 -33.27
C GLU A 57 -35.81 -6.69 -32.81
N ASN A 58 -36.14 -5.78 -33.72
CA ASN A 58 -37.07 -4.68 -33.48
C ASN A 58 -36.57 -3.71 -32.41
N VAL A 59 -35.27 -3.73 -32.10
CA VAL A 59 -34.69 -2.86 -31.08
C VAL A 59 -33.86 -1.77 -31.75
N THR A 60 -33.96 -0.55 -31.22
CA THR A 60 -33.22 0.59 -31.73
C THR A 60 -32.86 1.47 -30.55
N GLU A 61 -31.56 1.65 -30.31
CA GLU A 61 -31.06 2.45 -29.20
C GLU A 61 -30.01 3.42 -29.72
N GLU A 62 -30.03 4.64 -29.17
CA GLU A 62 -29.07 5.66 -29.56
C GLU A 62 -27.70 5.36 -28.98
N PHE A 63 -26.66 5.66 -29.75
CA PHE A 63 -25.28 5.44 -29.35
C PHE A 63 -24.51 6.75 -29.41
N ASN A 64 -23.62 6.94 -28.43
CA ASN A 64 -22.78 8.13 -28.35
C ASN A 64 -21.40 7.67 -27.87
N MET A 65 -20.52 7.41 -28.84
CA MET A 65 -19.17 6.96 -28.52
C MET A 65 -18.25 8.07 -28.03
N TRP A 66 -18.71 9.33 -28.04
CA TRP A 66 -17.89 10.44 -27.58
C TRP A 66 -18.05 10.66 -26.08
N LYS A 67 -19.30 10.68 -25.59
CA LYS A 67 -19.56 10.87 -24.17
C LYS A 67 -19.51 9.57 -23.37
N ASN A 68 -19.24 8.45 -24.02
CA ASN A 68 -19.17 7.17 -23.31
C ASN A 68 -18.01 7.17 -22.32
N ASN A 69 -18.25 6.55 -21.17
CA ASN A 69 -17.25 6.46 -20.11
C ASN A 69 -16.38 5.21 -20.23
N MET A 70 -16.56 4.42 -21.30
CA MET A 70 -15.76 3.21 -21.47
C MET A 70 -14.27 3.54 -21.58
N VAL A 71 -13.95 4.55 -22.39
CA VAL A 71 -12.55 4.92 -22.57
C VAL A 71 -11.93 5.42 -21.27
N GLU A 72 -12.70 6.15 -20.46
CA GLU A 72 -12.17 6.65 -19.20
C GLU A 72 -11.79 5.51 -18.27
N GLN A 73 -12.70 4.56 -18.08
CA GLN A 73 -12.41 3.42 -17.21
C GLN A 73 -11.27 2.60 -17.76
N MET A 74 -11.23 2.39 -19.08
CA MET A 74 -10.14 1.63 -19.68
C MET A 74 -8.80 2.32 -19.43
N HIS A 75 -8.74 3.63 -19.65
CA HIS A 75 -7.51 4.36 -19.43
C HIS A 75 -7.06 4.28 -17.98
N THR A 76 -8.01 4.40 -17.04
CA THR A 76 -7.65 4.34 -15.63
C THR A 76 -7.09 2.96 -15.27
N ASP A 77 -7.77 1.90 -15.71
CA ASP A 77 -7.30 0.55 -15.40
C ASP A 77 -5.92 0.30 -16.02
N ILE A 78 -5.71 0.78 -17.24
CA ILE A 78 -4.41 0.59 -17.90
C ILE A 78 -3.33 1.36 -17.16
N ILE A 79 -3.63 2.57 -16.67
CA ILE A 79 -2.61 3.31 -15.94
C ILE A 79 -2.25 2.54 -14.68
N SER A 80 -3.26 2.00 -13.98
CA SER A 80 -3.00 1.22 -12.78
C SER A 80 -2.14 0.01 -13.11
N LEU A 81 -2.44 -0.66 -14.22
CA LEU A 81 -1.65 -1.84 -14.60
C LEU A 81 -0.21 -1.47 -14.90
N TRP A 82 0.00 -0.36 -15.61
CA TRP A 82 1.36 0.07 -15.93
C TRP A 82 2.16 0.35 -14.66
N ASP A 83 1.56 1.06 -13.71
CA ASP A 83 2.26 1.34 -12.46
C ASP A 83 2.54 0.06 -11.69
N GLN A 84 1.53 -0.81 -11.58
CA GLN A 84 1.67 -2.06 -10.86
C GLN A 84 2.70 -2.98 -11.52
N SER A 85 2.97 -2.78 -12.81
CA SER A 85 3.94 -3.62 -13.50
C SER A 85 5.36 -3.08 -13.34
N LEU A 86 5.53 -1.75 -13.40
CA LEU A 86 6.88 -1.20 -13.27
C LEU A 86 7.37 -1.18 -11.82
N LYS A 87 6.45 -1.13 -10.85
CA LYS A 87 6.87 -1.09 -9.44
C LYS A 87 7.58 -2.33 -8.91
N PRO A 88 7.16 -3.57 -9.20
CA PRO A 88 7.80 -4.75 -8.60
C PRO A 88 9.30 -4.97 -8.68
N CYS A 89 10.10 -4.19 -9.41
CA CYS A 89 11.54 -4.46 -9.45
C CYS A 89 12.34 -3.16 -9.43
N VAL A 90 13.65 -3.28 -9.65
CA VAL A 90 14.65 -2.22 -9.58
C VAL A 90 14.31 -0.88 -10.24
N LYS A 91 14.84 0.20 -9.63
CA LYS A 91 14.72 1.58 -10.07
C LYS A 91 16.11 2.10 -10.42
N LEU A 92 16.17 3.13 -11.25
CA LEU A 92 17.43 3.73 -11.71
C LEU A 92 17.72 5.09 -11.05
N THR A 93 17.42 5.26 -9.77
CA THR A 93 17.71 6.54 -9.14
C THR A 93 19.20 6.90 -9.09
N PRO A 94 20.15 5.97 -8.83
CA PRO A 94 21.56 6.42 -8.79
C PRO A 94 22.16 6.72 -10.15
N LEU A 95 21.49 6.38 -11.25
CA LEU A 95 22.04 6.64 -12.57
C LEU A 95 22.18 8.12 -12.88
N CYS A 96 21.51 8.99 -12.13
CA CYS A 96 21.61 10.42 -12.37
C CYS A 96 22.97 10.92 -11.90
N VAL A 97 23.97 10.80 -12.77
CA VAL A 97 25.35 11.21 -12.48
C VAL A 97 25.91 11.87 -13.74
N THR A 98 27.11 12.42 -13.62
CA THR A 98 27.75 13.05 -14.77
C THR A 98 28.24 11.98 -15.74
N LEU A 99 28.07 12.24 -17.03
CA LEU A 99 28.48 11.33 -18.10
C LEU A 99 29.54 11.96 -18.99
N GLN A 100 30.59 11.20 -19.26
CA GLN A 100 31.69 11.61 -20.13
C GLN A 100 31.45 10.88 -21.45
N CYS A 101 31.08 11.62 -22.49
CA CYS A 101 30.77 11.04 -23.78
C CYS A 101 31.72 11.51 -24.88
N THR A 102 31.90 10.62 -25.85
CA THR A 102 32.75 10.84 -27.02
C THR A 102 31.98 10.35 -28.24
N ASN A 103 32.11 11.08 -29.34
CA ASN A 103 31.40 10.70 -30.56
C ASN A 103 31.85 9.34 -31.06
N VAL A 104 30.90 8.59 -31.62
CA VAL A 104 31.18 7.27 -32.14
C VAL A 104 31.70 7.39 -33.58
N THR A 105 32.35 6.33 -34.06
CA THR A 105 32.89 6.30 -35.42
C THR A 105 32.80 4.86 -35.92
N ASN A 106 31.72 4.57 -36.64
CA ASN A 106 31.47 3.25 -37.21
C ASN A 106 31.63 2.13 -36.18
N ARG A 113 23.08 9.62 -39.86
CA ARG A 113 23.05 9.08 -38.47
C ARG A 113 23.92 9.99 -37.58
N GLY A 114 25.03 9.48 -37.06
CA GLY A 114 25.90 10.27 -36.17
C GLY A 114 25.19 10.72 -34.91
N GLU A 115 24.37 9.86 -34.31
CA GLU A 115 23.58 10.25 -33.12
C GLU A 115 24.10 9.54 -31.86
N LEU A 116 24.26 8.22 -31.90
CA LEU A 116 24.68 7.46 -30.69
C LEU A 116 25.93 8.12 -30.05
N LYS A 117 25.94 8.25 -28.72
CA LYS A 117 27.11 8.85 -28.02
C LYS A 117 27.71 7.83 -27.02
N ASN A 118 28.98 7.47 -27.19
CA ASN A 118 29.65 6.51 -26.26
C ASN A 118 29.95 7.23 -24.95
N CYS A 119 29.05 7.09 -23.99
CA CYS A 119 29.19 7.72 -22.68
C CYS A 119 29.76 6.76 -21.64
N SER A 120 30.59 7.33 -20.76
CA SER A 120 31.23 6.61 -19.67
C SER A 120 30.99 7.40 -18.39
N PHE A 121 30.80 6.70 -17.27
CA PHE A 121 30.54 7.36 -16.01
C PHE A 121 30.90 6.45 -14.86
N ASN A 122 31.10 7.07 -13.69
CA ASN A 122 31.43 6.29 -12.48
C ASN A 122 30.14 5.72 -11.91
N MET A 123 30.22 4.52 -11.34
CA MET A 123 29.08 3.86 -10.74
C MET A 123 29.59 2.86 -9.71
N THR A 124 28.86 2.74 -8.60
CA THR A 124 29.26 1.81 -7.56
C THR A 124 29.13 0.38 -8.08
N THR A 125 29.59 -0.56 -7.26
CA THR A 125 29.59 -1.98 -7.58
C THR A 125 28.86 -2.73 -6.46
N GLU A 126 29.01 -4.07 -6.46
CA GLU A 126 28.38 -4.95 -5.48
C GLU A 126 28.51 -4.40 -4.06
N LEU A 127 29.67 -3.85 -3.74
CA LEU A 127 29.93 -3.26 -2.43
C LEU A 127 29.72 -1.76 -2.54
N ARG A 128 28.97 -1.18 -1.56
CA ARG A 128 28.63 0.27 -1.54
C ARG A 128 29.89 1.08 -1.20
N ASP A 129 31.01 0.44 -0.83
CA ASP A 129 32.25 1.14 -0.51
C ASP A 129 33.30 1.00 -1.60
N LYS A 130 32.88 0.92 -2.86
CA LYS A 130 33.82 0.79 -3.97
C LYS A 130 33.16 1.30 -5.24
N LYS A 131 33.98 1.54 -6.27
CA LYS A 131 33.47 2.06 -7.55
C LYS A 131 34.04 1.24 -8.71
N GLN A 132 33.30 1.18 -9.82
CA GLN A 132 33.66 0.44 -11.02
C GLN A 132 33.35 1.33 -12.23
N LYS A 133 34.35 1.57 -13.07
CA LYS A 133 34.18 2.41 -14.24
C LYS A 133 33.53 1.59 -15.35
N VAL A 134 32.38 2.06 -15.85
CA VAL A 134 31.64 1.37 -16.90
C VAL A 134 31.30 2.39 -17.99
N TYR A 135 31.03 1.86 -19.19
CA TYR A 135 30.69 2.67 -20.34
C TYR A 135 29.47 2.07 -21.04
N SER A 136 28.64 2.94 -21.61
CA SER A 136 27.44 2.52 -22.32
C SER A 136 27.12 3.57 -23.38
N LEU A 137 26.33 3.14 -24.37
CA LEU A 137 25.93 3.99 -25.47
C LEU A 137 24.52 4.52 -25.22
N PHE A 138 24.34 5.82 -25.40
CA PHE A 138 23.06 6.48 -25.19
C PHE A 138 22.77 7.39 -26.38
N TYR A 139 21.52 7.41 -26.81
CA TYR A 139 21.14 8.24 -27.94
C TYR A 139 21.12 9.71 -27.52
N ARG A 140 21.26 10.59 -28.53
CA ARG A 140 21.27 12.03 -28.25
C ARG A 140 20.00 12.49 -27.57
N LEU A 141 18.87 11.83 -27.86
CA LEU A 141 17.60 12.21 -27.24
C LEU A 141 17.53 11.86 -25.76
N ASP A 142 18.42 10.99 -25.26
CA ASP A 142 18.43 10.58 -23.87
C ASP A 142 19.45 11.33 -23.02
N VAL A 143 20.21 12.27 -23.60
CA VAL A 143 21.20 13.03 -22.86
C VAL A 143 21.12 14.50 -23.26
N VAL A 144 21.67 15.35 -22.40
CA VAL A 144 21.67 16.79 -22.62
C VAL A 144 22.97 17.35 -22.04
N GLN A 145 23.46 18.42 -22.65
CA GLN A 145 24.70 19.04 -22.18
C GLN A 145 24.50 19.63 -20.79
N ILE A 146 25.56 19.59 -20.00
CA ILE A 146 25.53 20.10 -18.64
C ILE A 146 25.27 21.60 -18.66
N SER A 157 28.73 22.92 -21.45
CA SER A 157 29.96 22.30 -21.93
C SER A 157 29.67 21.33 -23.07
N ASN A 158 30.71 20.97 -23.82
CA ASN A 158 30.58 20.05 -24.94
C ASN A 158 30.94 18.62 -24.59
N LYS A 159 31.72 18.40 -23.53
CA LYS A 159 32.13 17.06 -23.11
C LYS A 159 31.24 16.47 -22.04
N GLU A 160 30.88 17.25 -21.01
CA GLU A 160 30.02 16.74 -19.96
C GLU A 160 28.59 16.58 -20.45
N TYR A 161 27.90 15.57 -19.91
CA TYR A 161 26.52 15.29 -20.28
C TYR A 161 25.78 14.78 -19.06
N ARG A 162 24.45 14.95 -19.11
CA ARG A 162 23.55 14.53 -18.03
C ARG A 162 22.35 13.83 -18.63
N LEU A 163 21.89 12.78 -17.96
CA LEU A 163 20.73 12.04 -18.46
C LEU A 163 19.49 12.91 -18.39
N ILE A 164 18.66 12.81 -19.44
CA ILE A 164 17.43 13.60 -19.49
C ILE A 164 16.48 13.16 -18.38
N ASN A 165 15.63 14.09 -17.95
CA ASN A 165 14.61 13.92 -16.91
C ASN A 165 15.20 13.76 -15.51
N CYS A 166 16.52 13.84 -15.34
CA CYS A 166 17.09 13.71 -14.01
C CYS A 166 16.69 14.88 -13.12
N ASN A 167 16.42 16.05 -13.72
CA ASN A 167 16.02 17.23 -12.97
C ASN A 167 14.53 17.24 -12.64
N THR A 168 13.80 16.18 -12.96
CA THR A 168 12.37 16.09 -12.68
C THR A 168 12.00 14.90 -11.80
N SER A 169 12.62 13.73 -12.02
CA SER A 169 12.32 12.54 -11.22
C SER A 169 13.33 11.46 -11.59
N ALA A 170 13.19 10.31 -10.96
CA ALA A 170 14.04 9.15 -11.20
C ALA A 170 13.28 8.14 -12.03
N CYS A 171 13.86 7.72 -13.15
CA CYS A 171 13.22 6.77 -14.04
C CYS A 171 13.39 5.34 -13.54
N THR A 172 12.54 4.46 -14.06
CA THR A 172 12.53 3.04 -13.73
C THR A 172 12.72 2.24 -15.01
N GLN A 173 13.56 1.22 -14.94
CA GLN A 173 13.85 0.38 -16.09
C GLN A 173 12.72 -0.59 -16.36
N ALA A 174 12.50 -0.91 -17.64
CA ALA A 174 11.47 -1.89 -17.97
C ALA A 174 11.86 -3.17 -17.26
N CYS A 175 10.94 -3.72 -16.50
CA CYS A 175 11.32 -4.83 -15.67
C CYS A 175 11.51 -6.02 -16.64
N PRO A 176 12.68 -6.67 -16.67
CA PRO A 176 12.92 -7.71 -17.69
C PRO A 176 11.96 -8.89 -17.71
N LYS A 177 11.40 -9.33 -16.59
CA LYS A 177 10.53 -10.51 -16.63
C LYS A 177 9.32 -10.28 -17.52
N VAL A 178 8.70 -9.11 -17.44
CA VAL A 178 7.52 -8.81 -18.22
C VAL A 178 7.90 -8.21 -19.56
N SER A 179 7.01 -8.36 -20.55
CA SER A 179 7.18 -7.83 -21.89
C SER A 179 6.01 -6.93 -22.24
N PHE A 180 6.10 -6.30 -23.42
CA PHE A 180 5.08 -5.38 -23.90
C PHE A 180 4.24 -5.97 -25.02
N GLU A 181 4.00 -7.28 -25.01
CA GLU A 181 3.21 -7.91 -26.06
C GLU A 181 1.74 -7.48 -25.91
N PRO A 182 1.11 -6.86 -26.93
CA PRO A 182 -0.29 -6.48 -26.78
C PRO A 182 -1.25 -7.66 -26.80
N ILE A 183 -1.37 -8.35 -25.67
CA ILE A 183 -2.28 -9.50 -25.60
C ILE A 183 -3.71 -9.00 -25.67
N PRO A 184 -4.64 -9.71 -26.33
CA PRO A 184 -6.01 -9.22 -26.38
C PRO A 184 -6.64 -9.20 -24.99
N ILE A 185 -7.53 -8.23 -24.78
CA ILE A 185 -8.23 -8.05 -23.51
C ILE A 185 -9.72 -8.03 -23.80
N HIS A 186 -10.49 -8.80 -23.03
CA HIS A 186 -11.93 -8.89 -23.16
C HIS A 186 -12.59 -8.31 -21.91
N TYR A 187 -13.49 -7.35 -22.10
CA TYR A 187 -14.22 -6.72 -21.00
C TYR A 187 -15.62 -7.28 -20.93
N CYS A 188 -15.99 -7.74 -19.73
CA CYS A 188 -17.30 -8.32 -19.46
C CYS A 188 -17.96 -7.56 -18.33
N ALA A 189 -19.21 -7.16 -18.53
CA ALA A 189 -19.91 -6.43 -17.49
C ALA A 189 -20.31 -7.37 -16.36
N PRO A 190 -20.46 -6.85 -15.14
CA PRO A 190 -20.83 -7.72 -14.01
C PRO A 190 -22.32 -8.04 -14.07
N ALA A 191 -22.77 -8.83 -13.09
CA ALA A 191 -24.16 -9.23 -13.04
C ALA A 191 -25.06 -7.99 -12.84
N GLY A 192 -26.18 -7.97 -13.55
CA GLY A 192 -27.11 -6.87 -13.48
C GLY A 192 -26.96 -5.85 -14.58
N PHE A 193 -25.81 -5.82 -15.26
CA PHE A 193 -25.53 -4.90 -16.34
C PHE A 193 -25.46 -5.67 -17.66
N ALA A 194 -25.43 -4.91 -18.76
CA ALA A 194 -25.36 -5.49 -20.09
C ALA A 194 -24.61 -4.54 -21.01
N ILE A 195 -24.12 -5.08 -22.11
CA ILE A 195 -23.38 -4.33 -23.11
C ILE A 195 -24.07 -4.52 -24.46
N LEU A 196 -24.39 -3.41 -25.12
CA LEU A 196 -25.04 -3.41 -26.41
C LEU A 196 -24.01 -3.19 -27.51
N LYS A 197 -24.04 -4.04 -28.53
CA LYS A 197 -23.12 -3.98 -29.65
C LYS A 197 -23.88 -3.57 -30.90
N CYS A 198 -23.41 -2.53 -31.57
CA CYS A 198 -24.05 -2.03 -32.79
C CYS A 198 -23.57 -2.89 -33.96
N LYS A 199 -24.40 -3.85 -34.35
CA LYS A 199 -24.06 -4.75 -35.45
C LYS A 199 -24.30 -4.12 -36.82
N ASP A 200 -25.11 -3.06 -36.90
CA ASP A 200 -25.39 -2.42 -38.18
C ASP A 200 -24.13 -1.78 -38.75
N LYS A 201 -23.99 -1.88 -40.07
CA LYS A 201 -22.85 -1.31 -40.76
C LYS A 201 -23.10 0.17 -41.05
N LYS A 202 -22.08 0.83 -41.59
CA LYS A 202 -22.16 2.25 -41.94
C LYS A 202 -22.51 3.12 -40.73
N PHE A 203 -22.07 2.69 -39.54
CA PHE A 203 -22.32 3.44 -38.31
C PHE A 203 -21.40 4.64 -38.30
N ASN A 204 -21.96 5.85 -38.32
CA ASN A 204 -21.19 7.08 -38.35
C ASN A 204 -20.81 7.60 -36.96
N GLY A 205 -20.78 6.76 -35.94
CA GLY A 205 -20.39 7.18 -34.61
C GLY A 205 -21.49 7.61 -33.66
N THR A 206 -22.18 8.72 -33.97
CA THR A 206 -23.24 9.25 -33.13
C THR A 206 -24.56 9.21 -33.90
N GLY A 207 -25.39 8.21 -33.60
CA GLY A 207 -26.66 8.05 -34.25
C GLY A 207 -27.32 6.74 -33.89
N PRO A 208 -28.60 6.59 -34.25
CA PRO A 208 -29.30 5.34 -33.94
C PRO A 208 -28.72 4.17 -34.72
N CYS A 209 -28.74 3.00 -34.08
CA CYS A 209 -28.24 1.76 -34.67
C CYS A 209 -29.40 0.78 -34.80
N PRO A 210 -29.99 0.61 -35.98
CA PRO A 210 -31.13 -0.33 -36.08
C PRO A 210 -30.82 -1.77 -35.71
N SER A 211 -29.62 -2.27 -36.01
CA SER A 211 -29.23 -3.64 -35.71
C SER A 211 -28.31 -3.62 -34.48
N VAL A 212 -28.83 -4.10 -33.36
CA VAL A 212 -28.08 -4.14 -32.10
C VAL A 212 -28.06 -5.58 -31.58
N SER A 213 -26.97 -5.93 -30.91
CA SER A 213 -26.78 -7.24 -30.32
C SER A 213 -26.19 -7.07 -28.95
N THR A 214 -26.48 -8.03 -28.07
CA THR A 214 -25.99 -8.01 -26.69
C THR A 214 -25.07 -9.20 -26.45
N VAL A 215 -23.98 -8.95 -25.75
CA VAL A 215 -23.00 -9.99 -25.42
C VAL A 215 -22.37 -9.62 -24.09
N GLN A 216 -22.25 -10.60 -23.20
CA GLN A 216 -21.69 -10.35 -21.88
C GLN A 216 -20.19 -10.07 -21.90
N CYS A 217 -19.52 -10.26 -23.04
CA CYS A 217 -18.09 -10.04 -23.14
C CYS A 217 -17.77 -9.47 -24.50
N THR A 218 -17.02 -8.36 -24.54
CA THR A 218 -16.66 -7.75 -25.80
C THR A 218 -15.60 -8.57 -26.51
N HIS A 219 -15.44 -8.33 -27.81
CA HIS A 219 -14.46 -9.05 -28.61
C HIS A 219 -13.06 -8.61 -28.21
N GLY A 220 -12.06 -9.25 -28.82
CA GLY A 220 -10.67 -8.94 -28.53
C GLY A 220 -10.29 -7.50 -28.79
N ILE A 221 -9.65 -6.87 -27.80
CA ILE A 221 -9.21 -5.48 -27.89
C ILE A 221 -7.70 -5.47 -27.72
N LYS A 222 -7.01 -4.83 -28.67
CA LYS A 222 -5.55 -4.75 -28.64
C LYS A 222 -5.13 -3.49 -27.88
N PRO A 223 -4.40 -3.61 -26.75
CA PRO A 223 -3.99 -2.40 -26.03
C PRO A 223 -2.71 -1.77 -26.55
N VAL A 224 -2.32 -2.13 -27.78
CA VAL A 224 -1.10 -1.59 -28.37
C VAL A 224 -1.12 -0.07 -28.33
N VAL A 225 -0.04 0.51 -27.81
CA VAL A 225 0.09 1.96 -27.68
C VAL A 225 0.70 2.51 -28.96
N SER A 226 0.16 3.63 -29.43
CA SER A 226 0.64 4.25 -30.65
C SER A 226 0.09 5.68 -30.70
N THR A 227 0.61 6.45 -31.66
CA THR A 227 0.19 7.83 -31.85
C THR A 227 0.10 8.08 -33.34
N GLN A 228 -0.70 9.08 -33.72
CA GLN A 228 -0.92 9.44 -35.11
C GLN A 228 -1.62 8.31 -35.87
N LEU A 229 -0.92 7.20 -36.09
CA LEU A 229 -1.47 6.06 -36.80
C LEU A 229 -1.91 4.98 -35.82
N LEU A 230 -2.98 4.28 -36.21
CA LEU A 230 -3.55 3.19 -35.41
C LEU A 230 -3.06 1.87 -35.99
N LEU A 231 -2.40 1.06 -35.16
CA LEU A 231 -1.85 -0.22 -35.58
C LEU A 231 -2.53 -1.38 -34.86
N ASN A 232 -2.61 -2.51 -35.56
CA ASN A 232 -3.20 -3.75 -35.05
C ASN A 232 -4.59 -3.51 -34.47
N GLY A 233 -5.41 -2.80 -35.23
CA GLY A 233 -6.77 -2.48 -34.85
C GLY A 233 -7.78 -3.36 -35.56
N SER A 234 -9.01 -2.86 -35.65
CA SER A 234 -10.10 -3.56 -36.31
C SER A 234 -10.47 -2.83 -37.59
N LEU A 235 -10.57 -3.57 -38.69
CA LEU A 235 -10.91 -2.97 -39.97
C LEU A 235 -12.39 -2.58 -39.99
N ALA A 236 -12.74 -1.75 -40.96
CA ALA A 236 -14.12 -1.30 -41.12
C ALA A 236 -14.97 -2.43 -41.68
N GLU A 237 -16.25 -2.13 -41.95
CA GLU A 237 -17.15 -3.14 -42.48
C GLU A 237 -17.00 -3.29 -43.99
N GLU A 238 -17.37 -2.24 -44.75
CA GLU A 238 -17.28 -2.28 -46.20
C GLU A 238 -16.64 -1.04 -46.83
N GLU A 239 -16.59 0.10 -46.17
CA GLU A 239 -16.01 1.30 -46.74
C GLU A 239 -15.28 2.09 -45.66
N VAL A 240 -14.42 3.01 -46.12
CA VAL A 240 -13.66 3.84 -45.19
C VAL A 240 -14.63 4.65 -44.34
N MET A 241 -14.27 4.84 -43.08
CA MET A 241 -15.10 5.57 -42.13
C MET A 241 -14.41 6.85 -41.66
N ILE A 242 -15.24 7.83 -41.33
CA ILE A 242 -14.79 9.13 -40.83
C ILE A 242 -15.61 9.43 -39.59
N ARG A 243 -14.93 9.71 -38.47
CA ARG A 243 -15.60 10.00 -37.21
C ARG A 243 -15.01 11.24 -36.56
N SER A 244 -15.87 12.00 -35.89
CA SER A 244 -15.52 13.24 -35.20
C SER A 244 -16.76 13.67 -34.45
N GLU A 245 -16.57 14.51 -33.42
CA GLU A 245 -17.72 15.01 -32.67
C GLU A 245 -18.66 15.73 -33.63
N ASN A 246 -18.12 16.67 -34.39
CA ASN A 246 -18.88 17.38 -35.42
C ASN A 246 -17.84 18.05 -36.30
N ILE A 247 -17.78 17.63 -37.56
CA ILE A 247 -16.79 18.10 -38.54
C ILE A 247 -16.66 19.61 -38.59
N THR A 248 -17.72 20.35 -38.24
CA THR A 248 -17.66 21.81 -38.28
C THR A 248 -16.89 22.34 -37.06
N ASN A 249 -15.62 21.94 -36.98
CA ASN A 249 -14.74 22.35 -35.90
C ASN A 249 -13.30 22.11 -36.34
N ASN A 250 -12.37 22.70 -35.59
CA ASN A 250 -10.95 22.59 -35.87
C ASN A 250 -10.16 21.97 -34.72
N ALA A 251 -10.40 22.42 -33.49
CA ALA A 251 -9.67 21.87 -32.34
C ALA A 251 -9.94 20.39 -32.14
N LYS A 252 -11.21 19.98 -32.26
CA LYS A 252 -11.55 18.57 -32.07
C LYS A 252 -10.92 17.71 -33.16
N ASN A 253 -10.38 16.57 -32.74
CA ASN A 253 -9.73 15.66 -33.68
C ASN A 253 -10.75 14.92 -34.52
N ILE A 254 -10.26 14.31 -35.60
CA ILE A 254 -11.07 13.53 -36.53
C ILE A 254 -10.42 12.17 -36.69
N LEU A 255 -11.23 11.12 -36.53
CA LEU A 255 -10.75 9.74 -36.63
C LEU A 255 -11.16 9.14 -37.96
N VAL A 256 -10.25 8.38 -38.56
CA VAL A 256 -10.46 7.73 -39.85
C VAL A 256 -10.07 6.26 -39.71
N GLN A 257 -10.92 5.37 -40.22
CA GLN A 257 -10.70 3.94 -40.17
C GLN A 257 -10.67 3.39 -41.59
N PHE A 258 -9.61 2.64 -41.91
CA PHE A 258 -9.47 2.08 -43.24
C PHE A 258 -10.32 0.83 -43.40
N ASN A 259 -10.77 0.59 -44.64
CA ASN A 259 -11.56 -0.57 -44.97
C ASN A 259 -10.72 -1.79 -45.33
N THR A 260 -9.41 -1.60 -45.51
CA THR A 260 -8.48 -2.67 -45.84
C THR A 260 -7.19 -2.44 -45.08
N PRO A 261 -6.41 -3.49 -44.81
CA PRO A 261 -5.16 -3.30 -44.08
C PRO A 261 -4.02 -2.86 -44.97
N VAL A 262 -3.14 -2.05 -44.40
CA VAL A 262 -1.96 -1.52 -45.09
C VAL A 262 -0.74 -2.02 -44.34
N GLN A 263 -0.03 -2.98 -44.94
CA GLN A 263 1.15 -3.55 -44.30
C GLN A 263 2.23 -2.50 -44.10
N ILE A 264 2.95 -2.62 -42.98
CA ILE A 264 4.04 -1.70 -42.63
C ILE A 264 5.11 -2.50 -41.90
N ASN A 265 6.36 -2.22 -42.25
CA ASN A 265 7.52 -2.89 -41.66
C ASN A 265 8.41 -1.86 -40.96
N CYS A 266 9.01 -2.28 -39.86
CA CYS A 266 9.90 -1.41 -39.08
C CYS A 266 10.94 -2.28 -38.41
N THR A 267 12.21 -1.86 -38.48
CA THR A 267 13.29 -2.61 -37.88
C THR A 267 14.57 -1.80 -37.94
N ARG A 268 15.44 -2.00 -36.95
CA ARG A 268 16.72 -1.32 -36.87
C ARG A 268 17.81 -2.34 -37.18
N PRO A 269 18.66 -2.14 -38.20
CA PRO A 269 19.68 -3.16 -38.48
C PRO A 269 20.69 -3.35 -37.35
N ASN A 270 20.90 -2.35 -36.52
CA ASN A 270 21.86 -2.46 -35.43
C ASN A 270 21.29 -3.29 -34.29
N ASN A 271 22.01 -4.35 -33.90
CA ASN A 271 21.61 -5.21 -32.79
C ASN A 271 22.56 -4.93 -31.64
N ASN A 272 22.05 -4.24 -30.63
CA ASN A 272 22.84 -3.86 -29.47
C ASN A 272 23.25 -5.08 -28.65
N THR A 273 24.31 -4.89 -27.86
CA THR A 273 24.87 -5.90 -26.97
C THR A 273 24.59 -5.47 -25.54
N ARG A 274 23.95 -6.35 -24.78
CA ARG A 274 23.60 -6.06 -23.40
C ARG A 274 24.75 -6.39 -22.46
N LYS A 275 25.01 -5.48 -21.51
CA LYS A 275 26.06 -5.63 -20.52
C LYS A 275 25.41 -5.66 -19.14
N SER A 276 25.78 -6.65 -18.33
CA SER A 276 25.24 -6.80 -16.98
C SER A 276 26.09 -6.00 -16.01
N ILE A 277 25.56 -4.87 -15.54
CA ILE A 277 26.22 -3.99 -14.59
C ILE A 277 25.36 -3.93 -13.34
N ARG A 278 25.96 -4.22 -12.19
CA ARG A 278 25.26 -4.22 -10.91
C ARG A 278 25.51 -2.91 -10.19
N ILE A 279 24.42 -2.20 -9.85
CA ILE A 279 24.51 -0.94 -9.14
C ILE A 279 24.29 -1.10 -7.64
N GLY A 280 23.81 -2.26 -7.19
CA GLY A 280 23.58 -2.50 -5.79
C GLY A 280 23.29 -3.96 -5.53
N PRO A 281 23.04 -4.31 -4.27
CA PRO A 281 22.74 -5.71 -3.95
C PRO A 281 21.45 -6.19 -4.60
N GLY A 282 21.55 -7.15 -5.51
CA GLY A 282 20.38 -7.66 -6.18
C GLY A 282 19.78 -6.73 -7.20
N GLN A 283 20.52 -5.69 -7.61
CA GLN A 283 20.05 -4.70 -8.57
C GLN A 283 21.07 -4.58 -9.69
N ALA A 284 20.58 -4.47 -10.93
CA ALA A 284 21.45 -4.36 -12.08
C ALA A 284 20.65 -3.82 -13.26
N PHE A 285 21.29 -2.97 -14.07
CA PHE A 285 20.67 -2.37 -15.24
C PHE A 285 21.39 -2.86 -16.48
N TYR A 286 20.63 -3.05 -17.55
CA TYR A 286 21.17 -3.53 -18.83
C TYR A 286 21.44 -2.32 -19.72
N ALA A 287 22.72 -2.01 -19.91
CA ALA A 287 23.15 -0.90 -20.74
C ALA A 287 23.46 -1.37 -22.15
N THR A 288 23.58 -0.40 -23.06
CA THR A 288 23.86 -0.71 -24.46
C THR A 288 25.37 -0.85 -24.66
N GLY A 289 25.79 -2.01 -25.17
CA GLY A 289 27.19 -2.28 -25.41
C GLY A 289 27.64 -1.76 -26.77
N ASP A 290 28.84 -2.18 -27.15
CA ASP A 290 29.38 -1.76 -28.44
C ASP A 290 28.54 -2.31 -29.59
N ILE A 291 28.51 -1.56 -30.68
CA ILE A 291 27.74 -1.95 -31.86
C ILE A 291 28.58 -2.90 -32.71
N ILE A 292 27.91 -3.87 -33.33
CA ILE A 292 28.56 -4.85 -34.20
C ILE A 292 28.21 -4.48 -35.63
N GLY A 293 29.23 -4.28 -36.45
CA GLY A 293 29.03 -3.93 -37.85
C GLY A 293 28.98 -2.43 -38.08
N ASP A 294 28.16 -2.01 -39.04
CA ASP A 294 28.00 -0.61 -39.39
C ASP A 294 26.73 -0.05 -38.76
N ILE A 295 26.76 1.26 -38.47
CA ILE A 295 25.63 1.95 -37.86
C ILE A 295 24.78 2.56 -38.96
N ARG A 296 23.50 2.18 -38.99
CA ARG A 296 22.54 2.68 -39.96
C ARG A 296 21.28 3.11 -39.21
N GLN A 297 20.74 4.26 -39.61
CA GLN A 297 19.55 4.78 -38.96
C GLN A 297 18.34 3.87 -39.18
N ALA A 298 17.50 3.78 -38.16
CA ALA A 298 16.30 2.95 -38.26
C ALA A 298 15.32 3.59 -39.23
N HIS A 299 14.47 2.74 -39.82
CA HIS A 299 13.49 3.23 -40.78
C HIS A 299 12.33 2.24 -40.86
N CYS A 300 11.30 2.66 -41.60
CA CYS A 300 10.11 1.86 -41.82
C CYS A 300 9.76 1.88 -43.30
N ASN A 301 9.05 0.85 -43.74
CA ASN A 301 8.64 0.71 -45.14
C ASN A 301 7.15 0.43 -45.24
N VAL A 302 6.55 0.95 -46.31
CA VAL A 302 5.13 0.78 -46.58
C VAL A 302 4.95 0.78 -48.09
N SER A 303 4.07 -0.09 -48.58
CA SER A 303 3.81 -0.17 -50.01
C SER A 303 3.18 1.13 -50.50
N LYS A 304 3.82 1.77 -51.48
CA LYS A 304 3.33 3.04 -52.00
C LYS A 304 1.96 2.89 -52.66
N ALA A 305 1.75 1.81 -53.41
CA ALA A 305 0.48 1.61 -54.09
C ALA A 305 -0.67 1.47 -53.10
N THR A 306 -0.48 0.65 -52.06
CA THR A 306 -1.54 0.46 -51.07
C THR A 306 -1.83 1.75 -50.33
N TRP A 307 -0.78 2.50 -49.94
CA TRP A 307 -0.99 3.74 -49.23
C TRP A 307 -1.72 4.75 -50.11
N ASN A 308 -1.35 4.82 -51.39
CA ASN A 308 -2.01 5.74 -52.31
C ASN A 308 -3.48 5.39 -52.46
N GLU A 309 -3.78 4.09 -52.60
CA GLU A 309 -5.17 3.68 -52.74
C GLU A 309 -5.96 4.00 -51.47
N THR A 310 -5.35 3.78 -50.30
CA THR A 310 -6.03 4.07 -49.04
C THR A 310 -6.33 5.57 -48.94
N LEU A 311 -5.35 6.41 -49.30
CA LEU A 311 -5.60 7.85 -49.24
C LEU A 311 -6.67 8.25 -50.24
N GLY A 312 -6.69 7.60 -51.41
CA GLY A 312 -7.72 7.91 -52.38
C GLY A 312 -9.10 7.61 -51.84
N LYS A 313 -9.24 6.45 -51.19
CA LYS A 313 -10.53 6.09 -50.60
C LYS A 313 -10.90 7.05 -49.48
N VAL A 314 -9.92 7.45 -48.67
CA VAL A 314 -10.19 8.36 -47.56
C VAL A 314 -10.68 9.71 -48.09
N VAL A 315 -10.00 10.25 -49.10
CA VAL A 315 -10.44 11.53 -49.64
C VAL A 315 -11.78 11.39 -50.32
N LYS A 316 -12.04 10.24 -50.96
CA LYS A 316 -13.33 10.03 -51.61
C LYS A 316 -14.45 10.08 -50.58
N GLN A 317 -14.24 9.44 -49.43
CA GLN A 317 -15.27 9.47 -48.38
C GLN A 317 -15.38 10.86 -47.77
N LEU A 318 -14.25 11.56 -47.63
CA LEU A 318 -14.30 12.90 -47.07
C LEU A 318 -15.06 13.86 -47.97
N ARG A 319 -14.98 13.65 -49.29
CA ARG A 319 -15.69 14.51 -50.23
C ARG A 319 -17.18 14.47 -50.01
N LYS A 320 -17.71 13.36 -49.47
CA LYS A 320 -19.14 13.27 -49.23
C LYS A 320 -19.60 14.35 -48.25
N HIS A 321 -18.79 14.63 -47.23
CA HIS A 321 -19.12 15.63 -46.23
C HIS A 321 -18.62 17.02 -46.63
N PHE A 322 -17.48 17.11 -47.30
CA PHE A 322 -16.91 18.38 -47.73
C PHE A 322 -17.28 18.74 -49.16
N GLY A 323 -18.07 17.93 -49.85
CA GLY A 323 -18.48 18.22 -51.21
C GLY A 323 -17.43 17.78 -52.23
N ASN A 324 -17.83 17.87 -53.50
CA ASN A 324 -16.99 17.50 -54.61
C ASN A 324 -16.20 18.72 -55.10
N ASN A 325 -15.40 18.51 -56.15
CA ASN A 325 -14.56 19.54 -56.77
C ASN A 325 -13.78 20.36 -55.73
N THR A 326 -13.39 19.71 -54.63
CA THR A 326 -12.65 20.32 -53.54
C THR A 326 -11.23 19.78 -53.54
N ILE A 327 -10.29 20.61 -53.09
CA ILE A 327 -8.88 20.25 -53.01
C ILE A 327 -8.59 19.80 -51.59
N ILE A 328 -8.08 18.57 -51.44
CA ILE A 328 -7.74 17.99 -50.16
C ILE A 328 -6.24 17.80 -50.13
N ARG A 329 -5.57 18.41 -49.16
CA ARG A 329 -4.13 18.33 -49.00
C ARG A 329 -3.78 17.76 -47.63
N PHE A 330 -2.60 17.17 -47.55
CA PHE A 330 -2.08 16.57 -46.32
C PHE A 330 -0.73 17.20 -46.00
N ALA A 331 -0.53 17.52 -44.72
CA ALA A 331 0.71 18.12 -44.25
C ALA A 331 1.15 17.41 -42.97
N ASN A 332 2.45 17.45 -42.72
CA ASN A 332 3.02 16.82 -41.54
C ASN A 332 2.61 17.60 -40.28
N SER A 333 3.10 17.14 -39.13
CA SER A 333 2.79 17.79 -37.87
C SER A 333 3.35 19.21 -37.85
N SER A 334 2.63 20.10 -37.16
CA SER A 334 3.05 21.50 -37.08
C SER A 334 4.20 21.67 -36.09
N GLY A 335 4.00 21.26 -34.85
CA GLY A 335 5.05 21.40 -33.86
C GLY A 335 4.61 20.81 -32.53
N GLY A 336 5.53 20.86 -31.57
CA GLY A 336 5.32 20.36 -30.23
C GLY A 336 6.42 19.40 -29.85
N ASP A 337 6.19 18.65 -28.77
CA ASP A 337 7.17 17.69 -28.31
C ASP A 337 7.33 16.56 -29.32
N LEU A 338 8.33 15.71 -29.08
CA LEU A 338 8.60 14.60 -29.98
C LEU A 338 7.49 13.54 -29.93
N GLU A 339 6.81 13.41 -28.79
CA GLU A 339 5.76 12.40 -28.68
C GLU A 339 4.58 12.71 -29.61
N VAL A 340 4.20 13.98 -29.71
CA VAL A 340 3.06 14.34 -30.57
C VAL A 340 3.47 14.59 -32.01
N THR A 341 4.71 15.01 -32.26
CA THR A 341 5.18 15.29 -33.61
C THR A 341 5.78 14.09 -34.33
N THR A 342 5.76 12.90 -33.72
CA THR A 342 6.33 11.71 -34.32
C THR A 342 5.42 10.51 -34.05
N HIS A 343 5.71 9.42 -34.76
CA HIS A 343 4.96 8.18 -34.65
C HIS A 343 5.67 7.24 -33.69
N SER A 344 4.94 6.76 -32.68
CA SER A 344 5.48 5.85 -31.68
C SER A 344 5.16 4.40 -32.01
N PHE A 345 5.88 3.49 -31.36
CA PHE A 345 5.71 2.06 -31.55
C PHE A 345 5.92 1.36 -30.22
N ASN A 346 5.56 0.07 -30.18
CA ASN A 346 5.71 -0.73 -28.97
C ASN A 346 5.91 -2.18 -29.41
N CYS A 347 7.16 -2.63 -29.45
CA CYS A 347 7.44 -4.00 -29.86
C CYS A 347 8.88 -4.36 -29.54
N GLY A 348 9.07 -5.55 -28.99
CA GLY A 348 10.40 -6.02 -28.64
C GLY A 348 11.12 -5.19 -27.60
N GLY A 349 10.41 -4.35 -26.85
CA GLY A 349 11.01 -3.52 -25.84
C GLY A 349 11.61 -2.23 -26.36
N GLU A 350 11.78 -2.09 -27.68
CA GLU A 350 12.34 -0.89 -28.27
C GLU A 350 11.22 0.09 -28.59
N PHE A 351 11.42 1.35 -28.19
CA PHE A 351 10.45 2.41 -28.43
C PHE A 351 10.99 3.29 -29.55
N PHE A 352 10.19 3.44 -30.60
CA PHE A 352 10.56 4.21 -31.77
C PHE A 352 9.84 5.57 -31.80
N TYR A 353 10.38 6.46 -32.62
CA TYR A 353 9.83 7.80 -32.83
C TYR A 353 10.18 8.16 -34.27
N CYS A 354 9.27 7.87 -35.19
CA CYS A 354 9.49 8.10 -36.60
C CYS A 354 8.85 9.40 -37.10
N ASN A 355 9.48 9.97 -38.11
CA ASN A 355 9.04 11.21 -38.76
C ASN A 355 8.24 10.76 -39.98
N THR A 356 6.91 10.78 -39.85
CA THR A 356 5.99 10.36 -40.91
C THR A 356 5.61 11.48 -41.86
N SER A 357 6.47 12.48 -42.04
CA SER A 357 6.14 13.57 -42.95
C SER A 357 5.97 13.11 -44.38
N GLY A 358 6.55 11.97 -44.75
CA GLY A 358 6.44 11.48 -46.12
C GLY A 358 5.09 10.89 -46.46
N LEU A 359 4.34 10.43 -45.47
CA LEU A 359 3.02 9.83 -45.72
C LEU A 359 1.88 10.84 -45.73
N PHE A 360 2.16 12.10 -45.41
CA PHE A 360 1.16 13.17 -45.40
C PHE A 360 1.69 14.37 -46.18
N ASN A 361 2.21 14.09 -47.37
CA ASN A 361 2.80 15.08 -48.27
C ASN A 361 2.28 14.88 -49.68
N SER A 362 0.96 14.76 -49.82
CA SER A 362 0.32 14.56 -51.12
C SER A 362 -0.87 15.49 -51.26
N THR A 363 -1.21 15.78 -52.51
CA THR A 363 -2.32 16.65 -52.86
C THR A 363 -3.21 15.95 -53.88
N TRP A 364 -4.50 16.29 -53.86
CA TRP A 364 -5.48 15.70 -54.77
C TRP A 364 -6.18 16.79 -55.55
N ILE A 365 -6.52 16.48 -56.80
CA ILE A 365 -7.19 17.40 -57.71
C ILE A 365 -8.62 16.91 -57.92
N SER A 366 -9.54 17.86 -58.07
CA SER A 366 -10.95 17.56 -58.29
C SER A 366 -11.51 16.70 -57.15
N ASP A 380 9.33 1.75 -55.68
CA ASP A 380 8.15 0.94 -55.44
C ASP A 380 7.77 0.91 -53.95
N SER A 381 8.51 1.64 -53.12
CA SER A 381 8.23 1.68 -51.69
C SER A 381 8.69 3.02 -51.15
N ILE A 382 8.15 3.38 -49.98
CA ILE A 382 8.46 4.63 -49.30
C ILE A 382 9.20 4.31 -48.01
N THR A 383 10.28 5.02 -47.75
CA THR A 383 11.10 4.84 -46.55
C THR A 383 10.97 6.07 -45.67
N LEU A 384 10.70 5.85 -44.38
CA LEU A 384 10.52 6.93 -43.41
C LEU A 384 11.67 6.92 -42.41
N PRO A 385 12.44 7.99 -42.22
CA PRO A 385 13.50 7.95 -41.21
C PRO A 385 12.90 7.82 -39.82
N CYS A 386 13.65 7.19 -38.92
CA CYS A 386 13.18 7.00 -37.55
C CYS A 386 14.35 7.10 -36.58
N ARG A 387 14.01 7.39 -35.32
CA ARG A 387 14.99 7.54 -34.25
C ARG A 387 14.54 6.70 -33.06
N ILE A 388 15.49 6.41 -32.17
CA ILE A 388 15.25 5.61 -30.98
C ILE A 388 15.43 6.48 -29.74
N LYS A 389 14.67 6.15 -28.69
CA LYS A 389 14.73 6.88 -27.44
C LYS A 389 14.39 5.91 -26.32
N GLN A 390 15.19 5.91 -25.25
CA GLN A 390 14.96 5.03 -24.11
C GLN A 390 14.07 5.68 -23.06
N ILE A 391 14.49 6.83 -22.54
CA ILE A 391 13.68 7.53 -21.55
C ILE A 391 12.44 8.06 -22.26
N ILE A 392 11.26 7.63 -21.81
CA ILE A 392 10.00 8.02 -22.44
C ILE A 392 8.95 8.32 -21.38
N ASN A 393 8.16 9.36 -21.64
CA ASN A 393 7.04 9.75 -20.78
C ASN A 393 5.80 9.22 -21.48
N MET A 394 5.55 7.93 -21.28
CA MET A 394 4.44 7.22 -21.91
C MET A 394 3.11 7.97 -21.87
N TRP A 395 2.60 8.23 -20.67
CA TRP A 395 1.32 8.92 -20.50
C TRP A 395 1.49 10.40 -20.24
N GLN A 396 2.54 11.02 -20.81
CA GLN A 396 2.86 12.44 -20.65
C GLN A 396 2.70 12.91 -19.21
N ARG A 397 3.06 12.07 -18.26
CA ARG A 397 2.97 12.39 -16.84
C ARG A 397 4.33 12.92 -16.38
N ILE A 398 4.35 14.17 -15.91
CA ILE A 398 5.60 14.77 -15.45
C ILE A 398 6.02 14.09 -14.16
N GLY A 399 7.25 13.58 -14.15
CA GLY A 399 7.79 12.91 -12.99
C GLY A 399 7.60 11.41 -12.94
N GLN A 400 7.26 10.78 -14.06
CA GLN A 400 7.05 9.34 -14.14
C GLN A 400 7.76 8.74 -15.35
N CYS A 401 9.02 9.12 -15.55
CA CYS A 401 9.78 8.62 -16.67
C CYS A 401 10.10 7.14 -16.48
N MET A 402 10.30 6.45 -17.60
CA MET A 402 10.60 5.02 -17.62
C MET A 402 11.75 4.78 -18.59
N TYR A 403 12.66 3.88 -18.21
CA TYR A 403 13.84 3.54 -19.00
C TYR A 403 13.63 2.21 -19.72
N ALA A 404 13.86 2.20 -21.02
CA ALA A 404 13.68 1.01 -21.84
C ALA A 404 15.02 0.33 -22.08
N PRO A 405 15.26 -0.90 -21.61
CA PRO A 405 16.54 -1.54 -21.86
C PRO A 405 16.59 -2.13 -23.26
N PRO A 406 17.78 -2.27 -23.86
CA PRO A 406 17.84 -2.83 -25.22
C PRO A 406 17.50 -4.32 -25.25
N ILE A 407 17.52 -4.91 -26.44
CA ILE A 407 17.24 -6.33 -26.63
C ILE A 407 18.26 -6.90 -27.60
N GLN A 408 18.73 -8.11 -27.32
CA GLN A 408 19.72 -8.76 -28.16
C GLN A 408 19.16 -9.07 -29.54
N GLY A 409 20.06 -9.06 -30.54
CA GLY A 409 19.69 -9.37 -31.91
C GLY A 409 18.79 -8.33 -32.54
N VAL A 410 18.72 -8.34 -33.88
CA VAL A 410 17.88 -7.39 -34.59
C VAL A 410 16.42 -7.65 -34.22
N ILE A 411 15.60 -6.61 -34.31
CA ILE A 411 14.18 -6.68 -33.98
C ILE A 411 13.37 -6.25 -35.19
N ARG A 412 12.40 -7.07 -35.57
CA ARG A 412 11.51 -6.79 -36.68
C ARG A 412 10.08 -6.86 -36.17
N CYS A 413 9.28 -5.85 -36.48
CA CYS A 413 7.89 -5.75 -36.04
C CYS A 413 6.99 -5.60 -37.26
N VAL A 414 6.42 -6.70 -37.70
CA VAL A 414 5.52 -6.70 -38.85
C VAL A 414 4.11 -6.41 -38.36
N SER A 415 3.45 -5.44 -38.99
CA SER A 415 2.10 -5.05 -38.61
C SER A 415 1.50 -4.25 -39.75
N ASN A 416 0.21 -3.93 -39.62
CA ASN A 416 -0.50 -3.17 -40.63
C ASN A 416 -1.33 -2.07 -39.97
N ILE A 417 -1.38 -0.92 -40.64
CA ILE A 417 -2.15 0.21 -40.13
C ILE A 417 -3.63 -0.03 -40.36
N THR A 418 -4.46 0.53 -39.47
CA THR A 418 -5.91 0.40 -39.56
C THR A 418 -6.66 1.71 -39.48
N GLY A 419 -6.08 2.75 -38.89
CA GLY A 419 -6.77 4.03 -38.80
C GLY A 419 -5.78 5.16 -38.65
N LEU A 420 -6.32 6.37 -38.54
CA LEU A 420 -5.51 7.58 -38.41
C LEU A 420 -6.17 8.55 -37.45
N ILE A 421 -5.38 9.51 -36.97
CA ILE A 421 -5.83 10.55 -36.05
C ILE A 421 -5.30 11.85 -36.64
N LEU A 422 -6.13 12.55 -37.40
CA LEU A 422 -5.76 13.80 -38.05
C LEU A 422 -6.43 14.98 -37.36
N THR A 423 -6.05 16.18 -37.79
CA THR A 423 -6.57 17.43 -37.27
C THR A 423 -6.86 18.34 -38.46
N ARG A 424 -8.03 18.96 -38.47
CA ARG A 424 -8.43 19.85 -39.56
C ARG A 424 -8.04 21.29 -39.26
N ASP A 425 -7.45 21.94 -40.27
CA ASP A 425 -7.02 23.32 -40.18
C ASP A 425 -7.45 24.05 -41.45
N GLY A 426 -7.60 25.36 -41.35
CA GLY A 426 -8.01 26.15 -42.49
C GLY A 426 -8.47 27.53 -42.08
N GLY A 427 -8.79 28.32 -43.09
CA GLY A 427 -9.25 29.69 -42.90
C GLY A 427 -10.76 29.77 -42.84
N SER A 428 -11.26 30.98 -43.11
CA SER A 428 -12.70 31.24 -43.09
C SER A 428 -13.34 30.96 -44.45
N THR A 429 -13.10 29.76 -44.97
CA THR A 429 -13.63 29.33 -46.26
C THR A 429 -13.23 30.25 -47.41
N ASN A 430 -12.14 31.01 -47.25
CA ASN A 430 -11.70 31.90 -48.32
C ASN A 430 -11.22 31.13 -49.55
N SER A 431 -10.83 29.87 -49.37
CA SER A 431 -10.35 29.03 -50.46
C SER A 431 -11.03 27.67 -50.36
N THR A 432 -11.08 26.97 -51.50
CA THR A 432 -11.69 25.65 -51.60
C THR A 432 -10.70 24.53 -51.36
N THR A 433 -9.66 24.77 -50.57
CA THR A 433 -8.63 23.78 -50.26
C THR A 433 -8.71 23.40 -48.79
N GLU A 434 -8.79 22.09 -48.53
CA GLU A 434 -8.87 21.55 -47.18
C GLU A 434 -7.53 20.90 -46.83
N THR A 435 -7.01 21.22 -45.66
CA THR A 435 -5.73 20.70 -45.18
C THR A 435 -5.93 19.98 -43.86
N PHE A 436 -5.24 18.86 -43.71
CA PHE A 436 -5.28 18.04 -42.50
C PHE A 436 -3.86 17.70 -42.07
N ARG A 437 -3.67 17.52 -40.77
CA ARG A 437 -2.38 17.18 -40.20
C ARG A 437 -2.55 16.08 -39.16
N PRO A 438 -1.55 15.21 -38.99
CA PRO A 438 -1.69 14.15 -37.97
C PRO A 438 -1.78 14.74 -36.58
N GLY A 439 -2.53 14.06 -35.71
CA GLY A 439 -2.74 14.47 -34.34
C GLY A 439 -2.07 13.52 -33.36
N GLY A 440 -2.20 13.87 -32.09
CA GLY A 440 -1.62 13.05 -31.04
C GLY A 440 -1.95 13.64 -29.68
N GLY A 441 -1.28 13.10 -28.67
CA GLY A 441 -1.50 13.57 -27.30
C GLY A 441 -2.69 12.92 -26.63
N ASP A 442 -3.86 12.98 -27.27
CA ASP A 442 -5.06 12.38 -26.71
C ASP A 442 -4.97 10.87 -26.81
N MET A 443 -4.34 10.22 -25.83
CA MET A 443 -4.20 8.78 -25.85
C MET A 443 -5.55 8.08 -25.90
N ARG A 444 -6.58 8.69 -25.33
CA ARG A 444 -7.91 8.07 -25.35
C ARG A 444 -8.44 7.94 -26.78
N ASP A 445 -8.09 8.88 -27.66
CA ASP A 445 -8.57 8.80 -29.04
C ASP A 445 -8.01 7.59 -29.76
N ASN A 446 -6.83 7.11 -29.35
CA ASN A 446 -6.23 5.95 -29.99
C ASN A 446 -7.12 4.72 -29.83
N TRP A 447 -7.64 4.51 -28.63
CA TRP A 447 -8.48 3.38 -28.31
C TRP A 447 -9.97 3.68 -28.49
N ARG A 448 -10.33 4.94 -28.73
CA ARG A 448 -11.73 5.27 -28.91
C ARG A 448 -12.28 4.69 -30.22
N SER A 449 -11.42 4.41 -31.19
CA SER A 449 -11.85 3.84 -32.46
C SER A 449 -12.18 2.37 -32.37
N GLU A 450 -11.94 1.73 -31.22
CA GLU A 450 -12.22 0.32 -31.03
C GLU A 450 -13.39 0.05 -30.08
N LEU A 451 -13.60 0.91 -29.09
CA LEU A 451 -14.69 0.76 -28.14
C LEU A 451 -15.98 1.42 -28.60
N TYR A 452 -15.99 2.07 -29.75
CA TYR A 452 -17.20 2.73 -30.24
C TYR A 452 -18.31 1.74 -30.54
N LYS A 453 -17.98 0.45 -30.69
CA LYS A 453 -18.97 -0.57 -30.99
C LYS A 453 -19.66 -1.14 -29.75
N TYR A 454 -19.38 -0.61 -28.56
CA TYR A 454 -19.98 -1.11 -27.33
C TYR A 454 -20.45 0.05 -26.45
N LYS A 455 -21.45 -0.25 -25.62
CA LYS A 455 -22.03 0.71 -24.70
C LYS A 455 -22.60 -0.04 -23.52
N VAL A 456 -22.20 0.33 -22.31
CA VAL A 456 -22.68 -0.32 -21.10
C VAL A 456 -24.01 0.28 -20.67
N VAL A 457 -24.92 -0.58 -20.22
CA VAL A 457 -26.25 -0.16 -19.78
C VAL A 457 -26.61 -0.90 -18.50
N LYS A 458 -27.51 -0.30 -17.72
CA LYS A 458 -27.97 -0.85 -16.45
C LYS A 458 -29.37 -1.42 -16.67
N ILE A 459 -29.55 -2.68 -16.32
CA ILE A 459 -30.83 -3.35 -16.48
C ILE A 459 -31.79 -2.89 -15.39
N GLU A 460 -33.08 -2.85 -15.72
CA GLU A 460 -34.15 -2.45 -14.83
C GLU A 460 -35.16 -3.59 -14.81
N PRO A 461 -34.92 -4.65 -14.03
CA PRO A 461 -35.87 -5.78 -14.02
C PRO A 461 -37.24 -5.46 -13.45
N LEU A 462 -37.43 -4.30 -12.83
CA LEU A 462 -38.72 -3.94 -12.26
C LEU A 462 -39.55 -3.16 -13.28
N GLY A 463 -40.81 -3.56 -13.44
CA GLY A 463 -41.70 -2.91 -14.38
C GLY A 463 -43.13 -3.06 -13.91
N VAL A 464 -44.00 -2.21 -14.46
CA VAL A 464 -45.42 -2.21 -14.12
C VAL A 464 -46.24 -2.04 -15.38
N ALA A 465 -47.45 -2.59 -15.35
CA ALA A 465 -48.37 -2.51 -16.48
C ALA A 465 -49.79 -2.73 -15.96
N PRO A 466 -50.80 -2.29 -16.71
CA PRO A 466 -52.18 -2.46 -16.26
C PRO A 466 -52.80 -3.78 -16.72
N THR A 467 -53.66 -4.32 -15.86
CA THR A 467 -54.36 -5.57 -16.15
C THR A 467 -55.60 -5.63 -15.27
N ARG A 468 -56.61 -6.35 -15.75
CA ARG A 468 -57.87 -6.52 -15.02
C ARG A 468 -57.79 -7.67 -14.02
N CYS A 469 -56.79 -7.62 -13.14
CA CYS A 469 -56.56 -8.64 -12.12
C CYS A 469 -56.64 -8.00 -10.74
N LYS A 470 -57.31 -8.69 -9.82
CA LYS A 470 -57.48 -8.22 -8.44
C LYS A 470 -57.16 -9.36 -7.50
N ARG A 471 -56.34 -9.08 -6.48
CA ARG A 471 -55.97 -10.10 -5.52
C ARG A 471 -57.18 -10.49 -4.66
N ARG A 472 -57.30 -11.78 -4.40
CA ARG A 472 -58.39 -12.33 -3.60
C ARG A 472 -57.90 -12.65 -2.19
N VAL A 473 -58.86 -12.83 -1.29
CA VAL A 473 -58.55 -13.14 0.11
C VAL A 473 -58.35 -14.65 0.25
N ASN B 3 -48.88 -42.71 -10.21
CA ASN B 3 -47.74 -41.93 -10.78
C ASN B 3 -46.92 -41.31 -9.66
N LEU B 4 -45.82 -40.65 -10.04
CA LEU B 4 -44.93 -40.00 -9.09
C LEU B 4 -44.60 -38.60 -9.60
N TRP B 5 -44.28 -37.72 -8.65
CA TRP B 5 -43.95 -36.33 -8.94
C TRP B 5 -42.68 -35.94 -8.22
N VAL B 6 -41.92 -35.02 -8.84
CA VAL B 6 -40.66 -34.57 -8.27
C VAL B 6 -40.93 -33.49 -7.21
N THR B 7 -39.94 -33.27 -6.35
CA THR B 7 -40.00 -32.28 -5.29
C THR B 7 -38.63 -31.65 -5.15
N VAL B 8 -38.59 -30.48 -4.51
CA VAL B 8 -37.36 -29.73 -4.27
C VAL B 8 -37.14 -29.66 -2.76
N TYR B 9 -35.95 -30.05 -2.33
CA TYR B 9 -35.57 -30.03 -0.92
C TYR B 9 -34.46 -29.02 -0.72
N TYR B 10 -34.57 -28.22 0.33
CA TYR B 10 -33.61 -27.19 0.67
C TYR B 10 -32.89 -27.55 1.96
N GLY B 11 -31.57 -27.41 1.97
CA GLY B 11 -30.79 -27.72 3.16
C GLY B 11 -30.44 -29.18 3.33
N VAL B 12 -30.38 -29.94 2.24
CA VAL B 12 -30.03 -31.36 2.31
C VAL B 12 -28.54 -31.51 2.58
N PRO B 13 -28.09 -32.57 3.25
CA PRO B 13 -26.66 -32.74 3.51
C PRO B 13 -25.95 -33.34 2.31
N VAL B 14 -25.14 -32.54 1.64
CA VAL B 14 -24.38 -32.96 0.46
C VAL B 14 -23.08 -32.18 0.44
N TRP B 15 -22.02 -32.83 -0.03
CA TRP B 15 -20.71 -32.19 -0.11
C TRP B 15 -19.98 -32.68 -1.35
N LYS B 16 -19.06 -31.85 -1.84
CA LYS B 16 -18.26 -32.17 -3.01
C LYS B 16 -16.91 -31.49 -2.87
N ASP B 17 -15.90 -32.09 -3.51
CA ASP B 17 -14.55 -31.53 -3.44
C ASP B 17 -14.49 -30.21 -4.22
N ALA B 18 -13.96 -29.18 -3.57
CA ALA B 18 -13.83 -27.86 -4.20
C ALA B 18 -13.00 -26.96 -3.30
N GLU B 19 -12.18 -26.13 -3.92
CA GLU B 19 -11.33 -25.21 -3.18
C GLU B 19 -12.11 -23.97 -2.75
N THR B 20 -11.67 -23.36 -1.66
CA THR B 20 -12.32 -22.16 -1.15
C THR B 20 -11.30 -21.34 -0.38
N THR B 21 -11.59 -20.05 -0.25
CA THR B 21 -10.70 -19.11 0.45
C THR B 21 -10.93 -19.28 1.95
N LEU B 22 -10.09 -20.11 2.57
CA LEU B 22 -10.19 -20.35 4.01
C LEU B 22 -9.65 -19.15 4.79
N PHE B 23 -9.84 -19.19 6.10
CA PHE B 23 -9.37 -18.12 6.97
C PHE B 23 -8.94 -18.71 8.31
N CYS B 24 -8.16 -17.93 9.04
CA CYS B 24 -7.61 -18.31 10.33
C CYS B 24 -8.54 -18.01 11.50
N ALA B 25 -8.11 -18.50 12.66
CA ALA B 25 -8.83 -18.31 13.92
C ALA B 25 -7.84 -18.60 15.04
N SER B 26 -7.59 -17.61 15.90
CA SER B 26 -6.64 -17.78 17.00
C SER B 26 -7.25 -17.41 18.34
N ASP B 27 -6.43 -17.39 19.38
CA ASP B 27 -6.89 -17.05 20.72
C ASP B 27 -7.38 -15.61 20.79
N HIS B 36 4.06 -8.25 17.62
CA HIS B 36 5.04 -8.94 18.44
C HIS B 36 5.29 -10.38 17.96
N ASN B 37 4.81 -10.70 16.77
CA ASN B 37 4.99 -12.03 16.21
C ASN B 37 4.74 -11.97 14.70
N VAL B 38 5.48 -12.80 13.97
CA VAL B 38 5.36 -12.82 12.51
C VAL B 38 3.91 -13.13 12.12
N TRP B 39 3.35 -14.16 12.73
CA TRP B 39 1.96 -14.58 12.53
C TRP B 39 1.13 -13.89 13.59
N ALA B 40 0.61 -12.73 13.22
CA ALA B 40 -0.20 -11.91 14.11
C ALA B 40 -1.39 -12.68 14.66
N THR B 41 -1.40 -12.87 15.99
CA THR B 41 -2.50 -13.57 16.61
C THR B 41 -3.77 -12.74 16.58
N HIS B 42 -3.64 -11.41 16.70
CA HIS B 42 -4.82 -10.54 16.67
C HIS B 42 -5.44 -10.50 15.28
N ALA B 43 -4.67 -10.77 14.22
CA ALA B 43 -5.23 -10.77 12.88
C ALA B 43 -6.30 -11.84 12.73
N CYS B 44 -6.03 -13.04 13.25
CA CYS B 44 -7.01 -14.11 13.18
C CYS B 44 -8.21 -13.76 14.05
N VAL B 45 -9.39 -14.13 13.58
CA VAL B 45 -10.62 -13.87 14.33
C VAL B 45 -10.55 -14.67 15.62
N PRO B 46 -11.08 -14.21 16.75
CA PRO B 46 -11.00 -15.01 17.98
C PRO B 46 -11.72 -16.34 17.81
N THR B 47 -10.95 -17.42 17.85
CA THR B 47 -11.51 -18.75 17.69
C THR B 47 -12.42 -19.10 18.88
N ASP B 48 -13.32 -20.03 18.62
CA ASP B 48 -14.25 -20.47 19.66
C ASP B 48 -13.46 -21.16 20.76
N PRO B 49 -13.59 -20.74 22.04
CA PRO B 49 -12.83 -21.42 23.09
C PRO B 49 -13.14 -22.91 23.20
N ASN B 50 -14.35 -23.33 22.84
CA ASN B 50 -14.77 -24.73 22.89
C ASN B 50 -15.35 -25.10 21.53
N PRO B 51 -14.51 -25.44 20.56
CA PRO B 51 -15.04 -25.79 19.23
C PRO B 51 -15.97 -26.99 19.31
N GLN B 52 -17.04 -26.94 18.53
CA GLN B 52 -18.04 -28.01 18.49
C GLN B 52 -17.69 -28.99 17.38
N GLU B 53 -17.34 -30.21 17.77
CA GLU B 53 -16.98 -31.27 16.84
C GLU B 53 -18.14 -32.25 16.77
N ILE B 54 -18.77 -32.35 15.60
CA ILE B 54 -19.90 -33.24 15.38
C ILE B 54 -19.40 -34.50 14.71
N HIS B 55 -19.72 -35.65 15.31
CA HIS B 55 -19.31 -36.95 14.80
C HIS B 55 -20.45 -37.55 13.98
N LEU B 56 -20.14 -38.00 12.78
CA LEU B 56 -21.13 -38.59 11.89
C LEU B 56 -21.22 -40.09 12.12
N GLU B 57 -22.10 -40.74 11.35
CA GLU B 57 -22.30 -42.19 11.45
C GLU B 57 -22.85 -42.70 10.13
N ASN B 58 -22.53 -43.95 9.83
CA ASN B 58 -22.98 -44.59 8.59
C ASN B 58 -22.53 -43.84 7.34
N VAL B 59 -21.39 -43.15 7.42
CA VAL B 59 -20.89 -42.38 6.30
C VAL B 59 -19.40 -42.65 6.09
N THR B 60 -18.99 -42.59 4.83
CA THR B 60 -17.60 -42.80 4.43
C THR B 60 -17.23 -41.72 3.42
N GLU B 61 -15.95 -41.40 3.34
CA GLU B 61 -15.49 -40.37 2.42
C GLU B 61 -14.07 -40.66 1.99
N GLU B 62 -13.74 -40.25 0.76
CA GLU B 62 -12.41 -40.44 0.20
C GLU B 62 -11.56 -39.22 0.54
N PHE B 63 -10.31 -39.48 0.93
CA PHE B 63 -9.36 -38.43 1.30
C PHE B 63 -8.11 -38.53 0.46
N ASN B 64 -7.55 -37.36 0.12
CA ASN B 64 -6.34 -37.26 -0.68
C ASN B 64 -5.49 -36.16 -0.05
N MET B 65 -4.61 -36.55 0.88
CA MET B 65 -3.75 -35.57 1.54
C MET B 65 -2.63 -35.05 0.65
N TRP B 66 -2.43 -35.63 -0.53
CA TRP B 66 -1.40 -35.16 -1.46
C TRP B 66 -1.91 -34.04 -2.36
N LYS B 67 -3.05 -34.25 -3.03
CA LYS B 67 -3.62 -33.24 -3.90
C LYS B 67 -4.45 -32.21 -3.14
N ASN B 68 -4.50 -32.31 -1.81
CA ASN B 68 -5.27 -31.37 -1.01
C ASN B 68 -4.77 -29.95 -1.22
N ASN B 69 -5.70 -28.99 -1.24
CA ASN B 69 -5.36 -27.59 -1.46
C ASN B 69 -5.05 -26.84 -0.17
N MET B 70 -5.40 -27.38 0.99
CA MET B 70 -5.11 -26.68 2.24
C MET B 70 -3.61 -26.51 2.43
N VAL B 71 -2.81 -27.47 1.99
CA VAL B 71 -1.36 -27.34 2.12
C VAL B 71 -0.87 -26.18 1.26
N GLU B 72 -1.40 -26.04 0.04
CA GLU B 72 -0.99 -24.94 -0.82
C GLU B 72 -1.39 -23.61 -0.20
N GLN B 73 -2.59 -23.56 0.39
CA GLN B 73 -3.02 -22.32 1.03
C GLN B 73 -2.11 -22.00 2.20
N MET B 74 -1.72 -23.02 2.96
CA MET B 74 -0.82 -22.82 4.09
C MET B 74 0.50 -22.23 3.61
N HIS B 75 1.06 -22.80 2.55
CA HIS B 75 2.32 -22.31 2.00
C HIS B 75 2.19 -20.85 1.57
N THR B 76 1.17 -20.54 0.78
CA THR B 76 0.98 -19.18 0.30
C THR B 76 0.84 -18.21 1.46
N ASP B 77 0.00 -18.56 2.45
CA ASP B 77 -0.20 -17.67 3.59
C ASP B 77 1.08 -17.49 4.39
N ILE B 78 1.85 -18.55 4.60
CA ILE B 78 3.08 -18.42 5.39
C ILE B 78 4.06 -17.48 4.72
N ILE B 79 4.35 -17.68 3.43
CA ILE B 79 5.30 -16.76 2.79
C ILE B 79 4.73 -15.34 2.71
N SER B 80 3.42 -15.19 2.49
CA SER B 80 2.85 -13.85 2.43
C SER B 80 3.01 -13.15 3.77
N LEU B 81 2.74 -13.85 4.87
CA LEU B 81 2.90 -13.26 6.19
C LEU B 81 4.36 -12.95 6.47
N TRP B 82 5.27 -13.80 5.97
CA TRP B 82 6.70 -13.57 6.18
C TRP B 82 7.10 -12.26 5.55
N ASP B 83 6.75 -12.07 4.27
CA ASP B 83 7.08 -10.83 3.58
C ASP B 83 6.42 -9.64 4.26
N GLN B 84 5.16 -9.79 4.67
CA GLN B 84 4.46 -8.69 5.33
C GLN B 84 5.15 -8.30 6.62
N SER B 85 5.65 -9.28 7.38
CA SER B 85 6.32 -8.98 8.63
C SER B 85 7.69 -8.34 8.40
N LEU B 86 8.38 -8.73 7.33
CA LEU B 86 9.69 -8.15 7.06
C LEU B 86 9.63 -6.81 6.35
N LYS B 87 8.49 -6.42 5.77
CA LYS B 87 8.42 -5.12 5.10
C LYS B 87 8.68 -3.94 6.03
N PRO B 88 8.03 -3.82 7.20
CA PRO B 88 8.30 -2.65 8.05
C PRO B 88 9.68 -2.60 8.68
N CYS B 89 10.39 -3.72 8.79
CA CYS B 89 11.71 -3.68 9.41
C CYS B 89 12.70 -2.92 8.52
N VAL B 90 13.77 -2.44 9.16
CA VAL B 90 14.80 -1.67 8.46
C VAL B 90 15.53 -2.54 7.44
N LYS B 91 16.05 -1.87 6.40
CA LYS B 91 16.81 -2.50 5.33
C LYS B 91 18.29 -2.35 5.63
N LEU B 92 19.07 -3.37 5.28
CA LEU B 92 20.52 -3.41 5.51
C LEU B 92 21.32 -3.08 4.26
N THR B 93 20.82 -2.17 3.44
CA THR B 93 21.54 -1.80 2.22
C THR B 93 22.95 -1.26 2.48
N PRO B 94 23.20 -0.38 3.47
CA PRO B 94 24.57 0.10 3.66
C PRO B 94 25.52 -0.92 4.27
N LEU B 95 25.04 -2.08 4.70
CA LEU B 95 25.93 -3.07 5.31
C LEU B 95 26.95 -3.63 4.33
N CYS B 96 26.75 -3.46 3.02
CA CYS B 96 27.69 -3.98 2.02
C CYS B 96 28.89 -3.06 1.98
N VAL B 97 29.93 -3.41 2.73
CA VAL B 97 31.16 -2.65 2.82
C VAL B 97 32.32 -3.62 2.97
N THR B 98 33.50 -3.22 2.49
CA THR B 98 34.69 -4.06 2.63
C THR B 98 34.95 -4.28 4.11
N LEU B 99 35.22 -5.53 4.49
CA LEU B 99 35.43 -5.89 5.89
C LEU B 99 36.82 -6.48 6.13
N GLN B 100 37.73 -5.67 6.68
CA GLN B 100 39.04 -6.18 7.05
C GLN B 100 38.80 -6.99 8.31
N CYS B 101 38.95 -8.31 8.21
CA CYS B 101 38.62 -9.17 9.34
C CYS B 101 39.77 -10.11 9.69
N THR B 102 39.69 -10.65 10.92
CA THR B 102 40.70 -11.57 11.46
C THR B 102 40.00 -12.73 12.17
N ASN B 103 40.75 -13.54 12.92
CA ASN B 103 40.22 -14.69 13.63
C ASN B 103 39.90 -14.33 15.09
N VAL B 104 39.23 -15.25 15.77
CA VAL B 104 38.83 -15.11 17.16
C VAL B 104 39.62 -16.09 18.00
N THR B 105 40.15 -15.61 19.13
CA THR B 105 40.93 -16.45 20.03
C THR B 105 40.71 -16.02 21.49
N ASP B 111 39.23 -22.40 22.48
CA ASP B 111 38.15 -22.71 21.52
C ASP B 111 38.52 -23.97 20.74
N MET B 112 37.55 -24.82 20.40
CA MET B 112 37.83 -26.02 19.56
C MET B 112 37.40 -25.71 18.12
N ARG B 113 36.91 -24.50 17.88
CA ARG B 113 36.48 -24.08 16.51
C ARG B 113 37.07 -22.70 16.20
N GLY B 114 37.35 -22.42 14.93
CA GLY B 114 37.86 -21.08 14.55
C GLY B 114 36.90 -20.40 13.61
N GLU B 115 35.73 -20.99 13.39
CA GLU B 115 34.74 -20.45 12.42
C GLU B 115 34.38 -18.99 12.76
N LEU B 116 34.08 -18.68 14.02
CA LEU B 116 33.64 -17.29 14.37
C LEU B 116 34.73 -16.30 13.94
N LYS B 117 34.34 -15.14 13.40
CA LYS B 117 35.34 -14.17 12.89
C LYS B 117 35.10 -12.78 13.50
N ASN B 118 36.17 -12.08 13.86
CA ASN B 118 36.07 -10.74 14.43
C ASN B 118 36.41 -9.77 13.33
N CYS B 119 35.39 -9.17 12.73
CA CYS B 119 35.55 -8.26 11.61
C CYS B 119 35.24 -6.82 12.01
N SER B 120 35.90 -5.88 11.31
CA SER B 120 35.74 -4.46 11.52
C SER B 120 35.48 -3.80 10.17
N PHE B 121 34.85 -2.63 10.20
CA PHE B 121 34.54 -1.96 8.93
C PHE B 121 34.05 -0.55 9.20
N ASN B 122 34.29 0.33 8.22
CA ASN B 122 33.83 1.70 8.32
C ASN B 122 32.31 1.72 8.14
N MET B 123 31.65 2.67 8.79
CA MET B 123 30.20 2.73 8.67
C MET B 123 29.72 4.12 9.07
N THR B 124 28.55 4.49 8.55
CA THR B 124 27.96 5.77 8.83
C THR B 124 27.42 5.81 10.27
N THR B 125 26.85 6.95 10.62
CA THR B 125 26.26 7.17 11.94
C THR B 125 25.01 8.00 11.75
N GLU B 126 24.50 8.59 12.85
CA GLU B 126 23.30 9.40 12.76
C GLU B 126 23.46 10.54 11.77
N LEU B 127 24.68 11.00 11.53
CA LEU B 127 24.97 12.08 10.60
C LEU B 127 25.53 11.48 9.32
N ARG B 128 24.95 11.88 8.18
CA ARG B 128 25.41 11.39 6.86
C ARG B 128 26.88 11.74 6.68
N ASP B 129 27.25 13.00 6.91
CA ASP B 129 28.62 13.44 6.67
C ASP B 129 29.61 12.70 7.54
N LYS B 130 29.29 12.52 8.82
CA LYS B 130 30.20 11.83 9.73
C LYS B 130 30.22 10.32 9.46
N LYS B 131 31.31 9.68 9.87
CA LYS B 131 31.46 8.21 9.73
C LYS B 131 32.07 7.66 11.01
N GLN B 132 31.83 6.39 11.31
CA GLN B 132 32.29 5.71 12.51
C GLN B 132 32.86 4.36 12.16
N LYS B 133 33.74 3.87 13.03
CA LYS B 133 34.39 2.57 12.88
C LYS B 133 33.86 1.66 13.98
N VAL B 134 33.26 0.54 13.58
CA VAL B 134 32.70 -0.43 14.52
C VAL B 134 33.15 -1.82 14.14
N TYR B 135 33.00 -2.74 15.08
CA TYR B 135 33.37 -4.14 14.91
C TYR B 135 32.20 -5.03 15.31
N SER B 136 32.18 -6.23 14.73
CA SER B 136 31.13 -7.20 15.02
C SER B 136 31.63 -8.58 14.68
N LEU B 137 31.03 -9.58 15.33
CA LEU B 137 31.40 -10.97 15.11
C LEU B 137 30.49 -11.57 14.05
N PHE B 138 31.07 -12.40 13.18
CA PHE B 138 30.34 -13.04 12.11
C PHE B 138 30.81 -14.48 11.97
N TYR B 139 29.91 -15.33 11.49
CA TYR B 139 30.21 -16.74 11.29
C TYR B 139 30.75 -16.98 9.89
N ARG B 140 31.56 -18.04 9.75
CA ARG B 140 32.16 -18.37 8.46
C ARG B 140 31.15 -18.87 7.44
N LEU B 141 29.92 -19.21 7.86
CA LEU B 141 28.93 -19.70 6.93
C LEU B 141 28.32 -18.61 6.05
N ASP B 142 28.41 -17.34 6.45
CA ASP B 142 27.85 -16.23 5.68
C ASP B 142 28.90 -15.14 5.44
N VAL B 143 30.18 -15.53 5.39
CA VAL B 143 31.27 -14.59 5.15
C VAL B 143 32.23 -15.24 4.16
N VAL B 144 32.59 -14.50 3.11
CA VAL B 144 33.49 -14.99 2.07
C VAL B 144 34.54 -13.93 1.80
N GLN B 145 35.69 -14.38 1.30
CA GLN B 145 36.79 -13.48 0.99
C GLN B 145 36.55 -12.80 -0.35
N ILE B 146 36.60 -11.47 -0.36
CA ILE B 146 36.38 -10.73 -1.60
C ILE B 146 37.50 -11.03 -2.60
N ASN B 147 38.73 -11.11 -2.13
CA ASN B 147 39.87 -11.38 -3.00
C ASN B 147 40.13 -12.88 -3.05
N LYS B 159 42.43 -11.61 4.25
CA LYS B 159 42.30 -10.59 5.28
C LYS B 159 41.04 -9.74 5.04
N GLU B 160 40.70 -9.53 3.79
CA GLU B 160 39.52 -8.76 3.39
C GLU B 160 38.37 -9.71 3.12
N TYR B 161 37.22 -9.44 3.75
CA TYR B 161 36.03 -10.26 3.61
C TYR B 161 34.81 -9.38 3.40
N ARG B 162 33.71 -10.02 3.00
CA ARG B 162 32.44 -9.33 2.75
C ARG B 162 31.30 -10.23 3.19
N LEU B 163 30.08 -9.90 2.79
CA LEU B 163 28.89 -10.70 3.04
C LEU B 163 28.43 -11.34 1.72
N ILE B 164 28.04 -12.62 1.80
CA ILE B 164 27.59 -13.33 0.61
C ILE B 164 26.30 -12.72 0.06
N ASN B 165 25.45 -12.17 0.92
CA ASN B 165 24.20 -11.59 0.48
C ASN B 165 24.39 -10.33 -0.37
N CYS B 166 25.60 -9.76 -0.41
CA CYS B 166 25.82 -8.54 -1.17
C CYS B 166 25.58 -8.76 -2.67
N ASN B 167 26.03 -9.89 -3.21
CA ASN B 167 25.87 -10.16 -4.63
C ASN B 167 24.54 -10.84 -4.96
N THR B 168 23.65 -11.00 -3.97
CA THR B 168 22.35 -11.63 -4.19
C THR B 168 21.21 -10.64 -3.99
N SER B 169 21.12 -10.01 -2.82
CA SER B 169 20.08 -9.04 -2.52
C SER B 169 20.32 -8.50 -1.11
N ALA B 170 19.73 -7.34 -0.83
CA ALA B 170 19.86 -6.71 0.47
C ALA B 170 18.90 -7.35 1.45
N CYS B 171 19.42 -7.85 2.57
CA CYS B 171 18.59 -8.48 3.57
C CYS B 171 17.96 -7.43 4.48
N THR B 172 16.95 -7.88 5.24
CA THR B 172 16.22 -7.04 6.19
C THR B 172 16.25 -7.75 7.54
N GLN B 173 16.98 -7.18 8.49
CA GLN B 173 17.08 -7.79 9.81
C GLN B 173 15.72 -7.81 10.50
N ALA B 174 15.41 -8.93 11.12
CA ALA B 174 14.14 -9.05 11.83
C ALA B 174 14.16 -8.14 13.05
N CYS B 175 13.09 -7.37 13.22
CA CYS B 175 13.05 -6.46 14.36
C CYS B 175 13.01 -7.25 15.66
N PRO B 176 13.56 -6.72 16.76
CA PRO B 176 13.54 -7.48 18.01
C PRO B 176 12.14 -7.69 18.57
N LYS B 177 11.22 -6.77 18.33
CA LYS B 177 9.86 -6.93 18.85
C LYS B 177 9.18 -8.15 18.25
N VAL B 178 9.30 -8.34 16.94
CA VAL B 178 8.68 -9.48 16.29
C VAL B 178 9.48 -10.74 16.64
N SER B 179 8.78 -11.77 17.10
CA SER B 179 9.38 -13.03 17.51
C SER B 179 8.93 -14.15 16.57
N PHE B 180 9.77 -15.19 16.49
CA PHE B 180 9.50 -16.35 15.66
C PHE B 180 8.84 -17.48 16.43
N GLU B 181 8.24 -17.19 17.58
CA GLU B 181 7.59 -18.23 18.35
C GLU B 181 6.43 -18.79 17.54
N PRO B 182 6.24 -20.13 17.51
CA PRO B 182 5.14 -20.68 16.69
C PRO B 182 3.76 -20.80 17.36
N ILE B 183 3.05 -19.67 17.40
CA ILE B 183 1.72 -19.67 18.03
C ILE B 183 0.80 -20.56 17.20
N PRO B 184 0.02 -21.48 17.79
CA PRO B 184 -0.84 -22.31 16.96
C PRO B 184 -1.89 -21.49 16.23
N ILE B 185 -2.24 -21.95 15.03
CA ILE B 185 -3.24 -21.30 14.18
C ILE B 185 -4.28 -22.33 13.83
N HIS B 186 -5.56 -21.96 13.98
CA HIS B 186 -6.69 -22.84 13.69
C HIS B 186 -7.36 -22.35 12.41
N TYR B 187 -7.12 -23.06 11.31
CA TYR B 187 -7.76 -22.68 10.06
C TYR B 187 -9.24 -23.00 10.15
N CYS B 188 -10.06 -22.14 9.54
CA CYS B 188 -11.50 -22.33 9.58
C CYS B 188 -12.07 -21.99 8.21
N ALA B 189 -13.21 -22.65 7.85
CA ALA B 189 -13.86 -22.42 6.57
C ALA B 189 -15.01 -21.43 6.70
N PRO B 190 -15.37 -20.72 5.61
CA PRO B 190 -16.48 -19.76 5.70
C PRO B 190 -17.83 -20.43 5.65
N ALA B 191 -18.89 -19.63 5.67
CA ALA B 191 -20.24 -20.18 5.61
C ALA B 191 -20.47 -20.90 4.29
N GLY B 192 -21.24 -21.98 4.33
CA GLY B 192 -21.53 -22.76 3.16
C GLY B 192 -20.53 -23.88 2.88
N PHE B 193 -19.47 -23.98 3.67
CA PHE B 193 -18.45 -25.01 3.52
C PHE B 193 -18.27 -25.74 4.84
N ALA B 194 -17.54 -26.84 4.78
CA ALA B 194 -17.29 -27.66 5.97
C ALA B 194 -15.97 -28.37 5.80
N ILE B 195 -15.30 -28.66 6.91
CA ILE B 195 -14.02 -29.34 6.93
C ILE B 195 -14.27 -30.75 7.44
N LEU B 196 -13.89 -31.75 6.64
CA LEU B 196 -14.06 -33.15 7.00
C LEU B 196 -12.77 -33.67 7.61
N LYS B 197 -12.87 -34.16 8.84
CA LYS B 197 -11.74 -34.69 9.60
C LYS B 197 -11.83 -36.21 9.63
N CYS B 198 -10.77 -36.88 9.16
CA CYS B 198 -10.71 -38.33 9.13
C CYS B 198 -10.05 -38.80 10.41
N LYS B 199 -10.85 -39.28 11.36
CA LYS B 199 -10.38 -39.76 12.64
C LYS B 199 -10.06 -41.25 12.64
N ASP B 200 -10.18 -41.93 11.50
CA ASP B 200 -9.90 -43.36 11.45
C ASP B 200 -8.44 -43.62 11.80
N LYS B 201 -8.22 -44.57 12.70
CA LYS B 201 -6.86 -44.92 13.10
C LYS B 201 -6.14 -45.63 11.96
N LYS B 202 -4.81 -45.63 12.05
CA LYS B 202 -3.93 -46.26 11.05
C LYS B 202 -4.35 -45.90 9.63
N PHE B 203 -4.61 -44.61 9.42
CA PHE B 203 -5.03 -44.13 8.12
C PHE B 203 -3.94 -44.35 7.08
N ASN B 204 -4.33 -44.87 5.91
CA ASN B 204 -3.42 -45.15 4.82
C ASN B 204 -2.97 -43.89 4.09
N GLY B 205 -3.54 -42.74 4.39
CA GLY B 205 -3.19 -41.49 3.74
C GLY B 205 -4.11 -41.15 2.58
N THR B 206 -4.26 -42.07 1.64
CA THR B 206 -5.12 -41.89 0.48
C THR B 206 -6.07 -43.09 0.37
N GLY B 207 -7.35 -42.78 0.24
CA GLY B 207 -8.37 -43.80 0.14
C GLY B 207 -9.57 -43.50 1.02
N PRO B 208 -10.55 -44.39 1.01
CA PRO B 208 -11.74 -44.17 1.85
C PRO B 208 -11.40 -44.14 3.33
N CYS B 209 -12.15 -43.32 4.07
CA CYS B 209 -11.99 -43.17 5.51
C CYS B 209 -13.30 -43.63 6.16
N PRO B 210 -13.37 -44.86 6.70
CA PRO B 210 -14.64 -45.31 7.30
C PRO B 210 -15.10 -44.51 8.51
N SER B 211 -14.23 -43.79 9.18
CA SER B 211 -14.60 -42.99 10.36
C SER B 211 -14.16 -41.55 10.11
N VAL B 212 -15.13 -40.70 9.75
CA VAL B 212 -14.89 -39.29 9.48
C VAL B 212 -15.71 -38.46 10.45
N SER B 213 -15.41 -37.15 10.48
CA SER B 213 -16.10 -36.22 11.35
C SER B 213 -16.05 -34.84 10.71
N THR B 214 -16.96 -33.98 11.13
CA THR B 214 -17.07 -32.62 10.62
C THR B 214 -16.83 -31.65 11.77
N VAL B 215 -16.00 -30.65 11.53
CA VAL B 215 -15.67 -29.63 12.52
C VAL B 215 -15.71 -28.28 11.83
N GLN B 216 -16.24 -27.27 12.52
CA GLN B 216 -16.35 -25.93 11.95
C GLN B 216 -14.98 -25.37 11.59
N CYS B 217 -14.00 -25.52 12.49
CA CYS B 217 -12.65 -25.03 12.29
C CYS B 217 -11.64 -26.06 12.74
N THR B 218 -10.54 -26.16 12.00
CA THR B 218 -9.49 -27.12 12.31
C THR B 218 -8.92 -26.89 13.71
N HIS B 219 -8.21 -27.90 14.20
CA HIS B 219 -7.60 -27.82 15.52
C HIS B 219 -6.29 -27.04 15.46
N GLY B 220 -5.59 -26.99 16.59
CA GLY B 220 -4.33 -26.27 16.68
C GLY B 220 -3.22 -26.83 15.81
N ILE B 221 -2.67 -25.98 14.95
CA ILE B 221 -1.58 -26.34 14.06
C ILE B 221 -0.47 -25.31 14.25
N LYS B 222 0.71 -25.78 14.63
CA LYS B 222 1.85 -24.90 14.84
C LYS B 222 2.63 -24.76 13.55
N PRO B 223 2.74 -23.55 12.96
CA PRO B 223 3.50 -23.45 11.70
C PRO B 223 5.01 -23.45 11.94
N VAL B 224 5.50 -24.59 12.41
CA VAL B 224 6.92 -24.76 12.71
C VAL B 224 7.65 -25.15 11.42
N VAL B 225 8.75 -24.45 11.14
CA VAL B 225 9.56 -24.69 9.96
C VAL B 225 10.73 -25.58 10.37
N SER B 226 10.92 -26.69 9.66
CA SER B 226 12.00 -27.60 9.98
C SER B 226 12.21 -28.55 8.81
N THR B 227 13.48 -28.92 8.58
CA THR B 227 13.86 -29.83 7.52
C THR B 227 14.29 -31.16 8.12
N GLN B 228 14.08 -32.23 7.35
CA GLN B 228 14.43 -33.59 7.77
C GLN B 228 13.66 -34.01 9.01
N LEU B 229 13.93 -33.38 10.15
CA LEU B 229 13.28 -33.68 11.41
C LEU B 229 12.13 -32.71 11.65
N LEU B 230 11.00 -33.25 12.12
CA LEU B 230 9.82 -32.46 12.44
C LEU B 230 9.78 -32.23 13.94
N LEU B 231 9.72 -30.96 14.35
CA LEU B 231 9.72 -30.56 15.74
C LEU B 231 8.34 -30.11 16.18
N ASN B 232 7.96 -30.50 17.40
CA ASN B 232 6.65 -30.05 17.97
C ASN B 232 5.52 -30.45 17.03
N GLY B 233 5.55 -31.69 16.52
CA GLY B 233 4.51 -32.17 15.64
C GLY B 233 3.47 -32.99 16.37
N SER B 234 2.59 -33.62 15.58
CA SER B 234 1.53 -34.45 16.10
C SER B 234 1.96 -35.91 16.13
N LEU B 235 1.60 -36.61 17.20
CA LEU B 235 1.93 -38.01 17.39
C LEU B 235 0.84 -38.90 16.81
N ALA B 236 1.22 -40.12 16.44
CA ALA B 236 0.26 -41.07 15.89
C ALA B 236 -0.66 -41.58 17.00
N GLU B 237 -1.56 -42.50 16.63
CA GLU B 237 -2.53 -43.07 17.55
C GLU B 237 -2.11 -44.44 18.07
N GLU B 238 -1.87 -45.39 17.16
CA GLU B 238 -1.50 -46.75 17.52
C GLU B 238 0.00 -47.00 17.43
N GLU B 239 0.60 -46.82 16.27
CA GLU B 239 2.02 -47.06 16.09
C GLU B 239 2.56 -46.13 15.00
N VAL B 240 3.79 -46.39 14.57
CA VAL B 240 4.43 -45.57 13.55
C VAL B 240 3.78 -45.82 12.20
N MET B 241 3.38 -44.74 11.53
CA MET B 241 2.75 -44.78 10.23
C MET B 241 3.71 -44.32 9.15
N ILE B 242 3.49 -44.81 7.93
CA ILE B 242 4.30 -44.47 6.76
C ILE B 242 3.34 -44.05 5.66
N ARG B 243 3.60 -42.88 5.07
CA ARG B 243 2.76 -42.35 3.99
C ARG B 243 3.64 -41.80 2.89
N SER B 244 3.33 -42.15 1.64
CA SER B 244 4.09 -41.69 0.50
C SER B 244 3.19 -41.74 -0.72
N GLU B 245 3.49 -40.89 -1.71
CA GLU B 245 2.70 -40.89 -2.93
C GLU B 245 2.77 -42.23 -3.63
N ASN B 246 3.98 -42.81 -3.70
CA ASN B 246 4.19 -44.11 -4.34
C ASN B 246 5.41 -44.75 -3.70
N ILE B 247 5.18 -45.82 -2.93
CA ILE B 247 6.29 -46.51 -2.28
C ILE B 247 7.28 -47.03 -3.32
N THR B 248 6.78 -47.44 -4.48
CA THR B 248 7.63 -47.96 -5.55
C THR B 248 8.43 -46.87 -6.25
N ASN B 249 8.13 -45.60 -6.02
CA ASN B 249 8.84 -44.48 -6.64
C ASN B 249 9.92 -43.98 -5.70
N ASN B 250 11.13 -43.80 -6.24
CA ASN B 250 12.27 -43.34 -5.45
C ASN B 250 12.37 -41.82 -5.40
N ALA B 251 11.96 -41.13 -6.48
CA ALA B 251 12.05 -39.67 -6.48
C ALA B 251 11.15 -39.05 -5.42
N LYS B 252 9.92 -39.55 -5.29
CA LYS B 252 9.00 -39.00 -4.31
C LYS B 252 9.46 -39.32 -2.90
N ASN B 253 9.27 -38.35 -2.00
CA ASN B 253 9.67 -38.51 -0.61
C ASN B 253 8.69 -39.43 0.13
N ILE B 254 9.13 -39.89 1.30
CA ILE B 254 8.34 -40.77 2.16
C ILE B 254 8.24 -40.13 3.53
N LEU B 255 7.01 -39.96 4.02
CA LEU B 255 6.78 -39.36 5.33
C LEU B 255 6.67 -40.42 6.40
N VAL B 256 7.04 -40.03 7.62
CA VAL B 256 7.00 -40.92 8.78
C VAL B 256 6.46 -40.14 9.96
N GLN B 257 5.71 -40.82 10.83
CA GLN B 257 5.11 -40.20 12.01
C GLN B 257 5.25 -41.17 13.18
N PHE B 258 5.87 -40.71 14.26
CA PHE B 258 6.07 -41.52 15.45
C PHE B 258 4.88 -41.45 16.38
N ASN B 259 4.59 -42.57 17.04
CA ASN B 259 3.49 -42.65 17.99
C ASN B 259 3.88 -42.13 19.37
N THR B 260 5.18 -41.95 19.63
CA THR B 260 5.69 -41.46 20.89
C THR B 260 6.71 -40.36 20.59
N PRO B 261 6.87 -39.37 21.46
CA PRO B 261 7.83 -38.30 21.19
C PRO B 261 9.23 -38.63 21.66
N VAL B 262 10.20 -38.14 20.89
CA VAL B 262 11.62 -38.33 21.17
C VAL B 262 12.16 -36.95 21.54
N GLN B 263 12.35 -36.72 22.83
CA GLN B 263 12.83 -35.42 23.30
C GLN B 263 14.24 -35.15 22.77
N ILE B 264 14.46 -33.91 22.34
CA ILE B 264 15.75 -33.45 21.83
C ILE B 264 16.07 -32.13 22.50
N ASN B 265 17.30 -32.02 23.02
CA ASN B 265 17.76 -30.82 23.70
C ASN B 265 18.86 -30.17 22.87
N CYS B 266 18.62 -28.92 22.46
CA CYS B 266 19.56 -28.13 21.68
C CYS B 266 19.85 -26.84 22.44
N THR B 267 21.10 -26.42 22.44
CA THR B 267 21.46 -25.20 23.17
C THR B 267 22.73 -24.60 22.60
N ARG B 268 22.94 -23.33 22.94
CA ARG B 268 24.10 -22.55 22.52
C ARG B 268 24.83 -22.14 23.81
N PRO B 269 25.90 -22.83 24.21
CA PRO B 269 26.58 -22.45 25.46
C PRO B 269 27.25 -21.09 25.43
N ASN B 270 27.35 -20.44 24.28
CA ASN B 270 27.99 -19.13 24.20
C ASN B 270 27.04 -18.04 24.68
N ASN B 271 27.50 -17.24 25.63
CA ASN B 271 26.72 -16.13 26.18
C ASN B 271 26.95 -14.93 25.28
N ASN B 272 26.01 -14.67 24.39
CA ASN B 272 26.12 -13.56 23.45
C ASN B 272 25.75 -12.23 24.11
N THR B 273 26.34 -11.16 23.57
CA THR B 273 26.11 -9.79 24.03
C THR B 273 25.64 -8.98 22.84
N ARG B 274 24.54 -8.23 23.02
CA ARG B 274 23.97 -7.41 21.96
C ARG B 274 24.28 -5.94 22.19
N LYS B 275 24.81 -5.29 21.16
CA LYS B 275 25.14 -3.87 21.19
C LYS B 275 24.46 -3.21 20.00
N SER B 276 23.77 -2.10 20.25
CA SER B 276 23.07 -1.38 19.20
C SER B 276 23.97 -0.35 18.55
N ILE B 277 23.88 -0.25 17.23
CA ILE B 277 24.67 0.69 16.43
C ILE B 277 23.69 1.50 15.58
N ARG B 278 23.81 2.82 15.64
CA ARG B 278 22.92 3.68 14.88
C ARG B 278 23.30 3.68 13.40
N ILE B 279 22.70 2.76 12.64
CA ILE B 279 22.99 2.65 11.22
C ILE B 279 22.54 3.91 10.48
N GLY B 280 21.41 4.48 10.89
CA GLY B 280 20.89 5.67 10.26
C GLY B 280 19.95 6.42 11.17
N PRO B 281 19.36 7.51 10.66
CA PRO B 281 18.45 8.30 11.49
C PRO B 281 17.19 7.54 11.86
N GLY B 282 17.04 7.23 13.16
CA GLY B 282 15.89 6.52 13.66
C GLY B 282 15.93 5.02 13.50
N GLN B 283 16.99 4.46 12.94
CA GLN B 283 17.13 3.03 12.75
C GLN B 283 18.42 2.56 13.39
N ALA B 284 18.35 1.46 14.13
CA ALA B 284 19.49 0.88 14.82
C ALA B 284 19.85 -0.48 14.23
N PHE B 285 21.12 -0.84 14.36
CA PHE B 285 21.65 -2.10 13.87
C PHE B 285 22.11 -2.93 15.05
N TYR B 286 21.63 -4.17 15.13
CA TYR B 286 21.97 -5.10 16.21
C TYR B 286 23.10 -6.00 15.73
N ALA B 287 24.27 -5.83 16.33
CA ALA B 287 25.46 -6.59 16.00
C ALA B 287 25.92 -7.41 17.20
N THR B 288 26.59 -8.53 16.91
CA THR B 288 27.10 -9.41 17.96
C THR B 288 28.19 -8.68 18.73
N GLY B 289 27.91 -8.33 19.98
CA GLY B 289 28.87 -7.62 20.80
C GLY B 289 30.20 -8.33 20.97
N ASP B 290 30.20 -9.45 21.67
CA ASP B 290 31.41 -10.23 21.91
C ASP B 290 30.99 -11.52 22.61
N ILE B 291 31.98 -12.39 22.85
CA ILE B 291 31.77 -13.68 23.51
C ILE B 291 32.55 -13.66 24.81
N ILE B 292 31.85 -13.89 25.92
CA ILE B 292 32.46 -13.90 27.25
C ILE B 292 32.62 -15.36 27.68
N GLY B 293 33.79 -15.69 28.18
CA GLY B 293 34.07 -17.04 28.63
C GLY B 293 34.60 -17.92 27.51
N ASP B 294 34.54 -19.22 27.76
CA ASP B 294 35.01 -20.20 26.79
C ASP B 294 34.07 -20.25 25.58
N ILE B 295 34.61 -20.72 24.46
CA ILE B 295 33.88 -20.85 23.20
C ILE B 295 33.70 -22.33 22.92
N ARG B 296 32.46 -22.75 22.72
CA ARG B 296 32.12 -24.14 22.44
C ARG B 296 31.16 -24.20 21.27
N GLN B 297 31.20 -25.31 20.55
CA GLN B 297 30.34 -25.51 19.38
C GLN B 297 28.93 -25.88 19.81
N ALA B 298 27.95 -25.34 19.10
CA ALA B 298 26.56 -25.66 19.40
C ALA B 298 26.26 -27.10 19.00
N HIS B 299 25.36 -27.72 19.74
CA HIS B 299 25.01 -29.12 19.45
C HIS B 299 23.65 -29.45 20.04
N CYS B 300 23.17 -30.64 19.69
CA CYS B 300 21.89 -31.16 20.16
C CYS B 300 22.12 -32.53 20.77
N ASN B 301 21.27 -32.88 21.74
CA ASN B 301 21.38 -34.16 22.45
C ASN B 301 20.10 -34.96 22.28
N VAL B 302 20.26 -36.27 22.07
CA VAL B 302 19.16 -37.20 21.90
C VAL B 302 19.59 -38.55 22.46
N SER B 303 18.77 -39.12 23.34
CA SER B 303 19.09 -40.42 23.92
C SER B 303 19.11 -41.48 22.83
N LYS B 304 20.14 -42.33 22.87
CA LYS B 304 20.26 -43.38 21.86
C LYS B 304 19.28 -44.51 22.07
N ALA B 305 18.82 -44.75 23.30
CA ALA B 305 17.87 -45.84 23.53
C ALA B 305 16.52 -45.53 22.88
N THR B 306 16.00 -44.32 23.10
CA THR B 306 14.72 -43.95 22.51
C THR B 306 14.82 -43.94 20.99
N TRP B 307 15.92 -43.41 20.46
CA TRP B 307 16.09 -43.39 19.01
C TRP B 307 16.19 -44.81 18.47
N ASN B 308 16.86 -45.70 19.20
CA ASN B 308 16.98 -47.09 18.77
C ASN B 308 15.61 -47.74 18.68
N GLU B 309 14.78 -47.55 19.71
CA GLU B 309 13.44 -48.14 19.69
C GLU B 309 12.59 -47.55 18.57
N THR B 310 12.65 -46.23 18.39
CA THR B 310 11.88 -45.59 17.34
C THR B 310 12.32 -46.09 15.97
N LEU B 311 13.64 -46.21 15.76
CA LEU B 311 14.13 -46.71 14.48
C LEU B 311 13.73 -48.16 14.27
N GLY B 312 13.70 -48.96 15.34
CA GLY B 312 13.27 -50.34 15.20
C GLY B 312 11.84 -50.42 14.73
N LYS B 313 10.97 -49.61 15.33
CA LYS B 313 9.57 -49.60 14.91
C LYS B 313 9.46 -49.09 13.48
N VAL B 314 10.25 -48.08 13.12
CA VAL B 314 10.21 -47.51 11.78
C VAL B 314 10.62 -48.56 10.74
N VAL B 315 11.69 -49.30 11.02
CA VAL B 315 12.13 -50.32 10.06
C VAL B 315 11.10 -51.44 9.99
N LYS B 316 10.44 -51.76 11.11
CA LYS B 316 9.41 -52.80 11.06
C LYS B 316 8.27 -52.35 10.13
N GLN B 317 7.84 -51.11 10.28
CA GLN B 317 6.78 -50.59 9.42
C GLN B 317 7.23 -50.55 7.96
N LEU B 318 8.49 -50.20 7.74
CA LEU B 318 9.00 -50.18 6.37
C LEU B 318 8.99 -51.58 5.78
N ARG B 319 9.37 -52.58 6.58
CA ARG B 319 9.37 -53.96 6.13
C ARG B 319 7.97 -54.41 5.80
N LYS B 320 6.97 -53.91 6.53
CA LYS B 320 5.59 -54.30 6.26
C LYS B 320 5.21 -53.99 4.82
N HIS B 321 5.77 -52.93 4.24
CA HIS B 321 5.50 -52.56 2.85
C HIS B 321 6.51 -53.17 1.89
N PHE B 322 7.77 -53.30 2.32
CA PHE B 322 8.83 -53.88 1.50
C PHE B 322 8.97 -55.39 1.67
N GLY B 323 8.17 -56.00 2.53
CA GLY B 323 8.24 -57.43 2.76
C GLY B 323 9.23 -57.82 3.84
N ASN B 324 9.20 -59.11 4.19
CA ASN B 324 10.08 -59.67 5.21
C ASN B 324 11.46 -59.91 4.61
N ASN B 325 12.33 -60.57 5.38
CA ASN B 325 13.70 -60.94 5.04
C ASN B 325 14.42 -59.89 4.20
N THR B 326 14.25 -58.61 4.55
CA THR B 326 14.88 -57.50 3.86
C THR B 326 15.54 -56.60 4.89
N ILE B 327 16.83 -56.34 4.70
CA ILE B 327 17.59 -55.48 5.61
C ILE B 327 17.55 -54.05 5.10
N ILE B 328 17.63 -53.10 6.02
CA ILE B 328 17.58 -51.67 5.69
C ILE B 328 18.76 -50.97 6.35
N ARG B 329 19.26 -49.94 5.67
CA ARG B 329 20.37 -49.13 6.13
C ARG B 329 19.95 -47.67 6.21
N PHE B 330 20.62 -46.91 7.08
CA PHE B 330 20.36 -45.49 7.28
C PHE B 330 21.68 -44.74 7.20
N ALA B 331 21.86 -43.97 6.14
CA ALA B 331 23.06 -43.18 5.91
C ALA B 331 22.73 -41.69 5.98
N ASN B 332 23.77 -40.87 5.90
CA ASN B 332 23.63 -39.43 5.95
C ASN B 332 23.03 -38.92 4.64
N SER B 333 22.94 -37.59 4.53
CA SER B 333 22.39 -36.98 3.33
C SER B 333 23.26 -37.29 2.12
N SER B 334 22.62 -37.47 0.97
CA SER B 334 23.37 -37.78 -0.25
C SER B 334 24.31 -36.65 -0.63
N GLY B 335 23.81 -35.41 -0.61
CA GLY B 335 24.63 -34.27 -0.95
C GLY B 335 23.78 -33.14 -1.49
N GLY B 336 24.38 -31.95 -1.52
CA GLY B 336 23.71 -30.77 -2.01
C GLY B 336 24.01 -29.54 -1.18
N ASP B 337 23.06 -28.61 -1.10
CA ASP B 337 23.24 -27.40 -0.32
C ASP B 337 23.27 -27.72 1.18
N LEU B 338 23.63 -26.71 1.97
CA LEU B 338 23.70 -26.90 3.41
C LEU B 338 22.31 -27.08 4.01
N GLU B 339 21.34 -26.27 3.59
CA GLU B 339 19.99 -26.38 4.13
C GLU B 339 19.34 -27.71 3.78
N VAL B 340 19.52 -28.18 2.54
CA VAL B 340 18.90 -29.44 2.14
C VAL B 340 19.62 -30.66 2.66
N THR B 341 20.89 -30.54 3.06
CA THR B 341 21.66 -31.67 3.56
C THR B 341 21.84 -31.65 5.08
N THR B 342 21.25 -30.69 5.78
CA THR B 342 21.39 -30.60 7.23
C THR B 342 20.04 -30.24 7.84
N HIS B 343 19.89 -30.62 9.10
CA HIS B 343 18.65 -30.34 9.84
C HIS B 343 18.65 -28.87 10.23
N SER B 344 17.70 -28.11 9.69
CA SER B 344 17.56 -26.69 9.95
C SER B 344 16.30 -26.43 10.76
N PHE B 345 16.43 -25.63 11.82
CA PHE B 345 15.30 -25.30 12.67
C PHE B 345 15.63 -24.02 13.42
N ASN B 346 14.59 -23.39 13.97
CA ASN B 346 14.71 -22.16 14.72
C ASN B 346 14.43 -22.40 16.19
N CYS B 347 15.16 -21.68 17.03
CA CYS B 347 15.01 -21.80 18.49
C CYS B 347 15.33 -20.46 19.12
N GLY B 348 14.29 -19.77 19.59
CA GLY B 348 14.49 -18.48 20.22
C GLY B 348 15.05 -17.41 19.30
N GLY B 349 14.79 -17.52 18.00
CA GLY B 349 15.27 -16.56 17.02
C GLY B 349 16.55 -16.96 16.32
N GLU B 350 17.29 -17.93 16.86
CA GLU B 350 18.54 -18.37 16.26
C GLU B 350 18.24 -19.53 15.31
N PHE B 351 18.66 -19.40 14.06
CA PHE B 351 18.44 -20.43 13.04
C PHE B 351 19.61 -21.41 13.10
N PHE B 352 19.31 -22.65 13.47
CA PHE B 352 20.31 -23.70 13.59
C PHE B 352 20.46 -24.48 12.29
N TYR B 353 21.60 -25.15 12.16
CA TYR B 353 21.94 -26.00 11.01
C TYR B 353 22.84 -27.09 11.58
N CYS B 354 22.22 -28.22 11.95
CA CYS B 354 22.92 -29.33 12.56
C CYS B 354 23.16 -30.48 11.58
N ASN B 355 24.32 -31.11 11.73
CA ASN B 355 24.75 -32.24 10.92
C ASN B 355 24.18 -33.50 11.55
N THR B 356 23.11 -34.03 10.97
CA THR B 356 22.44 -35.22 11.47
C THR B 356 23.02 -36.52 10.93
N SER B 357 24.28 -36.51 10.49
CA SER B 357 24.88 -37.73 9.97
C SER B 357 25.03 -38.81 11.03
N GLY B 358 25.35 -38.41 12.27
CA GLY B 358 25.53 -39.40 13.32
C GLY B 358 24.28 -40.20 13.63
N LEU B 359 23.12 -39.54 13.66
CA LEU B 359 21.89 -40.25 13.98
C LEU B 359 21.53 -41.25 12.89
N PHE B 360 21.60 -40.84 11.63
CA PHE B 360 21.27 -41.73 10.51
C PHE B 360 22.52 -42.54 10.14
N ASN B 361 22.91 -43.41 11.07
CA ASN B 361 24.08 -44.26 10.90
C ASN B 361 23.82 -45.56 11.67
N SER B 362 23.31 -46.57 10.96
CA SER B 362 23.01 -47.85 11.57
C SER B 362 22.54 -48.80 10.47
N THR B 363 22.48 -50.09 10.83
CA THR B 363 22.06 -51.13 9.90
C THR B 363 21.28 -52.17 10.70
N TRP B 364 20.16 -52.63 10.13
CA TRP B 364 19.29 -53.62 10.76
C TRP B 364 19.35 -54.92 9.96
N ILE B 365 19.64 -56.01 10.66
CA ILE B 365 19.73 -57.34 10.06
C ILE B 365 18.69 -58.22 10.73
N SER B 366 17.82 -58.84 9.92
CA SER B 366 16.77 -59.71 10.43
C SER B 366 15.88 -58.99 11.44
N ASP B 380 23.97 -43.19 27.92
CA ASP B 380 24.70 -42.36 26.99
C ASP B 380 23.75 -41.69 25.99
N SER B 381 24.16 -40.54 25.46
CA SER B 381 23.37 -39.78 24.50
C SER B 381 24.25 -39.36 23.34
N ILE B 382 23.65 -39.28 22.16
CA ILE B 382 24.37 -38.90 20.95
C ILE B 382 24.40 -37.39 20.85
N THR B 383 25.55 -36.85 20.44
CA THR B 383 25.74 -35.41 20.27
C THR B 383 25.76 -35.08 18.80
N LEU B 384 25.00 -34.06 18.40
CA LEU B 384 24.91 -33.65 17.02
C LEU B 384 25.76 -32.40 16.80
N PRO B 385 26.84 -32.45 16.02
CA PRO B 385 27.61 -31.22 15.79
C PRO B 385 26.77 -30.23 15.00
N CYS B 386 26.53 -29.06 15.59
CA CYS B 386 25.69 -28.05 14.98
C CYS B 386 26.41 -26.71 14.88
N ARG B 387 26.03 -25.94 13.86
CA ARG B 387 26.59 -24.62 13.59
C ARG B 387 25.45 -23.63 13.47
N ILE B 388 25.77 -22.36 13.69
CA ILE B 388 24.80 -21.27 13.64
C ILE B 388 25.02 -20.45 12.37
N LYS B 389 23.92 -19.96 11.81
CA LYS B 389 23.94 -19.13 10.61
C LYS B 389 23.05 -17.93 10.82
N GLN B 390 23.59 -16.74 10.59
CA GLN B 390 22.83 -15.51 10.76
C GLN B 390 22.09 -15.08 9.50
N ILE B 391 22.60 -15.45 8.32
CA ILE B 391 21.97 -15.13 7.05
C ILE B 391 21.12 -16.33 6.65
N ILE B 392 19.83 -16.10 6.40
CA ILE B 392 18.91 -17.17 6.04
C ILE B 392 18.18 -16.80 4.75
N ASN B 393 17.84 -17.83 3.98
CA ASN B 393 17.12 -17.75 2.71
C ASN B 393 15.95 -18.72 2.72
N MET B 394 15.13 -18.63 3.77
CA MET B 394 13.97 -19.49 3.95
C MET B 394 13.11 -19.53 2.69
N TRP B 395 12.38 -20.65 2.55
CA TRP B 395 11.47 -20.93 1.44
C TRP B 395 12.20 -21.25 0.14
N GLN B 396 13.53 -21.35 0.17
CA GLN B 396 14.33 -21.66 -1.02
C GLN B 396 14.08 -20.68 -2.16
N ARG B 397 14.01 -19.39 -1.86
CA ARG B 397 13.78 -18.35 -2.85
C ARG B 397 14.76 -17.21 -2.61
N ILE B 398 15.35 -16.71 -3.68
CA ILE B 398 16.32 -15.64 -3.60
C ILE B 398 15.60 -14.29 -3.64
N GLY B 399 16.31 -13.25 -3.21
CA GLY B 399 15.77 -11.90 -3.19
C GLY B 399 15.09 -11.47 -1.91
N GLN B 400 14.96 -12.34 -0.92
CA GLN B 400 14.31 -12.00 0.35
C GLN B 400 15.11 -12.58 1.51
N CYS B 401 16.43 -12.38 1.48
CA CYS B 401 17.29 -12.89 2.54
C CYS B 401 17.04 -12.16 3.85
N MET B 402 17.35 -12.85 4.95
CA MET B 402 17.19 -12.35 6.31
C MET B 402 18.52 -12.35 7.05
N TYR B 403 18.64 -11.43 8.01
CA TYR B 403 19.82 -11.29 8.86
C TYR B 403 19.26 -11.29 10.29
N ALA B 404 19.08 -12.48 10.84
CA ALA B 404 18.54 -12.57 12.19
C ALA B 404 19.49 -11.91 13.19
N PRO B 405 18.98 -11.20 14.18
CA PRO B 405 19.86 -10.54 15.15
C PRO B 405 20.25 -11.50 16.25
N PRO B 406 21.34 -11.23 16.97
CA PRO B 406 21.75 -12.13 18.06
C PRO B 406 20.83 -11.98 19.26
N ILE B 407 20.87 -12.99 20.13
CA ILE B 407 20.06 -13.03 21.34
C ILE B 407 20.98 -13.16 22.53
N GLN B 408 20.72 -12.36 23.57
CA GLN B 408 21.53 -12.38 24.77
C GLN B 408 21.26 -13.65 25.58
N GLY B 409 22.19 -13.96 26.48
CA GLY B 409 22.06 -15.13 27.32
C GLY B 409 22.43 -16.42 26.60
N VAL B 410 21.96 -17.53 27.17
CA VAL B 410 22.21 -18.86 26.65
C VAL B 410 20.88 -19.43 26.18
N ILE B 411 20.83 -19.83 24.91
CA ILE B 411 19.62 -20.39 24.32
C ILE B 411 19.55 -21.87 24.67
N ARG B 412 18.37 -22.31 25.10
CA ARG B 412 18.16 -23.72 25.46
C ARG B 412 16.68 -24.00 25.33
N CYS B 413 16.30 -24.83 24.35
CA CYS B 413 14.92 -25.18 24.12
C CYS B 413 14.77 -26.67 23.89
N VAL B 414 13.62 -27.20 24.33
CA VAL B 414 13.28 -28.60 24.20
C VAL B 414 12.28 -28.73 23.07
N SER B 415 12.31 -29.86 22.36
CA SER B 415 11.39 -30.07 21.25
C SER B 415 11.00 -31.54 21.18
N ASN B 416 9.88 -31.78 20.50
CA ASN B 416 9.32 -33.12 20.31
C ASN B 416 9.55 -33.55 18.87
N ILE B 417 10.28 -34.66 18.68
CA ILE B 417 10.52 -35.20 17.35
C ILE B 417 9.39 -36.20 17.10
N THR B 418 8.54 -35.90 16.11
CA THR B 418 7.39 -36.73 15.79
C THR B 418 7.41 -37.35 14.40
N GLY B 419 8.16 -36.78 13.45
CA GLY B 419 8.18 -37.34 12.11
C GLY B 419 9.52 -37.16 11.43
N LEU B 420 9.61 -37.78 10.25
CA LEU B 420 10.82 -37.74 9.44
C LEU B 420 10.45 -37.60 7.97
N ILE B 421 11.42 -37.11 7.20
CA ILE B 421 11.28 -36.94 5.75
C ILE B 421 12.39 -37.78 5.13
N LEU B 422 12.09 -39.03 4.84
CA LEU B 422 13.06 -39.96 4.27
C LEU B 422 13.03 -39.95 2.75
N THR B 423 14.14 -40.40 2.16
CA THR B 423 14.30 -40.49 0.73
C THR B 423 14.96 -41.82 0.41
N ARG B 424 14.48 -42.48 -0.65
CA ARG B 424 15.00 -43.76 -1.09
C ARG B 424 15.82 -43.58 -2.36
N ASP B 425 17.02 -44.15 -2.37
CA ASP B 425 17.91 -44.05 -3.52
C ASP B 425 17.55 -45.13 -4.54
N GLY B 426 18.08 -44.96 -5.75
CA GLY B 426 17.82 -45.92 -6.82
C GLY B 426 18.46 -47.26 -6.49
N GLY B 427 17.76 -48.34 -6.88
CA GLY B 427 18.23 -49.69 -6.65
C GLY B 427 18.37 -50.49 -7.93
N SER B 428 18.67 -51.78 -7.75
CA SER B 428 18.83 -52.70 -8.87
C SER B 428 18.41 -54.08 -8.36
N THR B 429 17.18 -54.49 -8.72
CA THR B 429 16.62 -55.76 -8.30
C THR B 429 16.46 -55.85 -6.78
N ASN B 430 16.48 -54.69 -6.11
CA ASN B 430 16.36 -54.54 -4.66
C ASN B 430 17.62 -54.95 -3.91
N SER B 431 18.58 -55.60 -4.58
CA SER B 431 19.85 -56.04 -4.01
C SER B 431 19.73 -56.65 -2.61
N THR B 432 18.58 -57.24 -2.28
CA THR B 432 18.34 -57.83 -0.96
C THR B 432 18.58 -56.83 0.16
N THR B 433 18.50 -55.53 -0.13
CA THR B 433 18.72 -54.49 0.86
C THR B 433 18.39 -53.14 0.24
N GLU B 434 17.90 -52.22 1.07
CA GLU B 434 17.53 -50.88 0.63
C GLU B 434 18.15 -49.86 1.57
N THR B 435 18.59 -48.74 0.99
CA THR B 435 19.22 -47.66 1.73
C THR B 435 18.28 -46.46 1.77
N PHE B 436 18.25 -45.78 2.92
CA PHE B 436 17.41 -44.61 3.13
C PHE B 436 18.26 -43.46 3.65
N ARG B 437 17.91 -42.26 3.23
CA ARG B 437 18.59 -41.03 3.62
C ARG B 437 17.56 -40.00 4.02
N PRO B 438 17.94 -39.01 4.85
CA PRO B 438 16.98 -37.98 5.28
C PRO B 438 16.80 -36.93 4.20
N GLY B 439 15.62 -36.92 3.57
CA GLY B 439 15.35 -35.97 2.53
C GLY B 439 15.28 -34.55 3.05
N GLY B 440 15.63 -33.61 2.18
CA GLY B 440 15.62 -32.19 2.51
C GLY B 440 14.65 -31.41 1.66
N GLY B 441 13.47 -31.96 1.43
CA GLY B 441 12.46 -31.30 0.63
C GLY B 441 12.00 -29.97 1.20
N ASP B 442 11.09 -29.31 0.50
CA ASP B 442 10.58 -28.02 0.95
C ASP B 442 9.64 -28.22 2.13
N MET B 443 9.01 -27.12 2.56
CA MET B 443 8.10 -27.15 3.71
C MET B 443 6.72 -27.68 3.39
N ARG B 444 6.40 -27.96 2.11
CA ARG B 444 5.07 -28.47 1.79
C ARG B 444 4.83 -29.79 2.51
N ASP B 445 5.82 -30.68 2.51
CA ASP B 445 5.67 -31.96 3.20
C ASP B 445 5.52 -31.73 4.71
N ASN B 446 6.30 -30.79 5.25
CA ASN B 446 6.24 -30.49 6.68
C ASN B 446 4.82 -30.09 7.08
N TRP B 447 4.21 -29.18 6.33
CA TRP B 447 2.86 -28.76 6.66
C TRP B 447 1.82 -29.81 6.28
N ARG B 448 2.14 -30.69 5.33
CA ARG B 448 1.20 -31.72 4.94
C ARG B 448 1.12 -32.82 6.00
N SER B 449 2.21 -33.04 6.74
CA SER B 449 2.20 -34.08 7.77
C SER B 449 1.17 -33.78 8.86
N GLU B 450 0.83 -32.51 9.06
CA GLU B 450 -0.14 -32.14 10.09
C GLU B 450 -1.56 -32.00 9.55
N LEU B 451 -1.71 -31.69 8.26
CA LEU B 451 -3.01 -31.51 7.64
C LEU B 451 -3.43 -32.74 6.82
N TYR B 452 -2.77 -33.88 7.02
CA TYR B 452 -3.11 -35.07 6.26
C TYR B 452 -4.53 -35.55 6.55
N LYS B 453 -5.07 -35.25 7.72
CA LYS B 453 -6.41 -35.68 8.11
C LYS B 453 -7.45 -34.57 7.95
N TYR B 454 -7.33 -33.74 6.91
CA TYR B 454 -8.27 -32.66 6.67
C TYR B 454 -8.49 -32.46 5.18
N LYS B 455 -9.69 -31.98 4.85
CA LYS B 455 -10.07 -31.71 3.47
C LYS B 455 -11.25 -30.74 3.49
N VAL B 456 -11.30 -29.86 2.50
CA VAL B 456 -12.36 -28.86 2.39
C VAL B 456 -13.30 -29.28 1.27
N VAL B 457 -14.61 -29.15 1.54
CA VAL B 457 -15.66 -29.51 0.59
C VAL B 457 -16.69 -28.39 0.56
N LYS B 458 -17.42 -28.34 -0.55
CA LYS B 458 -18.46 -27.34 -0.78
C LYS B 458 -19.82 -27.98 -0.58
N ILE B 459 -20.69 -27.31 0.19
CA ILE B 459 -22.02 -27.83 0.46
C ILE B 459 -22.94 -27.53 -0.71
N GLU B 460 -23.86 -28.46 -0.98
CA GLU B 460 -24.83 -28.34 -2.06
C GLU B 460 -26.20 -28.60 -1.43
N PRO B 461 -26.82 -27.58 -0.83
CA PRO B 461 -28.13 -27.79 -0.19
C PRO B 461 -29.29 -28.00 -1.16
N LEU B 462 -29.06 -28.04 -2.47
CA LEU B 462 -30.12 -28.24 -3.45
C LEU B 462 -30.22 -29.72 -3.80
N GLY B 463 -31.43 -30.26 -3.73
CA GLY B 463 -31.67 -31.66 -4.04
C GLY B 463 -33.08 -31.86 -4.53
N VAL B 464 -33.26 -32.93 -5.30
CA VAL B 464 -34.55 -33.27 -5.88
C VAL B 464 -34.80 -34.76 -5.68
N ALA B 465 -36.01 -35.11 -5.23
CA ALA B 465 -36.40 -36.49 -5.00
C ALA B 465 -37.88 -36.64 -5.31
N PRO B 466 -38.33 -37.84 -5.65
CA PRO B 466 -39.76 -38.02 -5.95
C PRO B 466 -40.60 -38.18 -4.70
N THR B 467 -41.86 -37.79 -4.83
CA THR B 467 -42.82 -37.89 -3.73
C THR B 467 -44.22 -37.97 -4.30
N ARG B 468 -45.11 -38.65 -3.58
CA ARG B 468 -46.50 -38.80 -3.99
C ARG B 468 -47.27 -37.54 -3.57
N CYS B 469 -46.95 -36.44 -4.25
CA CYS B 469 -47.57 -35.15 -3.97
C CYS B 469 -47.85 -34.42 -5.28
N LYS B 470 -48.81 -33.50 -5.21
CA LYS B 470 -49.23 -32.69 -6.35
C LYS B 470 -49.53 -31.30 -5.87
N ARG B 471 -48.85 -30.30 -6.43
CA ARG B 471 -49.06 -28.90 -6.03
C ARG B 471 -50.52 -28.50 -6.24
N ARG B 472 -51.23 -28.25 -5.14
CA ARG B 472 -52.62 -27.85 -5.23
C ARG B 472 -52.76 -26.50 -5.92
N VAL B 473 -53.72 -26.43 -6.84
CA VAL B 473 -53.96 -25.19 -7.59
C VAL B 473 -54.85 -24.26 -6.76
N ASN C 3 -55.22 -17.66 26.22
CA ASN C 3 -55.15 -18.34 24.89
C ASN C 3 -54.43 -17.46 23.87
N LEU C 4 -53.48 -16.66 24.35
CA LEU C 4 -52.72 -15.78 23.46
C LEU C 4 -51.72 -16.58 22.64
N TRP C 5 -51.40 -16.04 21.46
CA TRP C 5 -50.45 -16.66 20.55
C TRP C 5 -49.39 -15.64 20.16
N VAL C 6 -48.13 -16.09 20.11
CA VAL C 6 -47.03 -15.21 19.76
C VAL C 6 -47.14 -14.81 18.30
N THR C 7 -46.74 -13.57 18.01
CA THR C 7 -46.76 -13.02 16.65
C THR C 7 -45.39 -12.45 16.33
N VAL C 8 -44.99 -12.55 15.07
CA VAL C 8 -43.70 -12.06 14.60
C VAL C 8 -43.91 -10.76 13.84
N TYR C 9 -43.13 -9.74 14.19
CA TYR C 9 -43.18 -8.43 13.57
C TYR C 9 -41.78 -8.08 13.10
N TYR C 10 -41.70 -7.38 11.95
CA TYR C 10 -40.45 -6.99 11.35
C TYR C 10 -40.42 -5.48 11.14
N GLY C 11 -39.24 -4.89 11.28
CA GLY C 11 -39.08 -3.46 11.09
C GLY C 11 -39.57 -2.61 12.25
N VAL C 12 -39.70 -3.20 13.43
CA VAL C 12 -40.18 -2.45 14.60
C VAL C 12 -39.08 -1.52 15.09
N PRO C 13 -39.39 -0.40 15.75
CA PRO C 13 -38.34 0.50 16.23
C PRO C 13 -37.67 -0.01 17.49
N VAL C 14 -36.46 -0.54 17.34
CA VAL C 14 -35.68 -1.06 18.46
C VAL C 14 -34.21 -0.91 18.09
N TRP C 15 -33.45 -0.26 18.97
CA TRP C 15 -32.02 -0.04 18.74
C TRP C 15 -31.23 -0.36 20.00
N LYS C 16 -30.00 -0.80 19.80
CA LYS C 16 -29.09 -1.16 20.88
C LYS C 16 -27.71 -0.58 20.58
N ASP C 17 -27.05 -0.07 21.62
CA ASP C 17 -25.71 0.49 21.46
C ASP C 17 -24.74 -0.59 21.06
N ALA C 18 -23.87 -0.28 20.09
CA ALA C 18 -22.90 -1.26 19.62
C ALA C 18 -21.79 -0.53 18.86
N GLU C 19 -20.71 -1.27 18.62
CA GLU C 19 -19.55 -0.74 17.91
C GLU C 19 -19.74 -0.97 16.41
N THR C 20 -19.28 0.00 15.61
CA THR C 20 -19.40 -0.11 14.16
C THR C 20 -18.44 0.88 13.51
N THR C 21 -18.32 0.76 12.19
CA THR C 21 -17.45 1.60 11.39
C THR C 21 -18.29 2.55 10.55
N LEU C 22 -17.81 3.79 10.42
CA LEU C 22 -18.49 4.83 9.66
C LEU C 22 -17.66 5.17 8.42
N PHE C 23 -18.22 6.03 7.56
CA PHE C 23 -17.58 6.46 6.34
C PHE C 23 -17.72 7.96 6.18
N CYS C 24 -16.79 8.55 5.42
CA CYS C 24 -16.76 9.98 5.19
C CYS C 24 -17.90 10.43 4.28
N ALA C 25 -18.13 11.75 4.31
CA ALA C 25 -19.16 12.41 3.52
C ALA C 25 -18.93 13.91 3.59
N SER C 26 -18.94 14.59 2.43
CA SER C 26 -18.71 16.02 2.39
C SER C 26 -19.16 16.55 1.03
N ASP C 27 -18.90 17.82 0.78
CA ASP C 27 -19.28 18.44 -0.49
C ASP C 27 -18.38 17.94 -1.62
N HIS C 36 -5.95 20.43 -3.08
CA HIS C 36 -6.26 19.24 -2.30
C HIS C 36 -5.89 19.43 -0.84
N ASN C 37 -6.47 18.59 0.02
CA ASN C 37 -6.23 18.61 1.46
C ASN C 37 -5.61 17.28 1.87
N VAL C 38 -4.98 17.28 3.04
CA VAL C 38 -4.35 16.05 3.52
C VAL C 38 -5.39 14.95 3.69
N TRP C 39 -6.62 15.31 4.06
CA TRP C 39 -7.64 14.29 4.23
C TRP C 39 -8.18 13.76 2.91
N ALA C 40 -7.87 14.43 1.79
CA ALA C 40 -8.30 14.02 0.45
C ALA C 40 -9.82 13.77 0.40
N THR C 41 -10.55 14.85 0.63
CA THR C 41 -12.02 14.77 0.61
C THR C 41 -12.57 14.47 -0.78
N HIS C 42 -11.76 14.53 -1.82
CA HIS C 42 -12.25 14.24 -3.17
C HIS C 42 -12.85 12.84 -3.25
N ALA C 43 -12.34 11.90 -2.45
CA ALA C 43 -12.85 10.53 -2.45
C ALA C 43 -14.06 10.35 -1.55
N CYS C 44 -14.38 11.33 -0.70
CA CYS C 44 -15.54 11.21 0.16
C CYS C 44 -16.80 11.20 -0.70
N VAL C 45 -17.71 10.27 -0.45
CA VAL C 45 -18.93 10.23 -1.24
C VAL C 45 -19.72 11.51 -1.02
N PRO C 46 -20.24 12.18 -2.05
CA PRO C 46 -20.98 13.42 -1.82
C PRO C 46 -22.24 13.17 -1.02
N THR C 47 -22.57 14.13 -0.15
CA THR C 47 -23.74 14.07 0.70
C THR C 47 -24.85 14.91 0.08
N ASP C 48 -26.10 14.53 0.36
CA ASP C 48 -27.22 15.26 -0.19
C ASP C 48 -27.24 16.68 0.38
N PRO C 49 -27.77 17.66 -0.38
CA PRO C 49 -27.81 19.04 0.12
C PRO C 49 -28.88 19.30 1.15
N ASN C 50 -29.65 18.27 1.55
CA ASN C 50 -30.71 18.41 2.54
C ASN C 50 -30.50 17.38 3.64
N PRO C 51 -29.71 17.70 4.68
CA PRO C 51 -29.51 16.74 5.76
C PRO C 51 -30.79 16.57 6.57
N GLN C 52 -31.68 15.72 6.06
CA GLN C 52 -32.97 15.49 6.71
C GLN C 52 -32.79 15.03 8.15
N GLU C 53 -33.54 15.64 9.05
CA GLU C 53 -33.53 15.33 10.47
C GLU C 53 -34.95 15.03 10.90
N ILE C 54 -35.14 13.92 11.62
CA ILE C 54 -36.46 13.49 12.07
C ILE C 54 -36.45 13.50 13.60
N HIS C 55 -37.44 14.17 14.19
CA HIS C 55 -37.54 14.23 15.63
C HIS C 55 -38.15 12.95 16.17
N LEU C 56 -37.94 12.71 17.46
CA LEU C 56 -38.44 11.51 18.14
C LEU C 56 -39.15 11.92 19.42
N GLU C 57 -40.45 12.22 19.30
CA GLU C 57 -41.23 12.62 20.47
C GLU C 57 -41.41 11.43 21.41
N ASN C 58 -41.44 11.73 22.70
CA ASN C 58 -41.62 10.74 23.75
C ASN C 58 -40.49 9.70 23.77
N VAL C 59 -39.29 10.08 23.32
CA VAL C 59 -38.14 9.18 23.29
C VAL C 59 -37.03 9.76 24.16
N THR C 60 -36.52 8.94 25.07
CA THR C 60 -35.43 9.33 25.96
C THR C 60 -34.39 8.21 25.92
N GLU C 61 -33.12 8.60 25.78
CA GLU C 61 -32.03 7.65 25.71
C GLU C 61 -30.87 8.14 26.55
N GLU C 62 -30.07 7.19 27.04
CA GLU C 62 -28.91 7.49 27.87
C GLU C 62 -27.70 7.68 26.97
N PHE C 63 -27.04 8.82 27.09
CA PHE C 63 -25.85 9.15 26.31
C PHE C 63 -24.64 9.19 27.23
N ASN C 64 -23.58 8.49 26.83
CA ASN C 64 -22.32 8.42 27.58
C ASN C 64 -21.21 8.77 26.60
N MET C 65 -20.95 10.08 26.44
CA MET C 65 -19.93 10.53 25.51
C MET C 65 -18.52 10.16 25.96
N TRP C 66 -18.29 9.95 27.25
CA TRP C 66 -16.94 9.58 27.70
C TRP C 66 -16.54 8.19 27.20
N LYS C 67 -17.49 7.26 27.15
CA LYS C 67 -17.22 5.91 26.67
C LYS C 67 -17.64 5.72 25.21
N ASN C 68 -17.93 6.81 24.51
CA ASN C 68 -18.34 6.72 23.11
C ASN C 68 -17.19 6.22 22.26
N ASN C 69 -17.53 5.46 21.20
CA ASN C 69 -16.54 4.90 20.31
C ASN C 69 -16.22 5.80 19.12
N MET C 70 -17.09 6.75 18.79
CA MET C 70 -16.82 7.61 17.65
C MET C 70 -15.54 8.43 17.85
N VAL C 71 -15.18 8.72 19.09
CA VAL C 71 -13.96 9.48 19.33
C VAL C 71 -12.74 8.68 18.88
N GLU C 72 -12.70 7.39 19.22
CA GLU C 72 -11.59 6.55 18.80
C GLU C 72 -11.58 6.40 17.29
N GLN C 73 -12.77 6.29 16.69
CA GLN C 73 -12.85 6.17 15.25
C GLN C 73 -12.28 7.41 14.57
N MET C 74 -12.64 8.59 15.09
CA MET C 74 -12.11 9.83 14.53
C MET C 74 -10.60 9.90 14.70
N HIS C 75 -10.10 9.53 15.87
CA HIS C 75 -8.66 9.58 16.11
C HIS C 75 -7.91 8.70 15.11
N THR C 76 -8.34 7.44 14.99
CA THR C 76 -7.69 6.51 14.08
C THR C 76 -7.83 6.97 12.62
N ASP C 77 -9.00 7.45 12.23
CA ASP C 77 -9.20 7.90 10.87
C ASP C 77 -8.32 9.09 10.53
N ILE C 78 -8.24 10.06 11.43
CA ILE C 78 -7.42 11.24 11.19
C ILE C 78 -5.95 10.84 11.09
N ILE C 79 -5.51 9.94 11.98
CA ILE C 79 -4.11 9.50 11.93
C ILE C 79 -3.84 8.79 10.61
N SER C 80 -4.76 7.93 10.17
CA SER C 80 -4.58 7.21 8.92
C SER C 80 -4.47 8.18 7.75
N LEU C 81 -5.34 9.19 7.70
CA LEU C 81 -5.26 10.15 6.60
C LEU C 81 -3.97 10.94 6.65
N TRP C 82 -3.53 11.32 7.85
CA TRP C 82 -2.29 12.08 7.96
C TRP C 82 -1.11 11.26 7.47
N ASP C 83 -1.08 9.97 7.82
CA ASP C 83 0.03 9.13 7.38
C ASP C 83 -0.05 8.81 5.90
N GLN C 84 -1.25 8.73 5.34
CA GLN C 84 -1.40 8.42 3.92
C GLN C 84 -1.05 9.62 3.04
N SER C 85 -1.45 10.82 3.45
CA SER C 85 -1.18 12.00 2.63
C SER C 85 0.31 12.34 2.59
N LEU C 86 1.04 12.08 3.67
CA LEU C 86 2.47 12.40 3.70
C LEU C 86 3.33 11.30 3.10
N LYS C 87 2.76 10.15 2.76
CA LYS C 87 3.56 9.07 2.19
C LYS C 87 4.18 9.43 0.84
N PRO C 88 3.46 10.00 -0.13
CA PRO C 88 4.10 10.32 -1.41
C PRO C 88 5.01 11.53 -1.39
N CYS C 89 5.01 12.32 -0.31
CA CYS C 89 5.81 13.57 -0.25
C CYS C 89 7.31 13.23 -0.18
N VAL C 90 8.19 14.16 -0.55
CA VAL C 90 9.67 13.92 -0.62
C VAL C 90 10.27 13.83 0.78
N LYS C 91 10.84 12.68 1.12
CA LYS C 91 11.48 12.46 2.44
C LYS C 91 12.76 13.31 2.51
N LEU C 92 13.19 13.70 3.71
CA LEU C 92 14.42 14.52 3.90
C LEU C 92 15.47 13.68 4.63
N THR C 93 15.66 12.41 4.27
CA THR C 93 16.73 11.61 4.86
C THR C 93 18.11 12.24 4.76
N PRO C 94 18.51 12.93 3.67
CA PRO C 94 19.87 13.50 3.65
C PRO C 94 20.01 14.81 4.42
N LEU C 95 18.94 15.33 5.00
CA LEU C 95 19.04 16.59 5.74
C LEU C 95 19.86 16.47 7.01
N CYS C 96 20.10 15.26 7.50
CA CYS C 96 20.87 15.05 8.72
C CYS C 96 22.35 15.14 8.40
N VAL C 97 22.89 16.36 8.50
CA VAL C 97 24.29 16.65 8.23
C VAL C 97 24.78 17.65 9.27
N THR C 98 26.08 17.90 9.27
CA THR C 98 26.67 18.84 10.21
C THR C 98 26.30 20.26 9.79
N LEU C 99 25.56 20.96 10.66
CA LEU C 99 25.11 22.32 10.38
C LEU C 99 25.94 23.31 11.18
N GLN C 100 26.54 24.26 10.48
CA GLN C 100 27.34 25.32 11.09
C GLN C 100 26.46 26.56 11.11
N CYS C 101 25.90 26.89 12.27
CA CYS C 101 24.99 28.01 12.43
C CYS C 101 25.61 29.17 13.18
N THR C 102 24.99 30.34 12.99
CA THR C 102 25.39 31.59 13.61
C THR C 102 24.12 32.38 13.89
N ASN C 103 24.17 33.23 14.91
CA ASN C 103 23.00 34.02 15.27
C ASN C 103 22.66 35.00 14.15
N VAL C 104 21.36 35.23 13.96
CA VAL C 104 20.87 36.13 12.93
C VAL C 104 20.98 37.56 13.48
N THR C 105 22.03 38.26 13.09
CA THR C 105 22.28 39.64 13.53
C THR C 105 22.28 39.73 15.06
N ASP C 111 14.69 42.26 16.43
CA ASP C 111 15.96 41.55 16.71
C ASP C 111 16.23 41.61 18.22
N MET C 112 15.25 41.22 19.03
CA MET C 112 15.40 41.21 20.51
C MET C 112 15.06 39.81 21.05
N ARG C 113 15.27 38.77 20.25
CA ARG C 113 14.92 37.39 20.66
C ARG C 113 16.19 36.51 20.73
N GLY C 114 17.11 36.67 19.78
CA GLY C 114 18.32 35.82 19.74
C GLY C 114 17.93 34.34 19.63
N GLU C 115 16.94 34.02 18.80
CA GLU C 115 16.45 32.63 18.67
C GLU C 115 16.71 32.10 17.24
N LEU C 116 16.32 32.87 16.22
CA LEU C 116 16.50 32.41 14.82
C LEU C 116 18.00 32.24 14.53
N LYS C 117 18.39 31.13 13.88
CA LYS C 117 19.82 30.86 13.59
C LYS C 117 20.03 30.73 12.08
N ASN C 118 21.19 31.19 11.57
CA ASN C 118 21.50 31.10 10.12
C ASN C 118 22.46 29.93 9.94
N CYS C 119 21.94 28.79 9.49
CA CYS C 119 22.73 27.58 9.32
C CYS C 119 23.17 27.37 7.87
N SER C 120 24.41 26.93 7.72
CA SER C 120 25.02 26.62 6.42
C SER C 120 25.40 25.16 6.45
N PHE C 121 25.04 24.42 5.41
CA PHE C 121 25.31 22.99 5.36
C PHE C 121 25.47 22.54 3.91
N ASN C 122 25.99 21.32 3.79
CA ASN C 122 26.22 20.73 2.46
C ASN C 122 25.01 19.89 2.06
N MET C 123 24.80 19.74 0.76
CA MET C 123 23.68 18.98 0.23
C MET C 123 23.99 18.46 -1.16
N THR C 124 23.29 17.40 -1.53
CA THR C 124 23.43 16.80 -2.85
C THR C 124 22.64 17.63 -3.85
N THR C 125 22.57 17.17 -5.09
CA THR C 125 21.83 17.87 -6.13
C THR C 125 21.31 16.85 -7.12
N GLU C 126 20.93 17.32 -8.32
CA GLU C 126 20.43 16.43 -9.35
C GLU C 126 21.42 15.30 -9.62
N LEU C 127 22.70 15.62 -9.60
CA LEU C 127 23.76 14.64 -9.82
C LEU C 127 24.30 14.19 -8.47
N ARG C 128 24.53 12.89 -8.34
CA ARG C 128 25.03 12.31 -7.09
C ARG C 128 26.54 12.44 -6.91
N ASP C 129 27.29 12.78 -7.96
CA ASP C 129 28.74 12.90 -7.86
C ASP C 129 29.23 14.27 -7.43
N LYS C 130 28.35 15.24 -7.24
CA LYS C 130 28.76 16.57 -6.83
C LYS C 130 27.81 17.12 -5.78
N LYS C 131 28.37 17.89 -4.85
CA LYS C 131 27.59 18.47 -3.74
C LYS C 131 27.30 19.92 -4.06
N GLN C 132 26.61 20.63 -3.19
CA GLN C 132 26.29 22.04 -3.33
C GLN C 132 26.20 22.67 -1.95
N LYS C 133 26.80 23.85 -1.81
CA LYS C 133 26.80 24.58 -0.55
C LYS C 133 25.60 25.53 -0.53
N VAL C 134 24.77 25.41 0.50
CA VAL C 134 23.58 26.23 0.67
C VAL C 134 23.43 26.59 2.14
N TYR C 135 22.50 27.50 2.41
CA TYR C 135 22.21 27.97 3.76
C TYR C 135 20.70 28.00 3.96
N SER C 136 20.28 27.87 5.21
CA SER C 136 18.86 27.88 5.55
C SER C 136 18.70 28.26 7.01
N LEU C 137 17.70 29.08 7.29
CA LEU C 137 17.43 29.52 8.64
C LEU C 137 16.61 28.46 9.38
N PHE C 138 17.01 28.15 10.60
CA PHE C 138 16.34 27.16 11.43
C PHE C 138 16.14 27.74 12.83
N TYR C 139 14.94 27.55 13.37
CA TYR C 139 14.64 28.04 14.69
C TYR C 139 15.39 27.21 15.75
N ARG C 140 15.59 27.82 16.91
CA ARG C 140 16.31 27.15 17.99
C ARG C 140 15.63 25.86 18.42
N LEU C 141 14.30 25.78 18.28
CA LEU C 141 13.59 24.58 18.69
C LEU C 141 13.84 23.40 17.75
N ASP C 142 14.34 23.65 16.55
CA ASP C 142 14.61 22.60 15.58
C ASP C 142 16.07 22.16 15.52
N VAL C 143 16.92 22.68 16.40
CA VAL C 143 18.34 22.33 16.42
C VAL C 143 18.78 22.07 17.85
N VAL C 144 19.83 21.25 17.98
CA VAL C 144 20.40 20.90 19.27
C VAL C 144 21.92 20.95 19.14
N GLN C 145 22.59 21.21 20.27
CA GLN C 145 24.04 21.30 20.27
C GLN C 145 24.67 19.92 20.36
N ILE C 146 25.68 19.68 19.53
CA ILE C 146 26.40 18.41 19.51
C ILE C 146 27.88 18.69 19.67
N ASN C 147 28.21 19.78 20.36
CA ASN C 147 29.60 20.17 20.59
C ASN C 147 30.35 20.36 19.28
N SER C 157 32.14 32.85 16.46
CA SER C 157 30.75 32.81 16.90
C SER C 157 29.95 31.79 16.10
N ASN C 158 30.60 30.69 15.72
CA ASN C 158 29.97 29.63 14.95
C ASN C 158 30.24 28.29 15.60
N LYS C 159 29.22 27.44 15.66
CA LYS C 159 29.33 26.12 16.25
C LYS C 159 28.54 25.13 15.41
N GLU C 160 28.81 23.84 15.63
CA GLU C 160 28.15 22.77 14.90
C GLU C 160 26.83 22.41 15.59
N TYR C 161 25.78 22.24 14.80
CA TYR C 161 24.47 21.90 15.32
C TYR C 161 23.88 20.76 14.48
N ARG C 162 22.89 20.08 15.08
CA ARG C 162 22.23 18.95 14.45
C ARG C 162 20.73 19.07 14.69
N LEU C 163 19.95 18.57 13.74
CA LEU C 163 18.49 18.61 13.87
C LEU C 163 18.05 17.65 14.97
N ILE C 164 17.00 18.04 15.69
CA ILE C 164 16.50 17.22 16.79
C ILE C 164 15.92 15.90 16.34
N ASN C 165 15.54 15.76 15.07
CA ASN C 165 14.94 14.53 14.56
C ASN C 165 15.95 13.54 14.01
N CYS C 166 17.24 13.88 13.96
CA CYS C 166 18.22 12.93 13.42
C CYS C 166 18.38 11.72 14.32
N ASN C 167 18.51 11.92 15.62
CA ASN C 167 18.68 10.79 16.53
C ASN C 167 17.35 10.13 16.87
N THR C 168 16.23 10.60 16.32
CA THR C 168 14.92 10.03 16.57
C THR C 168 14.33 9.40 15.31
N SER C 169 14.19 10.16 14.22
CA SER C 169 13.64 9.63 12.98
C SER C 169 13.72 10.63 11.83
N ALA C 170 14.00 10.14 10.63
CA ALA C 170 14.08 10.98 9.43
C ALA C 170 12.71 10.98 8.78
N CYS C 171 11.99 12.10 8.91
CA CYS C 171 10.65 12.25 8.37
C CYS C 171 10.63 13.16 7.14
N THR C 172 9.52 13.08 6.42
CA THR C 172 9.29 13.83 5.20
C THR C 172 8.78 15.24 5.51
N GLN C 173 8.47 15.98 4.44
CA GLN C 173 7.96 17.34 4.52
C GLN C 173 6.61 17.41 3.84
N ALA C 174 5.71 18.23 4.40
CA ALA C 174 4.38 18.38 3.82
C ALA C 174 4.49 19.05 2.46
N CYS C 175 3.88 18.43 1.46
CA CYS C 175 3.92 18.99 0.11
C CYS C 175 3.15 20.31 0.10
N PRO C 176 3.73 21.39 -0.46
CA PRO C 176 3.00 22.67 -0.46
C PRO C 176 1.68 22.62 -1.24
N LYS C 177 1.56 21.71 -2.21
CA LYS C 177 0.33 21.63 -2.98
C LYS C 177 -0.87 21.31 -2.09
N VAL C 178 -0.64 20.61 -0.98
CA VAL C 178 -1.70 20.25 -0.06
C VAL C 178 -1.82 21.33 1.00
N SER C 179 -3.05 21.62 1.42
CA SER C 179 -3.36 22.63 2.42
C SER C 179 -3.80 21.96 3.72
N PHE C 180 -3.85 22.76 4.78
CA PHE C 180 -4.26 22.32 6.10
C PHE C 180 -5.53 23.02 6.59
N GLU C 181 -6.36 23.50 5.68
CA GLU C 181 -7.58 24.19 6.07
C GLU C 181 -8.52 23.19 6.77
N PRO C 182 -8.93 23.44 8.02
CA PRO C 182 -9.83 22.47 8.68
C PRO C 182 -11.23 22.50 8.08
N ILE C 183 -11.37 21.98 6.86
CA ILE C 183 -12.66 21.94 6.19
C ILE C 183 -13.56 20.96 6.95
N PRO C 184 -14.87 21.17 7.00
CA PRO C 184 -15.72 20.26 7.75
C PRO C 184 -15.86 18.90 7.07
N ILE C 185 -16.13 17.89 7.90
CA ILE C 185 -16.32 16.51 7.46
C ILE C 185 -17.56 15.97 8.15
N HIS C 186 -18.41 15.29 7.39
CA HIS C 186 -19.65 14.72 7.91
C HIS C 186 -19.55 13.21 7.96
N TYR C 187 -19.95 12.64 9.10
CA TYR C 187 -19.94 11.19 9.31
C TYR C 187 -21.37 10.68 9.17
N CYS C 188 -21.56 9.71 8.27
CA CYS C 188 -22.87 9.11 8.02
C CYS C 188 -22.80 7.63 8.37
N ALA C 189 -23.75 7.17 9.18
CA ALA C 189 -23.76 5.77 9.56
C ALA C 189 -24.09 4.90 8.35
N PRO C 190 -23.63 3.66 8.33
CA PRO C 190 -23.92 2.78 7.20
C PRO C 190 -25.34 2.24 7.28
N ALA C 191 -25.70 1.43 6.28
CA ALA C 191 -27.03 0.83 6.27
C ALA C 191 -27.22 -0.07 7.47
N GLY C 192 -28.43 -0.03 8.04
CA GLY C 192 -28.75 -0.83 9.20
C GLY C 192 -28.42 -0.17 10.53
N PHE C 193 -27.84 1.02 10.52
CA PHE C 193 -27.46 1.75 11.72
C PHE C 193 -28.10 3.13 11.67
N ALA C 194 -28.01 3.84 12.81
CA ALA C 194 -28.57 5.18 12.90
C ALA C 194 -27.79 5.96 13.95
N ILE C 195 -27.88 7.29 13.86
CA ILE C 195 -27.22 8.21 14.78
C ILE C 195 -28.29 9.01 15.49
N LEU C 196 -28.23 9.03 16.81
CA LEU C 196 -29.19 9.76 17.64
C LEU C 196 -28.56 11.07 18.09
N LYS C 197 -29.23 12.19 17.79
CA LYS C 197 -28.76 13.52 18.15
C LYS C 197 -29.50 14.01 19.39
N CYS C 198 -28.74 14.35 20.43
CA CYS C 198 -29.30 14.85 21.68
C CYS C 198 -29.33 16.37 21.62
N LYS C 199 -30.51 16.93 21.35
CA LYS C 199 -30.69 18.37 21.25
C LYS C 199 -31.09 19.04 22.56
N ASP C 200 -31.17 18.30 23.65
CA ASP C 200 -31.55 18.90 24.92
C ASP C 200 -30.54 19.94 25.36
N LYS C 201 -31.03 21.11 25.78
CA LYS C 201 -30.16 22.18 26.24
C LYS C 201 -29.67 21.88 27.64
N LYS C 202 -28.49 22.42 27.97
CA LYS C 202 -27.87 22.23 29.28
C LYS C 202 -27.64 20.75 29.58
N PHE C 203 -27.38 19.96 28.54
CA PHE C 203 -27.13 18.54 28.70
C PHE C 203 -25.64 18.32 28.94
N ASN C 204 -25.30 17.75 30.10
CA ASN C 204 -23.92 17.50 30.44
C ASN C 204 -23.44 16.23 29.73
N GLY C 205 -22.26 15.74 30.12
CA GLY C 205 -21.68 14.56 29.50
C GLY C 205 -22.49 13.28 29.55
N THR C 206 -22.63 12.70 30.74
CA THR C 206 -23.36 11.45 30.93
C THR C 206 -24.70 11.70 31.60
N GLY C 207 -25.79 11.35 30.92
CA GLY C 207 -27.11 11.53 31.46
C GLY C 207 -28.19 11.25 30.43
N PRO C 208 -29.43 11.06 30.87
CA PRO C 208 -30.51 10.77 29.91
C PRO C 208 -30.93 12.04 29.19
N CYS C 209 -31.02 11.96 27.87
CA CYS C 209 -31.43 13.10 27.06
C CYS C 209 -32.95 13.13 26.94
N PRO C 210 -33.64 14.12 27.51
CA PRO C 210 -35.10 14.13 27.41
C PRO C 210 -35.62 14.25 25.98
N SER C 211 -34.93 14.99 25.12
CA SER C 211 -35.34 15.18 23.73
C SER C 211 -34.19 14.74 22.83
N VAL C 212 -34.43 13.71 22.03
CA VAL C 212 -33.43 13.16 21.12
C VAL C 212 -34.05 13.05 19.73
N SER C 213 -33.21 13.21 18.72
CA SER C 213 -33.61 13.15 17.32
C SER C 213 -32.65 12.23 16.59
N THR C 214 -32.99 11.87 15.35
CA THR C 214 -32.19 10.99 14.52
C THR C 214 -31.81 11.71 13.23
N VAL C 215 -30.55 11.56 12.83
CA VAL C 215 -30.01 12.16 11.62
C VAL C 215 -29.12 11.14 10.93
N GLN C 216 -29.21 11.08 9.61
CA GLN C 216 -28.41 10.12 8.86
C GLN C 216 -26.95 10.53 8.80
N CYS C 217 -26.66 11.84 8.83
CA CYS C 217 -25.30 12.34 8.78
C CYS C 217 -25.09 13.42 9.83
N THR C 218 -23.93 13.39 10.49
CA THR C 218 -23.62 14.36 11.51
C THR C 218 -23.32 15.72 10.88
N HIS C 219 -23.39 16.76 11.71
CA HIS C 219 -23.12 18.10 11.21
C HIS C 219 -21.64 18.23 10.87
N GLY C 220 -21.32 19.29 10.12
CA GLY C 220 -19.95 19.53 9.72
C GLY C 220 -19.02 19.75 10.89
N ILE C 221 -18.16 18.78 11.17
CA ILE C 221 -17.20 18.85 12.27
C ILE C 221 -15.84 19.21 11.69
N LYS C 222 -15.24 20.27 12.20
CA LYS C 222 -13.94 20.72 11.73
C LYS C 222 -12.85 19.98 12.49
N PRO C 223 -12.04 19.12 11.85
CA PRO C 223 -10.99 18.41 12.62
C PRO C 223 -9.82 19.35 12.95
N VAL C 224 -10.08 20.29 13.85
CA VAL C 224 -9.05 21.25 14.23
C VAL C 224 -8.00 20.57 15.09
N VAL C 225 -6.82 21.19 15.14
CA VAL C 225 -5.69 20.71 15.92
C VAL C 225 -5.27 21.83 16.86
N SER C 226 -5.34 21.58 18.16
CA SER C 226 -4.98 22.59 19.15
C SER C 226 -4.78 21.91 20.49
N THR C 227 -4.12 22.62 21.41
CA THR C 227 -3.84 22.13 22.74
C THR C 227 -4.21 23.19 23.76
N GLN C 228 -4.87 22.75 24.84
CA GLN C 228 -5.32 23.58 25.96
C GLN C 228 -6.51 24.48 25.61
N LEU C 229 -6.91 24.54 24.34
CA LEU C 229 -8.03 25.37 23.92
C LEU C 229 -8.61 24.79 22.65
N LEU C 230 -9.86 25.13 22.38
CA LEU C 230 -10.59 24.69 21.20
C LEU C 230 -10.81 25.88 20.28
N LEU C 231 -10.46 25.71 19.01
CA LEU C 231 -10.60 26.76 18.00
C LEU C 231 -11.62 26.33 16.94
N ASN C 232 -12.49 27.27 16.57
CA ASN C 232 -13.52 27.01 15.52
C ASN C 232 -14.38 25.81 15.92
N GLY C 233 -14.68 25.69 17.22
CA GLY C 233 -15.49 24.60 17.71
C GLY C 233 -16.95 25.00 17.89
N SER C 234 -17.72 24.05 18.39
CA SER C 234 -19.14 24.28 18.63
C SER C 234 -19.33 25.24 19.79
N LEU C 235 -20.42 26.00 19.75
CA LEU C 235 -20.74 27.00 20.76
C LEU C 235 -22.02 26.61 21.49
N ALA C 236 -22.03 26.82 22.80
CA ALA C 236 -23.21 26.50 23.59
C ALA C 236 -24.36 27.42 23.20
N GLU C 237 -25.57 26.87 23.20
CA GLU C 237 -26.76 27.62 22.83
C GLU C 237 -27.41 28.35 24.00
N GLU C 238 -27.10 27.99 25.24
CA GLU C 238 -27.68 28.64 26.41
C GLU C 238 -26.67 29.32 27.32
N GLU C 239 -25.60 28.63 27.71
CA GLU C 239 -24.59 29.22 28.58
C GLU C 239 -23.39 28.28 28.63
N VAL C 240 -22.37 28.68 29.38
CA VAL C 240 -21.17 27.88 29.53
C VAL C 240 -21.49 26.61 30.30
N MET C 241 -20.94 25.49 29.84
CA MET C 241 -21.16 24.19 30.46
C MET C 241 -19.83 23.55 30.83
N ILE C 242 -19.88 22.65 31.81
CA ILE C 242 -18.72 21.91 32.29
C ILE C 242 -19.04 20.44 32.18
N ARG C 243 -18.12 19.67 31.60
CA ARG C 243 -18.30 18.23 31.41
C ARG C 243 -17.08 17.48 31.91
N SER C 244 -17.34 16.41 32.67
CA SER C 244 -16.30 15.55 33.23
C SER C 244 -16.98 14.34 33.85
N GLU C 245 -16.24 13.24 33.93
CA GLU C 245 -16.81 12.03 34.53
C GLU C 245 -17.24 12.34 35.96
N ASN C 246 -16.33 12.90 36.75
CA ASN C 246 -16.63 13.32 38.11
C ASN C 246 -15.54 14.31 38.49
N ILE C 247 -15.94 15.58 38.67
CA ILE C 247 -15.00 16.64 39.01
C ILE C 247 -14.19 16.32 40.26
N THR C 248 -14.72 15.45 41.14
CA THR C 248 -13.99 15.08 42.34
C THR C 248 -12.67 14.40 42.01
N ASN C 249 -12.61 13.69 40.88
CA ASN C 249 -11.41 12.98 40.46
C ASN C 249 -10.48 13.94 39.73
N ASN C 250 -9.22 14.00 40.17
CA ASN C 250 -8.24 14.88 39.54
C ASN C 250 -7.61 14.27 38.30
N ALA C 251 -7.76 12.95 38.10
CA ALA C 251 -7.18 12.27 36.95
C ALA C 251 -8.02 12.41 35.69
N LYS C 252 -9.12 13.17 35.72
CA LYS C 252 -9.99 13.34 34.57
C LYS C 252 -9.96 14.81 34.16
N ASN C 253 -9.80 15.05 32.86
CA ASN C 253 -9.76 16.42 32.35
C ASN C 253 -11.14 17.05 32.45
N ILE C 254 -11.16 18.38 32.31
CA ILE C 254 -12.39 19.16 32.37
C ILE C 254 -12.58 19.84 31.02
N LEU C 255 -13.74 19.61 30.41
CA LEU C 255 -14.08 20.20 29.12
C LEU C 255 -14.99 21.39 29.33
N VAL C 256 -14.71 22.49 28.62
CA VAL C 256 -15.47 23.72 28.72
C VAL C 256 -15.94 24.13 27.33
N GLN C 257 -17.15 24.65 27.26
CA GLN C 257 -17.76 25.12 26.02
C GLN C 257 -18.31 26.52 26.27
N PHE C 258 -18.00 27.45 25.38
CA PHE C 258 -18.45 28.84 25.51
C PHE C 258 -19.65 29.12 24.64
N ASN C 259 -20.62 29.84 25.20
CA ASN C 259 -21.82 30.23 24.48
C ASN C 259 -21.60 31.47 23.62
N THR C 260 -20.51 32.20 23.85
CA THR C 260 -20.15 33.40 23.11
C THR C 260 -18.67 33.29 22.76
N PRO C 261 -18.29 33.02 21.52
CA PRO C 261 -16.87 32.89 21.20
C PRO C 261 -16.11 34.20 21.38
N VAL C 262 -14.82 34.06 21.71
CA VAL C 262 -13.91 35.19 21.91
C VAL C 262 -12.93 35.20 20.76
N GLN C 263 -12.80 36.33 20.09
CA GLN C 263 -11.90 36.43 18.95
C GLN C 263 -10.43 36.45 19.39
N ILE C 264 -9.59 35.84 18.56
CA ILE C 264 -8.15 35.77 18.79
C ILE C 264 -7.46 36.04 17.46
N ASN C 265 -6.45 36.90 17.47
CA ASN C 265 -5.71 37.28 16.26
C ASN C 265 -4.23 36.97 16.43
N CYS C 266 -3.74 36.03 15.62
CA CYS C 266 -2.33 35.63 15.64
C CYS C 266 -1.69 36.01 14.30
N THR C 267 -0.41 36.35 14.35
CA THR C 267 0.32 36.74 13.15
C THR C 267 1.81 36.83 13.49
N ARG C 268 2.61 36.99 12.44
CA ARG C 268 4.06 37.11 12.58
C ARG C 268 4.60 37.99 11.45
N PRO C 269 4.74 39.29 11.68
CA PRO C 269 5.26 40.14 10.58
C PRO C 269 6.76 39.99 10.37
N ASN C 270 7.13 38.95 9.61
CA ASN C 270 8.51 38.65 9.29
C ASN C 270 8.81 38.62 7.80
N ASN C 271 7.87 38.14 6.98
CA ASN C 271 8.04 38.07 5.53
C ASN C 271 9.22 37.16 5.16
N ASN C 272 9.10 35.90 5.54
CA ASN C 272 10.14 34.92 5.24
C ASN C 272 10.22 34.67 3.74
N THR C 273 11.43 34.37 3.27
CA THR C 273 11.68 34.10 1.86
C THR C 273 11.84 32.60 1.65
N ARG C 274 11.23 32.09 0.59
CA ARG C 274 11.27 30.67 0.26
C ARG C 274 12.45 30.41 -0.68
N LYS C 275 13.25 29.40 -0.33
CA LYS C 275 14.43 29.01 -1.11
C LYS C 275 14.22 27.57 -1.56
N SER C 276 14.01 27.38 -2.86
CA SER C 276 13.80 26.05 -3.43
C SER C 276 15.14 25.44 -3.78
N ILE C 277 15.45 24.29 -3.19
CA ILE C 277 16.69 23.56 -3.42
C ILE C 277 16.34 22.13 -3.81
N ARG C 278 16.87 21.70 -4.95
CA ARG C 278 16.62 20.34 -5.49
C ARG C 278 17.64 19.39 -4.87
N ILE C 279 17.34 18.76 -3.74
CA ILE C 279 18.28 17.88 -3.07
C ILE C 279 18.61 16.63 -3.87
N GLY C 280 17.76 16.23 -4.80
CA GLY C 280 18.02 15.04 -5.59
C GLY C 280 17.34 15.06 -6.94
N PRO C 281 17.30 13.91 -7.61
CA PRO C 281 16.67 13.85 -8.93
C PRO C 281 15.16 13.96 -8.83
N GLY C 282 14.67 15.20 -8.74
CA GLY C 282 13.26 15.48 -8.60
C GLY C 282 12.83 15.74 -7.18
N GLN C 283 13.71 15.54 -6.21
CA GLN C 283 13.42 15.76 -4.79
C GLN C 283 13.64 17.23 -4.49
N ALA C 284 12.55 17.98 -4.34
CA ALA C 284 12.63 19.41 -4.07
C ALA C 284 12.52 19.67 -2.57
N PHE C 285 13.34 20.60 -2.09
CA PHE C 285 13.37 21.00 -0.69
C PHE C 285 13.12 22.50 -0.61
N TYR C 286 12.30 22.90 0.35
CA TYR C 286 11.93 24.30 0.57
C TYR C 286 12.60 24.76 1.85
N ALA C 287 13.65 25.58 1.70
CA ALA C 287 14.41 26.11 2.82
C ALA C 287 13.94 27.51 3.18
N THR C 288 14.40 27.98 4.35
CA THR C 288 14.06 29.30 4.86
C THR C 288 15.16 30.27 4.46
N GLY C 289 14.84 31.22 3.58
CA GLY C 289 15.81 32.19 3.11
C GLY C 289 15.95 33.35 4.07
N ASP C 290 16.67 34.37 3.60
CA ASP C 290 16.90 35.55 4.42
C ASP C 290 15.59 36.29 4.67
N ILE C 291 15.49 36.90 5.86
CA ILE C 291 14.30 37.63 6.25
C ILE C 291 14.36 39.04 5.66
N ILE C 292 13.21 39.51 5.17
CA ILE C 292 13.09 40.83 4.58
C ILE C 292 12.59 41.80 5.64
N GLY C 293 13.25 42.94 5.76
CA GLY C 293 12.84 43.93 6.76
C GLY C 293 13.45 43.64 8.10
N ASP C 294 12.66 43.83 9.16
CA ASP C 294 13.09 43.60 10.52
C ASP C 294 12.37 42.39 11.10
N ILE C 295 13.06 41.67 11.97
CA ILE C 295 12.52 40.47 12.60
C ILE C 295 11.72 40.89 13.82
N ARG C 296 10.50 40.37 13.93
CA ARG C 296 9.60 40.67 15.04
C ARG C 296 9.12 39.37 15.66
N GLN C 297 9.01 39.36 16.98
CA GLN C 297 8.57 38.16 17.69
C GLN C 297 7.14 37.82 17.31
N ALA C 298 6.88 36.52 17.13
CA ALA C 298 5.55 36.06 16.78
C ALA C 298 4.67 36.10 18.03
N HIS C 299 3.64 36.93 18.02
CA HIS C 299 2.73 37.09 19.13
C HIS C 299 1.29 36.95 18.66
N CYS C 300 0.38 36.94 19.64
CA CYS C 300 -1.05 36.81 19.39
C CYS C 300 -1.79 37.77 20.30
N ASN C 301 -2.92 38.28 19.82
CA ASN C 301 -3.75 39.22 20.56
C ASN C 301 -5.12 38.63 20.86
N VAL C 302 -5.75 39.19 21.89
CA VAL C 302 -7.07 38.78 22.33
C VAL C 302 -7.63 39.87 23.23
N SER C 303 -8.94 40.11 23.11
CA SER C 303 -9.58 41.13 23.93
C SER C 303 -9.52 40.76 25.40
N LYS C 304 -9.34 41.76 26.25
CA LYS C 304 -9.25 41.54 27.69
C LYS C 304 -10.62 41.54 28.37
N ALA C 305 -11.51 42.48 27.99
CA ALA C 305 -12.83 42.53 28.61
C ALA C 305 -13.63 41.27 28.33
N THR C 306 -13.59 40.79 27.09
CA THR C 306 -14.32 39.57 26.75
C THR C 306 -13.77 38.39 27.54
N TRP C 307 -12.44 38.31 27.67
CA TRP C 307 -11.85 37.22 28.42
C TRP C 307 -12.25 37.29 29.89
N ASN C 308 -12.29 38.49 30.46
CA ASN C 308 -12.68 38.63 31.86
C ASN C 308 -14.12 38.20 32.06
N GLU C 309 -15.02 38.60 31.15
CA GLU C 309 -16.42 38.20 31.26
C GLU C 309 -16.57 36.69 31.12
N THR C 310 -15.86 36.09 30.16
CA THR C 310 -15.94 34.66 29.97
C THR C 310 -15.43 33.93 31.21
N LEU C 311 -14.33 34.41 31.79
CA LEU C 311 -13.80 33.80 33.00
C LEU C 311 -14.81 33.92 34.13
N GLY C 312 -15.51 35.06 34.19
CA GLY C 312 -16.52 35.23 35.23
C GLY C 312 -17.62 34.20 35.10
N LYS C 313 -18.10 33.98 33.88
CA LYS C 313 -19.14 32.97 33.67
C LYS C 313 -18.62 31.58 34.02
N VAL C 314 -17.38 31.29 33.63
CA VAL C 314 -16.80 29.98 33.89
C VAL C 314 -16.70 29.74 35.40
N VAL C 315 -16.22 30.74 36.15
CA VAL C 315 -16.11 30.56 37.59
C VAL C 315 -17.49 30.46 38.21
N LYS C 316 -18.50 31.12 37.63
CA LYS C 316 -19.84 31.00 38.18
C LYS C 316 -20.31 29.55 38.08
N GLN C 317 -20.15 28.95 36.90
CA GLN C 317 -20.56 27.55 36.75
C GLN C 317 -19.70 26.64 37.62
N LEU C 318 -18.40 26.93 37.73
CA LEU C 318 -17.53 26.11 38.56
C LEU C 318 -17.97 26.16 40.01
N ARG C 319 -18.37 27.35 40.49
CA ARG C 319 -18.84 27.47 41.86
C ARG C 319 -20.13 26.69 42.03
N LYS C 320 -21.02 26.78 41.04
CA LYS C 320 -22.28 26.03 41.13
C LYS C 320 -22.01 24.53 41.22
N HIS C 321 -20.96 24.06 40.57
CA HIS C 321 -20.63 22.63 40.62
C HIS C 321 -19.91 22.24 41.91
N PHE C 322 -18.95 23.05 42.35
CA PHE C 322 -18.18 22.77 43.55
C PHE C 322 -18.79 23.33 44.83
N GLY C 323 -19.82 24.16 44.72
CA GLY C 323 -20.47 24.76 45.87
C GLY C 323 -20.19 26.25 45.97
N ASN C 324 -21.04 26.93 46.73
CA ASN C 324 -20.92 28.37 46.91
C ASN C 324 -19.79 28.70 47.89
N ASN C 325 -19.39 29.97 47.86
CA ASN C 325 -18.32 30.49 48.73
C ASN C 325 -17.02 29.70 48.55
N THR C 326 -16.69 29.41 47.29
CA THR C 326 -15.49 28.68 46.93
C THR C 326 -14.57 29.57 46.11
N ILE C 327 -13.29 29.60 46.48
CA ILE C 327 -12.30 30.42 45.80
C ILE C 327 -11.76 29.65 44.61
N ILE C 328 -11.75 30.28 43.44
CA ILE C 328 -11.27 29.69 42.20
C ILE C 328 -10.07 30.50 41.72
N ARG C 329 -8.98 29.81 41.41
CA ARG C 329 -7.75 30.43 40.94
C ARG C 329 -7.31 29.78 39.64
N PHE C 330 -6.86 30.60 38.69
CA PHE C 330 -6.40 30.15 37.39
C PHE C 330 -4.90 30.37 37.30
N ALA C 331 -4.16 29.30 37.05
CA ALA C 331 -2.70 29.35 36.92
C ALA C 331 -2.30 28.78 35.58
N ASN C 332 -1.04 28.99 35.22
CA ASN C 332 -0.52 28.51 33.94
C ASN C 332 -0.21 27.01 34.03
N SER C 333 0.38 26.49 32.96
CA SER C 333 0.72 25.07 32.91
C SER C 333 1.71 24.70 34.00
N SER C 334 1.64 23.45 34.45
CA SER C 334 2.50 22.92 35.49
C SER C 334 3.80 22.34 34.95
N GLY C 335 4.21 22.72 33.74
CA GLY C 335 5.43 22.23 33.15
C GLY C 335 5.24 20.92 32.40
N GLY C 336 6.21 20.60 31.57
CA GLY C 336 6.22 19.40 30.77
C GLY C 336 6.79 19.69 29.39
N ASP C 337 6.49 18.82 28.44
CA ASP C 337 6.98 19.00 27.09
C ASP C 337 6.37 20.27 26.48
N LEU C 338 7.06 20.82 25.48
CA LEU C 338 6.58 22.03 24.82
C LEU C 338 5.25 21.79 24.12
N GLU C 339 4.95 20.56 23.74
CA GLU C 339 3.70 20.28 23.05
C GLU C 339 2.48 20.40 23.96
N VAL C 340 2.61 19.98 25.22
CA VAL C 340 1.47 20.03 26.15
C VAL C 340 1.42 21.32 26.97
N THR C 341 2.56 21.92 27.28
CA THR C 341 2.57 23.15 28.08
C THR C 341 2.37 24.41 27.25
N THR C 342 2.17 24.30 25.95
CA THR C 342 1.97 25.44 25.06
C THR C 342 0.63 25.30 24.33
N HIS C 343 0.34 26.28 23.48
CA HIS C 343 -0.88 26.33 22.69
C HIS C 343 -0.53 26.03 21.24
N SER C 344 -1.01 24.90 20.72
CA SER C 344 -0.74 24.49 19.35
C SER C 344 -1.75 25.10 18.39
N PHE C 345 -1.27 25.44 17.20
CA PHE C 345 -2.08 26.04 16.15
C PHE C 345 -1.76 25.37 14.82
N ASN C 346 -2.62 25.61 13.83
CA ASN C 346 -2.44 25.04 12.50
C ASN C 346 -3.04 26.02 11.49
N CYS C 347 -2.19 26.89 10.95
CA CYS C 347 -2.61 27.87 9.96
C CYS C 347 -1.41 28.49 9.28
N GLY C 348 -1.42 28.53 7.95
CA GLY C 348 -0.33 29.08 7.17
C GLY C 348 0.71 28.08 6.74
N GLY C 349 0.73 26.89 7.34
CA GLY C 349 1.68 25.86 7.00
C GLY C 349 2.48 25.42 8.20
N GLU C 350 2.89 26.38 9.04
CA GLU C 350 3.66 26.08 10.24
C GLU C 350 2.72 25.93 11.43
N PHE C 351 3.29 25.51 12.55
CA PHE C 351 2.56 25.28 13.79
C PHE C 351 3.14 26.19 14.88
N PHE C 352 2.34 27.16 15.32
CA PHE C 352 2.76 28.09 16.35
C PHE C 352 2.72 27.41 17.72
N TYR C 353 3.35 28.08 18.70
CA TYR C 353 3.39 27.58 20.07
C TYR C 353 3.42 28.81 20.97
N CYS C 354 2.25 29.18 21.49
CA CYS C 354 2.09 30.35 22.33
C CYS C 354 2.10 29.99 23.82
N ASN C 355 2.65 30.90 24.61
CA ASN C 355 2.75 30.77 26.06
C ASN C 355 1.49 31.40 26.63
N THR C 356 0.52 30.56 27.01
CA THR C 356 -0.75 31.01 27.54
C THR C 356 -0.69 31.42 29.02
N SER C 357 0.50 31.62 29.59
CA SER C 357 0.59 32.01 30.98
C SER C 357 -0.04 33.36 31.25
N GLY C 358 -0.20 34.20 30.23
CA GLY C 358 -0.80 35.51 30.40
C GLY C 358 -2.30 35.53 30.59
N LEU C 359 -2.98 34.42 30.31
CA LEU C 359 -4.44 34.36 30.46
C LEU C 359 -4.84 33.80 31.82
N PHE C 360 -4.31 32.65 32.20
CA PHE C 360 -4.65 32.01 33.48
C PHE C 360 -3.75 32.59 34.57
N ASN C 361 -3.93 33.89 34.81
CA ASN C 361 -3.16 34.64 35.79
C ASN C 361 -4.09 35.54 36.61
N SER C 362 -5.18 34.97 37.12
CA SER C 362 -6.13 35.74 37.91
C SER C 362 -6.82 34.85 38.92
N THR C 363 -7.35 35.49 39.96
CA THR C 363 -8.07 34.82 41.04
C THR C 363 -9.45 35.47 41.17
N TRP C 364 -10.47 34.65 41.37
CA TRP C 364 -11.85 35.11 41.49
C TRP C 364 -12.36 34.83 42.90
N ILE C 365 -12.89 35.87 43.54
CA ILE C 365 -13.46 35.79 44.88
C ILE C 365 -14.80 36.52 44.88
N SER C 366 -15.80 35.90 45.50
CA SER C 366 -17.13 36.48 45.57
C SER C 366 -17.72 36.67 44.17
N ASN C 379 -10.96 48.47 24.93
CA ASN C 379 -9.82 48.69 24.05
C ASN C 379 -8.59 47.93 24.52
N ASP C 380 -8.56 47.57 25.80
CA ASP C 380 -7.42 46.84 26.33
C ASP C 380 -7.30 45.46 25.68
N SER C 381 -6.06 45.04 25.47
CA SER C 381 -5.78 43.74 24.86
C SER C 381 -4.57 43.12 25.53
N ILE C 382 -4.48 41.80 25.43
CA ILE C 382 -3.38 41.04 26.01
C ILE C 382 -2.58 40.39 24.89
N THR C 383 -1.26 40.46 25.00
CA THR C 383 -0.34 39.90 24.01
C THR C 383 0.26 38.61 24.56
N LEU C 384 0.18 37.55 23.76
CA LEU C 384 0.70 36.23 24.14
C LEU C 384 1.95 35.92 23.32
N PRO C 385 3.15 35.87 23.90
CA PRO C 385 4.34 35.54 23.10
C PRO C 385 4.22 34.14 22.53
N CYS C 386 4.73 33.97 21.30
CA CYS C 386 4.68 32.68 20.63
C CYS C 386 6.00 32.40 19.92
N ARG C 387 6.25 31.10 19.76
CA ARG C 387 7.48 30.69 19.04
C ARG C 387 7.08 29.92 17.79
N ILE C 388 8.05 29.51 17.01
CA ILE C 388 7.85 28.79 15.76
C ILE C 388 8.70 27.52 15.79
N LYS C 389 8.12 26.42 15.33
CA LYS C 389 8.81 25.14 15.28
C LYS C 389 8.33 24.41 14.03
N GLN C 390 9.28 24.04 13.16
CA GLN C 390 8.91 23.34 11.93
C GLN C 390 8.73 21.83 12.17
N ILE C 391 9.69 21.19 12.81
CA ILE C 391 9.59 19.76 13.10
C ILE C 391 8.60 19.59 14.25
N ILE C 392 7.59 18.73 14.05
CA ILE C 392 6.58 18.51 15.06
C ILE C 392 6.26 17.03 15.24
N ASN C 393 5.71 16.72 16.40
CA ASN C 393 5.28 15.39 16.80
C ASN C 393 3.95 15.52 17.54
N MET C 394 3.03 16.29 16.96
CA MET C 394 1.73 16.55 17.59
C MET C 394 0.99 15.28 17.96
N TRP C 395 1.14 14.20 17.19
CA TRP C 395 0.46 12.95 17.52
C TRP C 395 1.10 12.21 18.68
N GLN C 396 2.14 12.77 19.30
CA GLN C 396 2.82 12.16 20.44
C GLN C 396 3.47 10.82 20.08
N ARG C 397 3.64 10.54 18.79
CA ARG C 397 4.25 9.30 18.37
C ARG C 397 5.77 9.45 18.32
N ILE C 398 6.45 8.31 18.37
CA ILE C 398 7.90 8.25 18.32
C ILE C 398 8.28 7.47 17.08
N GLY C 399 8.99 8.12 16.15
CA GLY C 399 9.41 7.50 14.91
C GLY C 399 8.86 8.13 13.65
N GLN C 400 8.04 9.17 13.74
CA GLN C 400 7.48 9.80 12.53
C GLN C 400 7.12 11.24 12.86
N CYS C 401 7.98 12.17 12.43
CA CYS C 401 7.78 13.60 12.62
C CYS C 401 7.22 14.19 11.33
N MET C 402 7.16 15.52 11.26
CA MET C 402 6.68 16.20 10.06
C MET C 402 7.42 17.52 9.92
N TYR C 403 7.90 17.80 8.71
CA TYR C 403 8.63 19.03 8.41
C TYR C 403 7.65 19.98 7.72
N ALA C 404 7.36 21.11 8.37
CA ALA C 404 6.44 22.09 7.83
C ALA C 404 7.21 23.16 7.06
N PRO C 405 7.05 23.25 5.73
CA PRO C 405 7.78 24.30 5.00
C PRO C 405 7.18 25.67 5.25
N PRO C 406 7.94 26.74 5.06
CA PRO C 406 7.40 28.08 5.29
C PRO C 406 6.64 28.59 4.07
N ILE C 407 6.04 29.77 4.23
CA ILE C 407 5.27 30.42 3.18
C ILE C 407 5.70 31.88 3.09
N GLN C 408 5.36 32.50 1.96
CA GLN C 408 5.71 33.88 1.70
C GLN C 408 4.69 34.85 2.30
N GLY C 409 5.10 36.11 2.42
CA GLY C 409 4.25 37.17 2.94
C GLY C 409 3.81 37.01 4.37
N VAL C 410 3.13 38.03 4.89
CA VAL C 410 2.62 38.02 6.26
C VAL C 410 1.48 37.01 6.36
N ILE C 411 1.29 36.47 7.56
CA ILE C 411 0.25 35.48 7.83
C ILE C 411 -0.71 36.07 8.84
N ARG C 412 -2.00 36.06 8.50
CA ARG C 412 -3.07 36.57 9.36
C ARG C 412 -3.94 35.38 9.76
N CYS C 413 -3.70 34.85 10.95
CA CYS C 413 -4.45 33.70 11.47
C CYS C 413 -5.56 34.23 12.37
N VAL C 414 -6.74 34.40 11.79
CA VAL C 414 -7.92 34.90 12.51
C VAL C 414 -8.79 33.71 12.89
N SER C 415 -9.16 33.64 14.16
CA SER C 415 -10.01 32.56 14.66
C SER C 415 -10.65 33.03 15.96
N ASN C 416 -11.38 32.12 16.60
CA ASN C 416 -12.04 32.42 17.86
C ASN C 416 -12.06 31.16 18.73
N ILE C 417 -11.75 31.33 20.01
CA ILE C 417 -11.73 30.22 20.95
C ILE C 417 -13.16 29.83 21.29
N THR C 418 -13.40 28.54 21.50
CA THR C 418 -14.72 28.02 21.83
C THR C 418 -14.73 27.09 23.03
N GLY C 419 -13.57 26.62 23.50
CA GLY C 419 -13.54 25.73 24.64
C GLY C 419 -12.18 25.71 25.29
N LEU C 420 -12.14 25.12 26.48
CA LEU C 420 -10.91 25.01 27.26
C LEU C 420 -10.80 23.63 27.87
N ILE C 421 -9.56 23.20 28.08
CA ILE C 421 -9.23 21.92 28.69
C ILE C 421 -8.47 22.25 29.97
N LEU C 422 -9.17 22.18 31.10
CA LEU C 422 -8.60 22.51 32.40
C LEU C 422 -8.44 21.28 33.28
N THR C 423 -7.47 21.36 34.19
CA THR C 423 -7.16 20.30 35.14
C THR C 423 -7.02 20.95 36.52
N ARG C 424 -7.41 20.20 37.55
CA ARG C 424 -7.35 20.67 38.92
C ARG C 424 -6.52 19.74 39.78
N ASP C 425 -5.81 20.33 40.74
CA ASP C 425 -4.95 19.58 41.65
C ASP C 425 -5.78 19.03 42.81
N GLY C 426 -5.16 18.12 43.58
CA GLY C 426 -5.86 17.54 44.71
C GLY C 426 -6.25 18.57 45.76
N GLY C 427 -5.30 19.43 46.14
CA GLY C 427 -5.55 20.46 47.11
C GLY C 427 -5.52 20.01 48.56
N SER C 428 -5.27 18.73 48.83
CA SER C 428 -5.22 18.21 50.19
C SER C 428 -6.58 18.45 50.86
N THR C 429 -6.60 18.51 52.19
CA THR C 429 -7.86 18.73 52.90
C THR C 429 -8.44 20.11 52.62
N ASN C 430 -7.61 21.07 52.19
CA ASN C 430 -8.09 22.42 51.90
C ASN C 430 -9.06 22.40 50.73
N SER C 431 -10.35 22.61 51.02
CA SER C 431 -11.40 22.62 50.00
C SER C 431 -12.03 23.99 49.79
N THR C 432 -11.73 24.97 50.65
CA THR C 432 -12.32 26.29 50.47
C THR C 432 -11.82 26.97 49.20
N THR C 433 -10.62 26.63 48.74
CA THR C 433 -10.04 27.19 47.54
C THR C 433 -9.60 26.07 46.61
N GLU C 434 -9.84 26.28 45.31
CA GLU C 434 -9.48 25.31 44.28
C GLU C 434 -8.75 26.03 43.16
N THR C 435 -7.85 25.30 42.51
CA THR C 435 -7.04 25.82 41.41
C THR C 435 -7.24 24.99 40.16
N PHE C 436 -7.34 25.67 39.02
CA PHE C 436 -7.53 25.05 37.72
C PHE C 436 -6.42 25.51 36.80
N ARG C 437 -5.83 24.57 36.05
CA ARG C 437 -4.75 24.86 35.13
C ARG C 437 -5.03 24.19 33.79
N PRO C 438 -4.47 24.71 32.69
CA PRO C 438 -4.71 24.07 31.39
C PRO C 438 -4.22 22.63 31.36
N GLY C 439 -4.98 21.78 30.70
CA GLY C 439 -4.65 20.37 30.57
C GLY C 439 -3.94 20.06 29.27
N GLY C 440 -4.20 18.86 28.76
CA GLY C 440 -3.61 18.40 27.51
C GLY C 440 -2.87 17.09 27.68
N GLY C 441 -2.68 16.37 26.57
CA GLY C 441 -1.99 15.10 26.59
C GLY C 441 -2.72 14.05 25.78
N ASP C 442 -4.05 14.12 25.78
CA ASP C 442 -4.91 13.20 25.05
C ASP C 442 -5.57 13.98 23.93
N MET C 443 -5.15 13.72 22.69
CA MET C 443 -5.72 14.44 21.55
C MET C 443 -7.18 14.11 21.32
N ARG C 444 -7.68 12.99 21.86
CA ARG C 444 -9.07 12.63 21.67
C ARG C 444 -10.02 13.66 22.27
N ASP C 445 -9.60 14.39 23.29
CA ASP C 445 -10.47 15.38 23.91
C ASP C 445 -10.85 16.50 22.94
N ASN C 446 -10.00 16.79 21.96
CA ASN C 446 -10.32 17.85 21.01
C ASN C 446 -11.58 17.53 20.23
N TRP C 447 -11.64 16.34 19.62
CA TRP C 447 -12.81 15.94 18.87
C TRP C 447 -13.95 15.47 19.76
N ARG C 448 -13.64 15.05 21.00
CA ARG C 448 -14.70 14.59 21.90
C ARG C 448 -15.68 15.71 22.23
N SER C 449 -15.20 16.95 22.27
CA SER C 449 -16.09 18.07 22.59
C SER C 449 -17.09 18.34 21.48
N GLU C 450 -16.88 17.79 20.29
CA GLU C 450 -17.79 17.98 19.17
C GLU C 450 -18.67 16.76 18.90
N LEU C 451 -18.30 15.59 19.39
CA LEU C 451 -19.05 14.37 19.19
C LEU C 451 -19.94 14.02 20.39
N TYR C 452 -20.02 14.89 21.40
CA TYR C 452 -20.86 14.61 22.57
C TYR C 452 -22.35 14.65 22.25
N LYS C 453 -22.74 15.22 21.12
CA LYS C 453 -24.15 15.31 20.74
C LYS C 453 -24.63 14.13 19.90
N TYR C 454 -23.77 13.14 19.63
CA TYR C 454 -24.15 12.00 18.81
C TYR C 454 -23.76 10.69 19.48
N LYS C 455 -24.35 9.61 18.97
CA LYS C 455 -24.12 8.26 19.46
C LYS C 455 -24.50 7.29 18.35
N VAL C 456 -23.90 6.10 18.37
CA VAL C 456 -24.15 5.07 17.37
C VAL C 456 -25.00 3.98 18.01
N VAL C 457 -26.02 3.53 17.30
CA VAL C 457 -26.94 2.50 17.78
C VAL C 457 -27.22 1.52 16.65
N LYS C 458 -27.23 0.23 16.98
CA LYS C 458 -27.51 -0.82 16.02
C LYS C 458 -29.00 -1.08 15.97
N ILE C 459 -29.58 -1.00 14.77
CA ILE C 459 -31.01 -1.21 14.60
C ILE C 459 -31.30 -2.71 14.65
N GLU C 460 -32.36 -3.07 15.37
CA GLU C 460 -32.82 -4.45 15.52
C GLU C 460 -34.27 -4.46 15.09
N PRO C 461 -34.54 -4.60 13.79
CA PRO C 461 -35.92 -4.58 13.30
C PRO C 461 -36.73 -5.84 13.56
N LEU C 462 -36.23 -6.77 14.38
CA LEU C 462 -36.95 -8.01 14.67
C LEU C 462 -37.57 -7.94 16.06
N GLY C 463 -38.85 -8.31 16.14
CA GLY C 463 -39.56 -8.30 17.40
C GLY C 463 -40.69 -9.30 17.40
N VAL C 464 -41.11 -9.69 18.60
CA VAL C 464 -42.19 -10.66 18.79
C VAL C 464 -43.10 -10.17 19.90
N ALA C 465 -44.41 -10.36 19.71
CA ALA C 465 -45.40 -9.95 20.69
C ALA C 465 -46.60 -10.87 20.57
N PRO C 466 -47.43 -10.98 21.62
CA PRO C 466 -48.60 -11.86 21.55
C PRO C 466 -49.81 -11.19 20.93
N THR C 467 -50.65 -12.04 20.31
CA THR C 467 -51.87 -11.59 19.66
C THR C 467 -52.79 -12.80 19.55
N ARG C 468 -54.05 -12.54 19.22
CA ARG C 468 -55.07 -13.58 19.08
C ARG C 468 -54.98 -14.33 17.75
N CYS C 469 -53.88 -14.23 17.02
CA CYS C 469 -53.74 -14.91 15.74
C CYS C 469 -53.68 -16.43 15.90
N LYS C 470 -53.91 -17.11 14.78
CA LYS C 470 -53.83 -18.55 14.65
C LYS C 470 -53.82 -18.87 13.16
N ARG C 471 -52.75 -19.49 12.67
CA ARG C 471 -52.67 -19.79 11.25
C ARG C 471 -53.73 -20.81 10.84
N ARG C 472 -54.14 -20.71 9.59
CA ARG C 472 -55.15 -21.59 9.00
C ARG C 472 -54.46 -22.59 8.07
N VAL C 473 -54.73 -23.87 8.29
CA VAL C 473 -54.13 -24.92 7.47
C VAL C 473 -54.98 -25.16 6.22
N GLU D 1 51.66 17.27 -11.50
CA GLU D 1 52.50 18.16 -10.65
C GLU D 1 51.93 19.57 -10.62
N VAL D 2 51.94 20.17 -9.43
CA VAL D 2 51.44 21.53 -9.22
C VAL D 2 52.53 22.51 -9.62
N GLN D 3 52.13 23.64 -10.21
CA GLN D 3 53.05 24.67 -10.66
C GLN D 3 52.69 26.01 -10.01
N VAL D 4 53.67 26.91 -10.02
CA VAL D 4 53.53 28.25 -9.47
C VAL D 4 54.07 29.25 -10.49
N VAL D 5 53.44 30.41 -10.55
CA VAL D 5 53.82 31.48 -11.48
C VAL D 5 54.18 32.71 -10.66
N GLU D 6 55.34 33.28 -10.92
CA GLU D 6 55.83 34.47 -10.25
C GLU D 6 55.77 35.65 -11.20
N SER D 7 55.24 36.78 -10.73
CA SER D 7 55.11 37.97 -11.55
C SER D 7 55.21 39.19 -10.66
N GLY D 8 55.22 40.37 -11.30
CA GLY D 8 55.31 41.62 -10.60
C GLY D 8 56.72 42.08 -10.27
N GLY D 9 57.74 41.46 -10.85
CA GLY D 9 59.10 41.86 -10.57
C GLY D 9 59.49 43.13 -11.29
N GLY D 10 60.58 43.74 -10.81
CA GLY D 10 61.07 44.95 -11.40
C GLY D 10 62.08 45.62 -10.49
N LEU D 11 62.50 46.81 -10.91
CA LEU D 11 63.48 47.62 -10.19
C LEU D 11 62.76 48.79 -9.54
N VAL D 12 63.09 49.05 -8.27
CA VAL D 12 62.48 50.12 -7.50
C VAL D 12 63.56 51.00 -6.89
N GLN D 13 63.34 52.31 -6.92
CA GLN D 13 64.27 53.27 -6.36
C GLN D 13 64.15 53.27 -4.84
N PRO D 14 65.14 53.82 -4.13
CA PRO D 14 65.05 53.86 -2.67
C PRO D 14 63.83 54.63 -2.21
N GLY D 15 62.93 53.94 -1.51
CA GLY D 15 61.72 54.55 -1.01
C GLY D 15 60.57 54.58 -2.01
N GLY D 16 60.69 53.90 -3.14
CA GLY D 16 59.63 53.89 -4.13
C GLY D 16 58.52 52.91 -3.82
N SER D 17 58.02 52.20 -4.83
CA SER D 17 56.96 51.23 -4.66
C SER D 17 56.77 50.49 -5.96
N LEU D 18 56.12 49.33 -5.88
CA LEU D 18 55.85 48.49 -7.04
C LEU D 18 54.65 47.61 -6.72
N ARG D 19 54.31 46.71 -7.64
CA ARG D 19 53.17 45.81 -7.49
C ARG D 19 53.63 44.39 -7.71
N LEU D 20 53.37 43.52 -6.74
CA LEU D 20 53.74 42.11 -6.81
C LEU D 20 52.54 41.25 -7.16
N SER D 21 52.82 40.04 -7.63
CA SER D 21 51.76 39.10 -8.01
C SER D 21 52.33 37.69 -8.07
N CYS D 22 51.42 36.73 -8.03
CA CYS D 22 51.75 35.31 -8.10
C CYS D 22 50.50 34.55 -8.50
N ALA D 23 50.68 33.32 -8.98
CA ALA D 23 49.56 32.50 -9.40
C ALA D 23 49.94 31.03 -9.32
N ALA D 24 48.94 30.17 -9.45
CA ALA D 24 49.12 28.73 -9.43
C ALA D 24 48.00 28.12 -10.27
N SER D 25 48.26 26.91 -10.77
CA SER D 25 47.29 26.22 -11.60
C SER D 25 47.69 24.75 -11.71
N GLY D 26 46.87 24.00 -12.44
CA GLY D 26 47.11 22.59 -12.65
C GLY D 26 46.34 21.65 -11.75
N PHE D 27 45.60 22.15 -10.78
CA PHE D 27 44.84 21.29 -9.87
C PHE D 27 43.68 22.10 -9.29
N THR D 28 42.94 21.47 -8.37
CA THR D 28 41.80 22.13 -7.67
C THR D 28 42.35 22.97 -6.51
N PHE D 29 43.31 22.45 -5.75
CA PHE D 29 43.99 23.19 -4.64
C PHE D 29 43.16 23.17 -3.35
N SER D 30 41.86 22.87 -3.42
CA SER D 30 40.97 22.80 -2.23
C SER D 30 41.32 23.91 -1.23
N HIS D 31 41.54 23.59 0.05
CA HIS D 31 41.87 24.57 1.12
C HIS D 31 43.34 24.96 1.00
N VAL D 32 43.68 25.91 0.13
CA VAL D 32 45.09 26.37 -0.08
C VAL D 32 45.25 27.77 0.54
N TRP D 33 46.38 28.05 1.19
CA TRP D 33 46.67 29.36 1.83
C TRP D 33 48.02 29.88 1.36
N MET D 34 48.05 31.03 0.68
CA MET D 34 49.31 31.57 0.11
C MET D 34 50.18 32.20 1.20
N ASN D 35 51.50 32.26 1.00
CA ASN D 35 52.45 32.86 1.92
C ASN D 35 53.41 33.75 1.13
N TRP D 36 54.23 34.51 1.86
CA TRP D 36 55.19 35.40 1.23
C TRP D 36 56.44 35.45 2.11
N VAL D 37 57.54 34.94 1.57
CA VAL D 37 58.82 34.89 2.27
C VAL D 37 59.92 35.31 1.29
N ARG D 38 60.93 36.00 1.81
CA ARG D 38 62.05 36.47 1.01
C ARG D 38 63.36 36.08 1.69
N GLN D 39 64.39 35.88 0.88
CA GLN D 39 65.72 35.51 1.35
C GLN D 39 66.68 36.66 1.09
N ALA D 40 67.19 37.26 2.16
CA ALA D 40 68.12 38.37 2.02
C ALA D 40 69.43 37.86 1.42
N PRO D 41 70.18 38.74 0.73
CA PRO D 41 71.46 38.30 0.13
C PRO D 41 72.48 37.88 1.17
N GLY D 42 72.85 36.60 1.18
CA GLY D 42 73.82 36.08 2.11
C GLY D 42 73.27 35.71 3.47
N LYS D 43 71.98 35.93 3.70
CA LYS D 43 71.31 35.63 4.97
C LYS D 43 70.10 34.75 4.69
N GLY D 44 69.64 34.05 5.72
CA GLY D 44 68.51 33.14 5.59
C GLY D 44 67.21 33.81 5.17
N LEU D 45 66.13 33.02 5.18
CA LEU D 45 64.82 33.49 4.78
C LEU D 45 64.19 34.37 5.87
N GLU D 46 63.07 35.00 5.52
CA GLU D 46 62.35 35.87 6.43
C GLU D 46 60.93 36.07 5.93
N TRP D 47 59.96 35.87 6.81
CA TRP D 47 58.55 36.02 6.44
C TRP D 47 58.24 37.46 6.08
N VAL D 48 57.35 37.64 5.09
CA VAL D 48 56.95 38.96 4.61
C VAL D 48 55.51 39.28 5.00
N ALA D 49 54.55 38.50 4.51
CA ALA D 49 53.14 38.72 4.81
C ALA D 49 52.40 37.40 4.67
N ARG D 50 51.07 37.40 4.76
CA ARG D 50 50.28 36.16 4.58
C ARG D 50 48.88 36.46 4.02
N ILE D 51 48.37 35.58 3.14
CA ILE D 51 47.00 35.72 2.56
C ILE D 51 46.36 34.32 2.53
N LYS D 52 45.25 34.13 3.23
CA LYS D 52 44.52 32.83 3.26
C LYS D 52 43.60 32.77 2.04
N THR D 53 44.15 32.94 0.82
CA THR D 53 43.39 32.99 -0.46
C THR D 53 42.09 32.21 -0.40
N LYS D 54 42.14 30.91 -0.11
CA LYS D 54 40.93 30.05 -0.08
C LYS D 54 40.68 29.66 1.38
N GLY D 55 39.68 30.28 2.03
CA GLY D 55 39.35 29.99 3.43
C GLY D 55 39.44 31.24 4.28
N GLY D 58 41.76 35.16 6.42
CA GLY D 58 42.62 35.48 7.57
C GLY D 58 43.99 35.88 7.05
N ALA D 59 44.52 37.04 7.46
CA ALA D 59 45.81 37.55 6.96
C ALA D 59 46.79 37.69 8.14
N HIS D 60 48.09 37.76 7.86
CA HIS D 60 49.15 37.89 8.90
C HIS D 60 50.32 38.67 8.29
N TYR D 61 50.80 39.71 8.97
CA TYR D 61 51.91 40.57 8.48
C TYR D 61 53.13 40.38 9.38
N ALA D 62 54.34 40.53 8.82
CA ALA D 62 55.59 40.31 9.55
C ALA D 62 55.91 41.52 10.45
N ALA D 63 57.13 41.53 10.99
CA ALA D 63 57.57 42.58 11.90
C ALA D 63 57.78 43.92 11.22
N SER D 64 58.52 43.95 10.10
CA SER D 64 58.87 45.18 9.41
C SER D 64 58.07 45.43 8.13
N VAL D 65 56.76 45.16 8.13
CA VAL D 65 55.96 45.39 6.93
C VAL D 65 54.66 46.13 7.24
N LYS D 66 54.43 46.46 8.51
CA LYS D 66 53.21 47.19 8.85
C LYS D 66 53.20 48.56 8.17
N ASP D 67 52.00 49.02 7.78
CA ASP D 67 51.83 50.37 7.16
C ASP D 67 52.72 50.51 5.93
N ARG D 68 53.11 49.40 5.28
CA ARG D 68 53.93 49.45 4.08
C ARG D 68 53.50 48.45 3.01
N PHE D 69 52.85 47.36 3.43
CA PHE D 69 52.38 46.30 2.50
C PHE D 69 50.87 46.07 2.68
N SER D 70 50.07 46.13 1.61
CA SER D 70 48.62 45.82 1.64
C SER D 70 48.39 44.62 0.72
N VAL D 71 47.65 43.58 1.11
CA VAL D 71 47.53 42.31 0.31
C VAL D 71 46.08 42.05 -0.13
N SER D 72 45.88 41.23 -1.18
CA SER D 72 44.53 40.88 -1.70
C SER D 72 44.51 39.41 -2.16
N ARG D 73 43.33 38.81 -2.36
CA ARG D 73 43.22 37.39 -2.80
C ARG D 73 42.41 37.29 -4.10
N ASP D 74 42.42 36.11 -4.74
CA ASP D 74 41.64 35.84 -5.99
C ASP D 74 41.23 34.38 -5.96
N GLU D 75 40.08 34.03 -6.57
CA GLU D 75 39.56 32.63 -6.58
C GLU D 75 39.31 32.19 -8.02
N ALA D 76 38.69 33.03 -8.84
CA ALA D 76 38.46 32.72 -10.26
C ALA D 76 39.80 32.32 -10.88
N LYS D 77 40.89 32.95 -10.42
CA LYS D 77 42.25 32.65 -10.93
C LYS D 77 43.06 32.00 -9.80
N ASN D 78 42.61 32.13 -8.55
CA ASN D 78 43.28 31.48 -7.37
C ASN D 78 44.55 32.27 -7.04
N THR D 79 44.78 33.42 -7.66
CA THR D 79 46.00 34.23 -7.48
C THR D 79 45.84 35.14 -6.28
N ALA D 80 46.84 35.98 -5.99
CA ALA D 80 46.79 36.97 -4.89
C ALA D 80 47.49 38.25 -5.35
N TYR D 81 46.96 39.42 -4.96
CA TYR D 81 47.53 40.72 -5.41
C TYR D 81 48.21 41.41 -4.24
N LEU D 82 49.54 41.55 -4.32
CA LEU D 82 50.34 42.19 -3.24
C LEU D 82 50.74 43.60 -3.67
N GLN D 83 50.84 44.56 -2.74
CA GLN D 83 51.22 45.93 -3.03
C GLN D 83 52.03 46.44 -1.86
N MET D 84 53.22 46.98 -2.13
CA MET D 84 54.10 47.50 -1.10
C MET D 84 54.37 48.97 -1.34
N ASN D 85 54.97 49.61 -0.33
CA ASN D 85 55.30 51.03 -0.39
C ASN D 85 56.38 51.31 0.64
N SER D 86 57.11 52.40 0.42
CA SER D 86 58.20 52.83 1.32
C SER D 86 59.28 51.76 1.43
N LEU D 87 59.93 51.52 0.30
CA LEU D 87 61.00 50.53 0.25
C LEU D 87 62.23 51.04 1.02
N LYS D 88 63.10 50.10 1.37
CA LYS D 88 64.34 50.38 2.09
C LYS D 88 65.45 49.52 1.50
N ILE D 89 66.68 49.82 1.92
CA ILE D 89 67.83 49.05 1.41
C ILE D 89 67.73 47.60 1.85
N GLU D 90 67.21 47.36 3.05
CA GLU D 90 67.09 45.99 3.54
C GLU D 90 66.06 45.19 2.76
N ASP D 91 65.14 45.86 2.06
CA ASP D 91 64.12 45.16 1.29
C ASP D 91 64.69 44.43 0.08
N THR D 92 65.92 44.73 -0.33
CA THR D 92 66.53 44.07 -1.47
C THR D 92 66.72 42.59 -1.14
N ALA D 93 65.89 41.74 -1.75
CA ALA D 93 65.96 40.31 -1.52
C ALA D 93 65.15 39.60 -2.59
N VAL D 94 65.37 38.29 -2.71
CA VAL D 94 64.65 37.48 -3.68
C VAL D 94 63.34 37.04 -3.06
N TYR D 95 62.24 37.27 -3.78
CA TYR D 95 60.91 36.91 -3.31
C TYR D 95 60.51 35.56 -3.91
N HIS D 96 60.04 34.66 -3.06
CA HIS D 96 59.60 33.34 -3.46
C HIS D 96 58.14 33.16 -3.07
N CYS D 97 57.32 32.79 -4.05
CA CYS D 97 55.89 32.59 -3.80
C CYS D 97 55.72 31.31 -2.98
N LYS D 98 55.54 31.47 -1.68
CA LYS D 98 55.36 30.35 -0.76
C LYS D 98 53.85 30.12 -0.60
N VAL D 99 53.45 28.86 -0.67
CA VAL D 99 52.04 28.51 -0.54
C VAL D 99 51.89 27.05 -0.10
N ASP D 100 50.99 26.77 0.84
CA ASP D 100 50.80 25.39 1.35
C ASP D 100 49.77 24.67 0.46
N GLY D 101 50.23 23.84 -0.48
CA GLY D 101 49.33 23.15 -1.44
C GLY D 101 48.56 22.02 -0.79
N SER D 102 47.28 21.83 -1.15
CA SER D 102 46.41 20.74 -0.62
C SER D 102 45.57 20.17 -1.76
N ILE D 103 46.20 19.54 -2.76
CA ILE D 103 45.47 19.02 -3.96
C ILE D 103 44.53 17.88 -3.52
N VAL D 104 43.23 18.04 -3.76
CA VAL D 104 42.21 16.98 -3.49
C VAL D 104 42.50 15.80 -4.41
N VAL D 105 42.03 14.59 -4.09
CA VAL D 105 42.17 13.41 -4.98
C VAL D 105 40.88 12.58 -4.93
N ASP D 106 40.50 11.98 -6.06
CA ASP D 106 39.33 11.07 -6.13
C ASP D 106 38.16 11.74 -5.40
N GLU D 107 37.68 12.87 -5.93
CA GLU D 107 36.52 13.59 -5.33
C GLU D 107 35.41 12.58 -5.02
N GLY D 108 34.99 12.47 -3.75
CA GLY D 108 33.96 11.57 -3.30
C GLY D 108 32.64 11.70 -4.02
N PHE D 109 32.31 10.72 -4.85
CA PHE D 109 31.05 10.73 -5.59
C PHE D 109 29.89 10.25 -4.72
N ASP D 110 30.18 9.73 -3.54
CA ASP D 110 29.17 9.23 -2.61
C ASP D 110 29.64 9.68 -1.23
N TYR D 112 31.38 7.50 0.95
CA TYR D 112 32.17 6.34 1.36
C TYR D 112 33.52 6.31 0.62
N ILE D 113 33.90 7.42 -0.03
CA ILE D 113 35.11 7.46 -0.90
C ILE D 113 35.92 8.76 -0.70
N ASP D 114 35.43 9.74 0.06
CA ASP D 114 36.11 11.07 0.21
C ASP D 114 37.57 10.89 0.59
N ALA D 115 38.50 11.58 -0.10
CA ALA D 115 39.96 11.49 0.16
C ALA D 115 40.64 12.78 -0.30
N ILE D 116 41.85 13.07 0.22
CA ILE D 116 42.60 14.31 -0.17
C ILE D 116 44.07 13.86 -0.32
N GLU D 117 44.81 14.39 -1.29
CA GLU D 117 46.18 13.90 -1.59
C GLU D 117 47.22 14.40 -0.57
N LYS D 118 46.88 15.31 0.35
CA LYS D 118 47.87 15.90 1.28
C LYS D 118 48.89 16.61 0.40
N GLY D 119 48.53 17.77 -0.15
CA GLY D 119 49.33 18.57 -1.05
C GLY D 119 50.72 18.95 -0.57
N PHE D 120 51.48 19.58 -1.46
CA PHE D 120 52.85 20.00 -1.24
C PHE D 120 52.96 21.52 -1.18
N VAL D 121 54.00 21.99 -0.50
CA VAL D 121 54.30 23.41 -0.36
C VAL D 121 55.09 23.86 -1.59
N VAL D 122 54.40 24.46 -2.55
CA VAL D 122 55.09 24.90 -3.76
C VAL D 122 55.98 26.09 -3.45
N TRP D 123 57.14 26.12 -4.11
CA TRP D 123 58.15 27.16 -3.96
C TRP D 123 58.28 27.92 -5.27
N GLY D 124 58.31 29.25 -5.19
CA GLY D 124 58.44 30.08 -6.36
C GLY D 124 59.87 30.16 -6.86
N PRO D 125 60.06 30.45 -8.15
CA PRO D 125 61.45 30.54 -8.66
C PRO D 125 62.26 31.67 -8.03
N GLY D 126 61.75 32.90 -8.11
CA GLY D 126 62.44 34.05 -7.55
C GLY D 126 62.21 35.31 -8.35
N VAL D 127 62.07 36.44 -7.66
CA VAL D 127 61.84 37.73 -8.30
C VAL D 127 63.11 38.57 -8.34
N GLN D 128 63.93 38.50 -7.30
CA GLN D 128 65.18 39.25 -7.20
C GLN D 128 64.91 40.76 -7.30
N VAL D 129 64.21 41.25 -6.28
CA VAL D 129 63.87 42.67 -6.19
C VAL D 129 65.06 43.41 -5.61
N THR D 130 65.53 44.43 -6.32
CA THR D 130 66.67 45.23 -5.91
C THR D 130 66.23 46.67 -5.69
N VAL D 131 66.58 47.23 -4.53
CA VAL D 131 66.24 48.60 -4.17
C VAL D 131 67.46 49.44 -4.54
N SER D 132 67.49 49.91 -5.78
CA SER D 132 68.60 50.73 -6.28
C SER D 132 68.11 51.48 -7.52
N SER D 133 69.05 52.11 -8.22
CA SER D 133 68.74 52.87 -9.42
C SER D 133 68.33 51.93 -10.55
N ASP E 1 58.45 37.30 18.40
CA ASP E 1 58.52 36.17 17.45
C ASP E 1 59.17 34.93 18.06
N VAL E 2 58.83 33.76 17.53
CA VAL E 2 59.37 32.49 18.02
C VAL E 2 60.64 32.21 17.21
N VAL E 3 61.76 32.72 17.70
CA VAL E 3 63.05 32.50 17.04
C VAL E 3 63.53 31.10 17.38
N MET E 4 64.34 30.53 16.49
CA MET E 4 64.88 29.20 16.65
C MET E 4 66.34 29.17 16.24
N THR E 5 67.07 28.19 16.77
CA THR E 5 68.49 28.03 16.49
C THR E 5 68.76 26.67 15.85
N GLN E 6 69.73 26.65 14.95
CA GLN E 6 70.15 25.44 14.23
C GLN E 6 71.51 24.99 14.73
N SER E 7 71.83 23.73 14.44
CA SER E 7 73.12 23.18 14.85
C SER E 7 73.35 21.84 14.15
N PRO E 8 74.54 21.57 13.59
CA PRO E 8 75.75 22.41 13.49
C PRO E 8 75.64 23.46 12.38
N LEU E 9 76.43 24.53 12.48
CA LEU E 9 76.39 25.56 11.45
C LEU E 9 76.84 25.02 10.11
N SER E 10 77.88 24.18 10.10
CA SER E 10 78.41 23.59 8.89
C SER E 10 78.75 22.13 9.16
N LEU E 11 78.71 21.31 8.11
CA LEU E 11 79.00 19.90 8.23
C LEU E 11 79.47 19.37 6.88
N SER E 12 80.25 18.31 6.93
CA SER E 12 80.79 17.68 5.72
C SER E 12 81.27 16.28 6.07
N ILE E 13 80.75 15.27 5.38
CA ILE E 13 81.11 13.89 5.61
C ILE E 13 81.22 13.15 4.27
N THR E 14 81.94 12.02 4.30
CA THR E 14 82.13 11.17 3.14
C THR E 14 80.98 10.17 3.04
N PRO E 15 80.54 9.78 1.84
CA PRO E 15 79.44 8.80 1.77
C PRO E 15 79.84 7.46 2.36
N GLY E 16 78.88 6.82 3.04
CA GLY E 16 79.10 5.52 3.65
C GLY E 16 78.74 5.44 5.12
N GLN E 17 78.35 6.57 5.73
CA GLN E 17 77.99 6.60 7.13
C GLN E 17 76.78 7.52 7.30
N PRO E 18 76.04 7.40 8.41
CA PRO E 18 74.86 8.27 8.61
C PRO E 18 75.25 9.69 8.98
N ALA E 19 74.24 10.56 9.11
CA ALA E 19 74.44 11.95 9.47
C ALA E 19 73.22 12.44 10.22
N SER E 20 73.39 13.54 10.96
CA SER E 20 72.30 14.10 11.73
C SER E 20 72.46 15.61 11.87
N ILE E 21 71.34 16.28 12.09
CA ILE E 21 71.28 17.73 12.25
C ILE E 21 70.10 18.05 13.15
N SER E 22 70.24 19.09 13.98
CA SER E 22 69.20 19.50 14.91
C SER E 22 68.91 20.99 14.80
N CYS E 23 67.67 21.34 15.17
CA CYS E 23 67.18 22.71 15.14
C CYS E 23 66.24 22.90 16.32
N ARG E 24 66.68 23.68 17.31
CA ARG E 24 65.88 23.94 18.50
C ARG E 24 65.17 25.28 18.39
N SER E 25 64.05 25.41 19.10
CA SER E 25 63.25 26.62 19.12
C SER E 25 63.33 27.27 20.49
N ILE E 26 62.93 28.55 20.55
CA ILE E 26 62.97 29.29 21.80
C ILE E 26 62.02 28.68 22.83
N GLN E 27 60.88 28.15 22.38
CA GLN E 27 59.90 27.57 23.28
C GLN E 27 59.14 26.47 22.55
N SER E 28 58.28 25.77 23.29
CA SER E 28 57.51 24.68 22.72
C SER E 28 56.66 25.14 21.55
N LEU E 29 56.69 24.37 20.46
CA LEU E 29 55.94 24.68 19.27
C LEU E 29 54.54 24.06 19.25
N LEU E 30 54.23 23.18 20.19
CA LEU E 30 52.92 22.56 20.23
C LEU E 30 51.84 23.62 20.48
N ASP E 31 50.79 23.57 19.67
CA ASP E 31 49.68 24.51 19.78
C ASP E 31 48.65 24.00 20.79
N SER E 32 47.48 24.63 20.81
CA SER E 32 46.43 24.24 21.74
C SER E 32 45.83 22.88 21.42
N ASN E 33 45.46 22.64 20.16
CA ASN E 33 44.85 21.36 19.82
C ASN E 33 45.84 20.21 19.98
N GLY E 34 47.11 20.43 19.61
CA GLY E 34 48.13 19.41 19.75
C GLY E 34 48.97 19.16 18.51
N LYS E 35 48.49 19.61 17.35
CA LYS E 35 49.22 19.40 16.11
C LYS E 35 50.49 20.26 16.07
N THR E 36 51.43 19.84 15.24
CA THR E 36 52.71 20.52 15.06
C THR E 36 52.92 20.76 13.57
N PHE E 37 53.56 21.90 13.25
CA PHE E 37 53.83 22.29 11.87
C PHE E 37 55.32 22.41 11.59
N LEU E 38 56.13 21.52 12.16
CA LEU E 38 57.56 21.55 11.92
C LEU E 38 57.84 21.02 10.53
N SER E 39 58.55 21.80 9.72
CA SER E 39 58.89 21.45 8.35
C SER E 39 60.38 21.55 8.11
N TRP E 40 60.90 20.61 7.32
CA TRP E 40 62.32 20.56 6.96
C TRP E 40 62.42 20.86 5.48
N TYR E 41 63.28 21.81 5.12
CA TYR E 41 63.44 22.23 3.74
C TYR E 41 64.87 22.00 3.26
N GLN E 42 65.01 21.71 1.97
CA GLN E 42 66.30 21.48 1.33
C GLN E 42 66.35 22.34 0.08
N GLN E 43 67.42 23.11 -0.07
CA GLN E 43 67.58 23.99 -1.24
C GLN E 43 68.96 23.78 -1.86
N LYS E 44 68.99 23.05 -2.95
CA LYS E 44 70.25 22.84 -3.65
C LYS E 44 70.66 24.11 -4.36
N PRO E 45 71.94 24.27 -4.67
CA PRO E 45 72.38 25.49 -5.34
C PRO E 45 71.74 25.65 -6.72
N GLY E 46 71.32 26.89 -7.03
CA GLY E 46 70.73 27.22 -8.31
C GLY E 46 69.26 26.94 -8.49
N ARG E 47 68.59 26.32 -7.52
CA ARG E 47 67.17 26.02 -7.60
C ARG E 47 66.48 26.30 -6.27
N PRO E 48 65.16 26.53 -6.29
CA PRO E 48 64.44 26.84 -5.05
C PRO E 48 64.47 25.69 -4.05
N PRO E 49 63.93 25.89 -2.85
CA PRO E 49 63.95 24.82 -1.83
C PRO E 49 62.95 23.73 -2.13
N ARG E 50 63.11 22.63 -1.38
CA ARG E 50 62.25 21.45 -1.48
C ARG E 50 62.14 20.83 -0.10
N ARG E 51 60.92 20.42 0.25
CA ARG E 51 60.63 19.82 1.55
C ARG E 51 60.83 18.31 1.52
N LEU E 52 61.22 17.76 2.69
CA LEU E 52 61.50 16.34 2.84
C LEU E 52 60.67 15.69 3.93
N ILE E 53 60.52 16.34 5.09
CA ILE E 53 59.78 15.81 6.22
C ILE E 53 58.74 16.84 6.66
N TYR E 54 57.59 16.36 7.14
CA TYR E 54 56.52 17.23 7.60
C TYR E 54 55.94 16.68 8.90
N GLU E 55 55.60 17.61 9.80
CA GLU E 55 55.15 17.37 11.18
C GLU E 55 56.15 16.51 11.95
N VAL E 56 57.40 16.96 11.94
CA VAL E 56 58.52 16.37 12.67
C VAL E 56 59.03 15.05 12.09
N SER E 57 58.15 14.10 11.78
CA SER E 57 58.59 12.79 11.29
C SER E 57 58.03 12.33 9.95
N ASN E 58 56.76 12.64 9.62
CA ASN E 58 56.11 12.17 8.37
C ASN E 58 56.99 12.49 7.16
N ARG E 59 56.85 11.76 6.05
CA ARG E 59 57.70 11.96 4.84
C ARG E 59 56.83 12.36 3.65
N ASP E 60 57.27 13.35 2.85
CA ASP E 60 56.50 13.85 1.67
C ASP E 60 56.74 12.95 0.47
N SER E 61 55.67 12.60 -0.26
CA SER E 61 55.77 11.78 -1.49
C SER E 61 56.85 12.38 -2.39
N GLY E 62 57.81 11.57 -2.84
CA GLY E 62 58.91 12.04 -3.71
C GLY E 62 60.21 12.16 -2.93
N VAL E 63 60.16 12.09 -1.60
CA VAL E 63 61.36 12.20 -0.73
C VAL E 63 61.90 10.78 -0.49
N PRO E 64 63.22 10.54 -0.54
CA PRO E 64 63.77 9.22 -0.23
C PRO E 64 63.41 8.85 1.21
N ASP E 65 63.11 7.59 1.48
CA ASP E 65 62.71 7.13 2.83
C ASP E 65 63.92 7.16 3.78
N ARG E 66 65.13 7.00 3.24
CA ARG E 66 66.38 7.01 4.05
C ARG E 66 66.35 8.22 4.96
N ILE E 67 65.60 9.27 4.60
CA ILE E 67 65.50 10.49 5.39
C ILE E 67 64.38 10.31 6.40
N SER E 68 64.70 10.52 7.69
CA SER E 68 63.71 10.39 8.75
C SER E 68 64.03 11.39 9.85
N GLY E 69 63.00 11.75 10.60
CA GLY E 69 63.16 12.70 11.69
C GLY E 69 62.21 12.38 12.81
N SER E 70 62.48 12.97 13.97
CA SER E 70 61.65 12.77 15.16
C SER E 70 61.97 13.88 16.16
N GLY E 71 61.25 13.88 17.26
CA GLY E 71 61.44 14.88 18.29
C GLY E 71 60.18 15.03 19.13
N ALA E 72 60.28 15.94 20.10
CA ALA E 72 59.16 16.22 21.00
C ALA E 72 59.46 17.49 21.77
N GLY E 73 58.40 18.21 22.11
CA GLY E 73 58.53 19.45 22.86
C GLY E 73 59.30 20.51 22.11
N THR E 74 60.53 20.78 22.54
CA THR E 74 61.39 21.79 21.93
C THR E 74 62.56 21.20 21.15
N ASP E 75 62.99 19.98 21.47
CA ASP E 75 64.11 19.35 20.78
C ASP E 75 63.62 18.56 19.57
N PHE E 76 64.21 18.83 18.42
CA PHE E 76 63.88 18.16 17.18
C PHE E 76 65.15 17.98 16.36
N THR E 77 65.18 16.93 15.54
CA THR E 77 66.36 16.67 14.73
C THR E 77 66.00 15.77 13.56
N LEU E 78 66.89 15.74 12.58
CA LEU E 78 66.75 14.93 11.37
C LEU E 78 67.84 13.87 11.36
N LYS E 79 67.49 12.67 10.92
CA LYS E 79 68.42 11.54 10.86
C LYS E 79 68.35 10.88 9.49
N ILE E 80 69.52 10.67 8.89
CA ILE E 80 69.64 10.03 7.58
C ILE E 80 70.60 8.85 7.72
N SER E 81 70.17 7.68 7.25
CA SER E 81 71.00 6.48 7.34
C SER E 81 72.14 6.46 6.32
N ARG E 82 72.00 7.15 5.20
CA ARG E 82 73.05 7.16 4.18
C ARG E 82 72.93 8.44 3.37
N VAL E 83 74.05 9.13 3.18
CA VAL E 83 74.09 10.36 2.40
C VAL E 83 74.65 10.05 1.01
N GLU E 84 73.99 10.57 -0.01
CA GLU E 84 74.37 10.38 -1.41
C GLU E 84 74.79 11.71 -2.03
N ALA E 85 75.25 11.64 -3.28
CA ALA E 85 75.69 12.85 -3.97
C ALA E 85 74.54 13.84 -4.13
N GLU E 86 73.35 13.34 -4.46
CA GLU E 86 72.20 14.22 -4.63
C GLU E 86 71.82 14.94 -3.35
N ASP E 87 72.25 14.43 -2.18
CA ASP E 87 71.96 15.05 -0.91
C ASP E 87 72.74 16.35 -0.71
N VAL E 88 73.77 16.60 -1.52
CA VAL E 88 74.55 17.82 -1.38
C VAL E 88 73.66 19.03 -1.60
N GLY E 89 73.73 19.99 -0.69
CA GLY E 89 72.91 21.18 -0.79
C GLY E 89 72.79 21.85 0.55
N ILE E 90 71.97 22.89 0.58
CA ILE E 90 71.71 23.67 1.79
C ILE E 90 70.52 23.07 2.50
N TYR E 91 70.62 22.97 3.82
CA TYR E 91 69.56 22.40 4.66
C TYR E 91 68.97 23.49 5.54
N TYR E 92 67.64 23.48 5.66
CA TYR E 92 66.89 24.44 6.46
C TYR E 92 65.91 23.71 7.37
N CYS E 93 65.51 24.41 8.42
CA CYS E 93 64.53 23.94 9.39
C CYS E 93 63.46 25.03 9.45
N GLY E 94 62.20 24.64 9.59
CA GLY E 94 61.14 25.63 9.60
C GLY E 94 59.92 25.15 10.36
N GLN E 95 59.17 26.13 10.89
CA GLN E 95 57.96 25.86 11.64
C GLN E 95 56.95 26.96 11.33
N ASP E 96 55.67 26.57 11.28
CA ASP E 96 54.57 27.49 11.01
C ASP E 96 53.51 27.37 12.11
N SER E 97 53.91 26.96 13.31
CA SER E 97 52.94 26.82 14.40
C SER E 97 52.32 28.15 14.78
N PHE E 98 53.08 29.23 14.68
CA PHE E 98 52.62 30.56 15.03
C PHE E 98 52.68 31.45 13.79
N PHE E 99 51.84 32.49 13.79
CA PHE E 99 51.77 33.42 12.68
C PHE E 99 53.14 34.01 12.32
N PRO E 100 53.93 34.55 13.26
CA PRO E 100 55.26 35.05 12.85
C PRO E 100 56.18 33.88 12.57
N PHE E 101 56.44 33.61 11.30
CA PHE E 101 57.30 32.50 10.92
C PHE E 101 58.77 32.87 11.05
N THR E 102 59.59 31.86 11.35
CA THR E 102 61.02 32.02 11.49
C THR E 102 61.70 30.83 10.82
N PHE E 103 62.74 31.13 10.03
CA PHE E 103 63.49 30.12 9.31
C PHE E 103 64.95 30.23 9.71
N GLY E 104 65.59 29.07 9.87
CA GLY E 104 66.97 29.00 10.30
C GLY E 104 67.95 29.68 9.36
N PRO E 105 69.11 30.08 9.86
CA PRO E 105 70.10 30.74 8.99
C PRO E 105 70.58 29.87 7.83
N GLY E 106 70.56 28.55 7.98
CA GLY E 106 70.99 27.65 6.92
C GLY E 106 72.31 26.95 7.22
N THR E 107 72.35 25.65 6.98
CA THR E 107 73.53 24.83 7.21
C THR E 107 74.02 24.23 5.90
N LYS E 108 75.34 24.15 5.76
CA LYS E 108 75.98 23.61 4.57
C LYS E 108 76.37 22.16 4.81
N LEU E 109 76.09 21.31 3.82
CA LEU E 109 76.39 19.88 3.88
C LEU E 109 77.14 19.51 2.60
N ASP E 110 78.47 19.49 2.68
CA ASP E 110 79.32 19.16 1.54
C ASP E 110 79.70 17.69 1.59
N ILE E 111 79.94 17.12 0.41
CA ILE E 111 80.32 15.72 0.26
C ILE E 111 81.60 15.65 -0.56
N LYS E 112 82.52 14.77 -0.15
CA LYS E 112 83.79 14.60 -0.84
C LYS E 112 83.58 14.22 -2.30
N LEU F 8 -34.86 -19.19 -25.20
CA LEU F 8 -34.24 -18.28 -26.21
C LEU F 8 -32.87 -17.78 -25.75
N GLY F 9 -32.89 -16.83 -24.82
CA GLY F 9 -31.66 -16.27 -24.30
C GLY F 9 -31.91 -14.92 -23.67
N PHE F 10 -30.83 -14.31 -23.23
CA PHE F 10 -30.91 -13.01 -22.59
C PHE F 10 -31.39 -11.97 -23.61
N LEU F 11 -32.45 -11.25 -23.27
CA LEU F 11 -33.04 -10.24 -24.14
C LEU F 11 -33.45 -10.83 -25.48
N GLY F 12 -33.87 -12.10 -25.49
CA GLY F 12 -34.29 -12.75 -26.71
C GLY F 12 -35.54 -12.17 -27.31
N ALA F 13 -36.33 -11.43 -26.52
CA ALA F 13 -37.56 -10.82 -27.00
C ALA F 13 -37.73 -9.41 -26.45
N ALA F 14 -36.63 -8.70 -26.25
CA ALA F 14 -36.71 -7.34 -25.72
C ALA F 14 -37.49 -6.43 -26.67
N GLY F 15 -37.21 -6.53 -27.96
CA GLY F 15 -37.89 -5.71 -28.95
C GLY F 15 -39.21 -6.24 -29.44
N SER F 16 -39.55 -7.49 -29.10
CA SER F 16 -40.81 -8.07 -29.53
C SER F 16 -41.97 -7.40 -28.79
N THR F 17 -43.18 -7.86 -29.09
CA THR F 17 -44.36 -7.30 -28.44
C THR F 17 -44.29 -7.54 -26.94
N MET F 18 -44.81 -6.58 -26.18
CA MET F 18 -44.77 -6.67 -24.72
C MET F 18 -45.50 -7.91 -24.21
N GLY F 19 -46.63 -8.25 -24.83
CA GLY F 19 -47.38 -9.42 -24.39
C GLY F 19 -46.56 -10.69 -24.43
N ALA F 20 -45.85 -10.92 -25.53
CA ALA F 20 -45.02 -12.11 -25.64
C ALA F 20 -43.72 -11.94 -24.86
N ALA F 21 -43.20 -10.72 -24.78
CA ALA F 21 -41.97 -10.48 -24.04
C ALA F 21 -42.15 -10.77 -22.56
N SER F 22 -43.38 -10.66 -22.05
CA SER F 22 -43.64 -10.94 -20.65
C SER F 22 -43.42 -12.40 -20.28
N MET F 23 -43.31 -13.30 -21.25
CA MET F 23 -43.09 -14.71 -21.01
C MET F 23 -41.62 -15.10 -20.91
N THR F 24 -40.70 -14.15 -21.11
CA THR F 24 -39.26 -14.41 -21.05
C THR F 24 -38.60 -13.61 -19.93
N LEU F 25 -39.24 -13.60 -18.76
CA LEU F 25 -38.69 -12.88 -17.61
C LEU F 25 -37.74 -13.73 -16.78
N THR F 26 -37.92 -15.05 -16.82
CA THR F 26 -37.05 -15.94 -16.03
C THR F 26 -35.61 -15.87 -16.49
N VAL F 27 -35.36 -15.73 -17.78
CA VAL F 27 -33.98 -15.64 -18.26
C VAL F 27 -33.30 -14.40 -17.69
N GLN F 28 -34.00 -13.26 -17.72
CA GLN F 28 -33.43 -12.05 -17.15
C GLN F 28 -33.20 -12.20 -15.65
N ALA F 29 -34.19 -12.78 -14.95
CA ALA F 29 -34.05 -12.96 -13.51
C ALA F 29 -32.84 -13.82 -13.19
N ARG F 30 -32.62 -14.88 -13.95
CA ARG F 30 -31.47 -15.74 -13.71
C ARG F 30 -30.18 -15.00 -14.04
N ASN F 31 -30.19 -14.15 -15.06
CA ASN F 31 -29.00 -13.40 -15.42
C ASN F 31 -28.71 -12.26 -14.44
N LEU F 32 -29.65 -11.93 -13.56
CA LEU F 32 -29.39 -10.85 -12.60
C LEU F 32 -28.16 -11.14 -11.72
N LEU F 33 -27.76 -12.39 -11.59
CA LEU F 33 -26.59 -12.78 -10.79
C LEU F 33 -25.54 -13.42 -11.69
N LEU F 56 -3.95 -6.97 -8.11
CA LEU F 56 -3.58 -7.11 -6.70
C LEU F 56 -4.67 -6.47 -5.82
N THR F 57 -4.30 -5.59 -4.89
CA THR F 57 -5.30 -4.97 -4.03
C THR F 57 -6.27 -4.11 -4.83
N VAL F 58 -5.78 -3.35 -5.80
CA VAL F 58 -6.66 -2.49 -6.59
C VAL F 58 -7.63 -3.33 -7.42
N TRP F 59 -7.13 -4.35 -8.11
CA TRP F 59 -8.02 -5.18 -8.91
C TRP F 59 -8.96 -5.97 -8.02
N GLY F 60 -8.47 -6.44 -6.86
CA GLY F 60 -9.32 -7.17 -5.97
C GLY F 60 -10.47 -6.33 -5.45
N ILE F 61 -10.17 -5.11 -5.00
CA ILE F 61 -11.23 -4.24 -4.52
C ILE F 61 -12.16 -3.84 -5.65
N LYS F 62 -11.64 -3.72 -6.88
CA LYS F 62 -12.52 -3.38 -8.00
C LYS F 62 -13.52 -4.49 -8.26
N GLN F 63 -13.03 -5.74 -8.32
CA GLN F 63 -13.93 -6.87 -8.55
C GLN F 63 -14.92 -7.00 -7.41
N LEU F 64 -14.45 -6.82 -6.17
CA LEU F 64 -15.35 -6.91 -5.02
C LEU F 64 -16.40 -5.82 -5.08
N GLN F 65 -16.01 -4.62 -5.52
CA GLN F 65 -16.96 -3.52 -5.62
C GLN F 65 -18.04 -3.84 -6.64
N ALA F 66 -17.65 -4.39 -7.79
CA ALA F 66 -18.66 -4.74 -8.79
C ALA F 66 -19.59 -5.83 -8.27
N ARG F 67 -19.03 -6.86 -7.63
CA ARG F 67 -19.84 -7.94 -7.10
C ARG F 67 -20.81 -7.45 -6.04
N VAL F 68 -20.33 -6.67 -5.08
CA VAL F 68 -21.22 -6.18 -4.02
C VAL F 68 -22.24 -5.23 -4.61
N LEU F 69 -21.89 -4.46 -5.64
CA LEU F 69 -22.86 -3.55 -6.25
C LEU F 69 -24.01 -4.35 -6.84
N ALA F 70 -23.68 -5.39 -7.61
CA ALA F 70 -24.73 -6.22 -8.19
C ALA F 70 -25.57 -6.90 -7.12
N VAL F 71 -24.91 -7.43 -6.09
CA VAL F 71 -25.63 -8.10 -5.02
C VAL F 71 -26.55 -7.12 -4.29
N GLU F 72 -26.05 -5.92 -4.01
CA GLU F 72 -26.86 -4.92 -3.33
C GLU F 72 -28.06 -4.54 -4.17
N ARG F 73 -27.87 -4.40 -5.49
CA ARG F 73 -29.00 -4.06 -6.35
C ARG F 73 -30.04 -5.17 -6.32
N TYR F 74 -29.59 -6.43 -6.32
CA TYR F 74 -30.53 -7.58 -6.33
C TYR F 74 -31.25 -7.64 -4.98
N LEU F 75 -30.58 -7.31 -3.86
CA LEU F 75 -31.27 -7.28 -2.57
C LEU F 75 -32.26 -6.14 -2.50
N ARG F 76 -31.90 -4.98 -3.05
CA ARG F 76 -32.83 -3.85 -3.03
C ARG F 76 -34.09 -4.19 -3.81
N ASP F 77 -33.90 -4.87 -4.93
CA ASP F 77 -35.02 -5.26 -5.82
C ASP F 77 -35.99 -6.17 -5.06
N GLN F 78 -35.54 -7.34 -4.61
CA GLN F 78 -36.43 -8.33 -3.94
C GLN F 78 -36.90 -7.74 -2.62
N GLN F 79 -36.28 -6.68 -2.12
CA GLN F 79 -36.75 -5.98 -0.90
C GLN F 79 -37.95 -5.13 -1.30
N LEU F 80 -37.92 -4.55 -2.50
CA LEU F 80 -39.06 -3.75 -3.02
C LEU F 80 -40.20 -4.72 -3.34
N LEU F 81 -39.88 -5.94 -3.79
CA LEU F 81 -40.92 -6.94 -4.03
C LEU F 81 -41.50 -7.44 -2.72
N GLY F 82 -40.67 -7.59 -1.69
CA GLY F 82 -41.14 -8.08 -0.40
C GLY F 82 -42.10 -7.13 0.28
N ILE F 83 -41.81 -5.83 0.24
CA ILE F 83 -42.69 -4.86 0.88
C ILE F 83 -44.08 -4.86 0.25
N TRP F 84 -44.22 -5.39 -0.96
CA TRP F 84 -45.48 -5.48 -1.66
C TRP F 84 -46.05 -6.90 -1.46
N GLY F 85 -47.22 -7.14 -2.02
CA GLY F 85 -47.87 -8.43 -1.90
C GLY F 85 -47.44 -9.48 -2.90
N CYS F 86 -46.31 -9.26 -3.57
CA CYS F 86 -45.79 -10.18 -4.58
C CYS F 86 -44.39 -10.66 -4.25
N SER F 87 -44.17 -11.06 -3.01
CA SER F 87 -42.86 -11.55 -2.58
C SER F 87 -42.58 -12.91 -3.21
N GLY F 88 -41.40 -13.05 -3.81
CA GLY F 88 -41.02 -14.31 -4.42
C GLY F 88 -41.89 -14.73 -5.59
N LYS F 89 -42.27 -13.78 -6.45
CA LYS F 89 -43.09 -14.09 -7.62
C LYS F 89 -42.77 -13.07 -8.70
N LEU F 90 -42.73 -13.56 -9.95
CA LEU F 90 -42.42 -12.68 -11.08
C LEU F 90 -43.66 -11.93 -11.55
N ILE F 91 -44.66 -12.65 -12.06
CA ILE F 91 -45.90 -12.06 -12.52
C ILE F 91 -46.85 -11.96 -11.34
N CYS F 92 -47.38 -10.77 -11.09
CA CYS F 92 -48.28 -10.57 -9.96
C CYS F 92 -49.05 -9.28 -10.03
N CYS F 93 -50.34 -9.34 -9.73
CA CYS F 93 -51.23 -8.19 -9.72
C CYS F 93 -51.57 -7.81 -8.28
N THR F 94 -52.07 -6.59 -8.12
CA THR F 94 -52.44 -6.09 -6.80
C THR F 94 -53.86 -5.54 -6.78
N ASN F 95 -54.23 -4.88 -5.67
CA ASN F 95 -55.56 -4.30 -5.50
C ASN F 95 -55.58 -2.81 -5.77
N VAL F 96 -54.48 -2.23 -6.25
CA VAL F 96 -54.42 -0.80 -6.52
C VAL F 96 -55.14 -0.53 -7.84
N PRO F 97 -56.21 0.25 -7.89
CA PRO F 97 -56.88 0.49 -9.17
C PRO F 97 -56.01 1.34 -10.08
N TRP F 98 -56.14 1.09 -11.39
CA TRP F 98 -55.37 1.84 -12.37
C TRP F 98 -56.00 3.21 -12.61
N ASN F 99 -55.15 4.22 -12.72
CA ASN F 99 -55.59 5.60 -12.94
C ASN F 99 -55.37 5.97 -14.40
N SER F 100 -56.41 6.54 -15.02
CA SER F 100 -56.31 6.94 -16.42
C SER F 100 -55.29 8.06 -16.64
N SER F 101 -54.95 8.80 -15.58
CA SER F 101 -53.98 9.88 -15.74
C SER F 101 -52.62 9.35 -16.16
N TRP F 102 -52.20 8.22 -15.59
CA TRP F 102 -50.91 7.64 -15.96
C TRP F 102 -50.89 7.23 -17.42
N SER F 103 -51.98 6.62 -17.90
CA SER F 103 -52.07 6.20 -19.30
C SER F 103 -53.52 5.83 -19.63
N ASN F 104 -54.04 6.42 -20.71
CA ASN F 104 -55.39 6.18 -21.17
C ASN F 104 -55.43 5.41 -22.49
N ARG F 105 -54.35 4.72 -22.82
CA ARG F 105 -54.30 3.97 -24.06
C ARG F 105 -55.19 2.72 -23.99
N ASN F 106 -55.57 2.23 -25.16
CA ASN F 106 -56.43 1.06 -25.24
C ASN F 106 -55.66 -0.20 -24.84
N LEU F 107 -56.39 -1.17 -24.30
CA LEU F 107 -55.77 -2.43 -23.87
C LEU F 107 -55.35 -3.30 -25.04
N SER F 108 -55.87 -3.05 -26.24
CA SER F 108 -55.52 -3.89 -27.39
C SER F 108 -54.10 -3.62 -27.88
N GLU F 109 -53.73 -2.34 -28.02
CA GLU F 109 -52.39 -2.02 -28.53
C GLU F 109 -51.30 -2.18 -27.49
N ILE F 110 -51.61 -1.95 -26.21
CA ILE F 110 -50.58 -2.06 -25.17
C ILE F 110 -50.10 -3.50 -25.04
N TRP F 111 -51.01 -4.47 -25.13
CA TRP F 111 -50.64 -5.86 -24.99
C TRP F 111 -50.27 -6.54 -26.31
N ASP F 112 -50.39 -5.83 -27.44
CA ASP F 112 -50.06 -6.42 -28.74
C ASP F 112 -49.25 -5.52 -29.65
N ASN F 113 -49.14 -4.22 -29.38
CA ASN F 113 -48.40 -3.29 -30.23
C ASN F 113 -47.22 -2.63 -29.53
N MET F 114 -47.45 -2.00 -28.37
CA MET F 114 -46.36 -1.33 -27.66
C MET F 114 -45.45 -2.33 -26.98
N THR F 115 -44.19 -1.93 -26.82
CA THR F 115 -43.16 -2.74 -26.19
C THR F 115 -42.87 -2.23 -24.78
N TRP F 116 -41.99 -2.95 -24.07
CA TRP F 116 -41.63 -2.56 -22.71
C TRP F 116 -40.80 -1.29 -22.68
N LEU F 117 -39.92 -1.10 -23.66
CA LEU F 117 -39.06 0.08 -23.68
C LEU F 117 -39.86 1.38 -23.71
N GLN F 118 -40.65 1.56 -24.77
CA GLN F 118 -41.45 2.78 -24.89
C GLN F 118 -42.41 2.94 -23.73
N TRP F 119 -43.02 1.84 -23.28
CA TRP F 119 -43.94 1.94 -22.15
C TRP F 119 -43.23 2.44 -20.91
N ASP F 120 -42.02 1.94 -20.64
CA ASP F 120 -41.27 2.40 -19.48
C ASP F 120 -40.91 3.87 -19.63
N LYS F 121 -40.53 4.28 -20.84
CA LYS F 121 -40.19 5.69 -21.04
C LYS F 121 -41.41 6.59 -20.87
N GLU F 122 -42.60 6.04 -21.11
CA GLU F 122 -43.82 6.84 -20.99
C GLU F 122 -44.13 7.21 -19.54
N ILE F 123 -43.93 6.27 -18.61
CA ILE F 123 -44.23 6.49 -17.19
C ILE F 123 -42.96 6.64 -16.37
N SER F 124 -41.88 7.14 -17.00
CA SER F 124 -40.62 7.31 -16.28
C SER F 124 -40.75 8.28 -15.10
N ASN F 125 -41.78 9.13 -15.10
CA ASN F 125 -41.98 10.09 -14.02
C ASN F 125 -42.98 9.63 -12.96
N TYR F 126 -43.85 8.68 -13.30
CA TYR F 126 -44.86 8.16 -12.38
C TYR F 126 -44.42 6.90 -11.65
N THR F 127 -43.16 6.48 -11.80
CA THR F 127 -42.70 5.26 -11.16
C THR F 127 -42.76 5.35 -9.64
N GLN F 128 -42.38 6.50 -9.07
CA GLN F 128 -42.39 6.65 -7.62
C GLN F 128 -43.80 6.57 -7.04
N ILE F 129 -44.77 7.20 -7.71
CA ILE F 129 -46.13 7.20 -7.20
C ILE F 129 -46.69 5.78 -7.16
N ILE F 130 -46.39 4.98 -8.19
CA ILE F 130 -46.88 3.61 -8.21
C ILE F 130 -46.32 2.82 -7.03
N TYR F 131 -45.02 2.98 -6.77
CA TYR F 131 -44.41 2.26 -5.65
C TYR F 131 -45.02 2.70 -4.32
N GLY F 132 -45.22 4.01 -4.14
CA GLY F 132 -45.81 4.48 -2.89
C GLY F 132 -47.21 3.95 -2.68
N LEU F 133 -48.05 4.02 -3.71
CA LEU F 133 -49.41 3.52 -3.59
C LEU F 133 -49.42 2.01 -3.36
N LEU F 134 -48.52 1.28 -4.02
CA LEU F 134 -48.45 -0.16 -3.82
C LEU F 134 -48.09 -0.48 -2.39
N GLU F 135 -47.13 0.26 -1.82
CA GLU F 135 -46.74 0.02 -0.44
C GLU F 135 -47.90 0.31 0.50
N GLU F 136 -48.59 1.43 0.29
CA GLU F 136 -49.71 1.76 1.18
C GLU F 136 -50.79 0.68 1.11
N SER F 137 -51.12 0.24 -0.10
CA SER F 137 -52.14 -0.80 -0.24
C SER F 137 -51.71 -2.09 0.40
N GLN F 138 -50.44 -2.47 0.25
CA GLN F 138 -49.98 -3.71 0.87
C GLN F 138 -50.03 -3.61 2.39
N ASN F 139 -49.62 -2.48 2.96
CA ASN F 139 -49.66 -2.34 4.41
C ASN F 139 -51.10 -2.44 4.90
N GLN F 140 -52.02 -1.78 4.19
CA GLN F 140 -53.43 -1.86 4.58
C GLN F 140 -53.94 -3.29 4.48
N GLN F 141 -53.54 -4.01 3.43
CA GLN F 141 -53.98 -5.39 3.27
C GLN F 141 -53.44 -6.27 4.39
N GLU F 142 -52.18 -6.07 4.77
CA GLU F 142 -51.60 -6.85 5.86
C GLU F 142 -52.35 -6.59 7.16
N LYS F 143 -52.64 -5.33 7.44
CA LYS F 143 -53.37 -5.01 8.66
C LYS F 143 -54.77 -5.63 8.63
N ASN F 144 -55.45 -5.54 7.49
CA ASN F 144 -56.79 -6.08 7.36
C ASN F 144 -56.81 -7.59 7.56
N GLU F 145 -55.89 -8.31 6.90
CA GLU F 145 -55.86 -9.77 7.07
C GLU F 145 -55.46 -10.14 8.49
N GLN F 146 -54.57 -9.38 9.12
CA GLN F 146 -54.20 -9.70 10.49
C GLN F 146 -55.41 -9.55 11.41
N ASP F 147 -56.17 -8.47 11.24
CA ASP F 147 -57.36 -8.27 12.06
C ASP F 147 -58.40 -9.35 11.79
N LEU F 148 -58.57 -9.75 10.53
CA LEU F 148 -59.54 -10.77 10.18
C LEU F 148 -59.17 -12.11 10.81
N LEU F 149 -57.90 -12.53 10.66
CA LEU F 149 -57.46 -13.79 11.23
C LEU F 149 -57.42 -13.76 12.75
N ALA F 150 -57.30 -12.57 13.35
CA ALA F 150 -57.27 -12.49 14.80
C ALA F 150 -58.58 -12.99 15.41
N LEU F 151 -59.71 -12.59 14.83
CA LEU F 151 -61.02 -13.00 15.30
C LEU F 151 -61.50 -14.30 14.65
N ASP F 152 -60.85 -14.76 13.60
CA ASP F 152 -61.24 -15.99 12.93
C ASP F 152 -60.86 -17.21 13.75
N LEU G 8 -30.00 -32.44 16.81
CA LEU G 8 -28.64 -32.92 16.44
C LEU G 8 -27.80 -31.78 15.88
N GLY G 9 -26.49 -31.99 15.82
CA GLY G 9 -25.59 -30.98 15.30
C GLY G 9 -25.67 -30.84 13.79
N PHE G 10 -24.92 -29.86 13.29
CA PHE G 10 -24.88 -29.61 11.85
C PHE G 10 -24.30 -30.80 11.11
N LEU G 11 -24.93 -31.15 9.97
CA LEU G 11 -24.53 -32.26 9.13
C LEU G 11 -24.59 -33.60 9.87
N GLY G 12 -25.33 -33.66 10.97
CA GLY G 12 -25.43 -34.90 11.72
C GLY G 12 -26.29 -35.96 11.06
N ALA G 13 -27.16 -35.58 10.13
CA ALA G 13 -28.04 -36.50 9.42
C ALA G 13 -27.53 -36.85 8.03
N ALA G 14 -26.24 -36.62 7.76
CA ALA G 14 -25.71 -36.93 6.44
C ALA G 14 -25.81 -38.42 6.13
N GLY G 15 -25.46 -39.26 7.09
CA GLY G 15 -25.52 -40.70 6.92
C GLY G 15 -26.76 -41.37 7.43
N SER G 16 -27.65 -40.63 8.09
CA SER G 16 -28.87 -41.20 8.63
C SER G 16 -29.91 -41.39 7.52
N THR G 17 -31.05 -41.96 7.90
CA THR G 17 -32.12 -42.20 6.94
C THR G 17 -32.80 -40.88 6.57
N MET G 18 -33.55 -40.91 5.46
CA MET G 18 -34.24 -39.72 4.98
C MET G 18 -35.17 -39.14 6.05
N GLY G 19 -35.74 -40.00 6.89
CA GLY G 19 -36.66 -39.52 7.92
C GLY G 19 -36.02 -38.48 8.83
N ALA G 20 -34.81 -38.77 9.30
CA ALA G 20 -34.13 -37.81 10.17
C ALA G 20 -33.68 -36.59 9.38
N ALA G 21 -33.17 -36.80 8.16
CA ALA G 21 -32.73 -35.68 7.34
C ALA G 21 -33.88 -34.77 6.96
N SER G 22 -35.04 -35.36 6.62
CA SER G 22 -36.19 -34.56 6.24
C SER G 22 -36.70 -33.70 7.39
N MET G 23 -36.47 -34.12 8.64
CA MET G 23 -36.91 -33.38 9.81
C MET G 23 -35.77 -32.68 10.53
N THR G 24 -34.62 -32.48 9.86
CA THR G 24 -33.48 -31.81 10.46
C THR G 24 -32.82 -30.84 9.48
N LEU G 25 -33.59 -30.28 8.56
CA LEU G 25 -33.04 -29.34 7.59
C LEU G 25 -32.94 -27.92 8.15
N THR G 26 -33.64 -27.62 9.24
CA THR G 26 -33.60 -26.28 9.81
C THR G 26 -32.21 -25.93 10.30
N VAL G 27 -31.53 -26.87 10.98
CA VAL G 27 -30.19 -26.58 11.48
C VAL G 27 -29.24 -26.31 10.33
N GLN G 28 -29.32 -27.11 9.27
CA GLN G 28 -28.44 -26.90 8.13
C GLN G 28 -28.72 -25.54 7.49
N ALA G 29 -30.01 -25.24 7.26
CA ALA G 29 -30.37 -23.95 6.67
C ALA G 29 -29.83 -22.80 7.48
N ARG G 30 -29.92 -22.89 8.81
CA ARG G 30 -29.39 -21.83 9.65
C ARG G 30 -27.86 -21.80 9.59
N ASN G 31 -27.23 -22.94 9.32
CA ASN G 31 -25.79 -23.01 9.24
C ASN G 31 -25.23 -22.50 7.91
N LEU G 32 -26.06 -22.43 6.86
CA LEU G 32 -25.55 -21.92 5.58
C LEU G 32 -25.04 -20.49 5.67
N LEU G 33 -25.44 -19.74 6.70
CA LEU G 33 -25.00 -18.36 6.87
C LEU G 33 -24.62 -18.10 8.33
N LEU G 56 -1.18 -7.42 7.17
CA LEU G 56 -2.41 -7.61 7.92
C LEU G 56 -3.64 -7.40 7.04
N THR G 57 -3.51 -6.52 6.05
CA THR G 57 -4.63 -6.27 5.14
C THR G 57 -4.99 -7.50 4.33
N VAL G 58 -4.05 -8.43 4.14
CA VAL G 58 -4.34 -9.64 3.37
C VAL G 58 -5.44 -10.43 4.05
N TRP G 59 -5.44 -10.48 5.38
CA TRP G 59 -6.48 -11.22 6.08
C TRP G 59 -7.85 -10.61 5.82
N GLY G 60 -7.94 -9.28 5.91
CA GLY G 60 -9.20 -8.63 5.66
C GLY G 60 -9.68 -8.83 4.24
N ILE G 61 -8.77 -8.77 3.28
CA ILE G 61 -9.15 -8.95 1.87
C ILE G 61 -9.68 -10.37 1.65
N LYS G 62 -8.93 -11.39 2.10
CA LYS G 62 -9.39 -12.75 1.88
C LYS G 62 -10.68 -13.05 2.66
N GLN G 63 -10.80 -12.51 3.88
CA GLN G 63 -12.01 -12.75 4.66
C GLN G 63 -13.21 -12.10 3.98
N LEU G 64 -13.03 -10.89 3.46
CA LEU G 64 -14.13 -10.22 2.77
C LEU G 64 -14.50 -11.00 1.51
N GLN G 65 -13.50 -11.52 0.80
CA GLN G 65 -13.79 -12.30 -0.40
C GLN G 65 -14.59 -13.55 -0.04
N ALA G 66 -14.20 -14.23 1.04
CA ALA G 66 -14.93 -15.43 1.45
C ALA G 66 -16.36 -15.09 1.87
N ARG G 67 -16.53 -13.98 2.60
CA ARG G 67 -17.86 -13.58 3.02
C ARG G 67 -18.74 -13.25 1.83
N VAL G 68 -18.18 -12.53 0.84
CA VAL G 68 -18.96 -12.19 -0.34
C VAL G 68 -19.30 -13.45 -1.12
N LEU G 69 -18.38 -14.42 -1.17
CA LEU G 69 -18.66 -15.66 -1.87
C LEU G 69 -19.81 -16.41 -1.20
N ALA G 70 -19.79 -16.48 0.13
CA ALA G 70 -20.86 -17.16 0.84
C ALA G 70 -22.20 -16.46 0.62
N VAL G 71 -22.19 -15.13 0.68
CA VAL G 71 -23.42 -14.37 0.48
C VAL G 71 -23.96 -14.59 -0.93
N GLU G 72 -23.05 -14.58 -1.93
CA GLU G 72 -23.48 -14.80 -3.30
C GLU G 72 -24.06 -16.19 -3.47
N ARG G 73 -23.45 -17.19 -2.83
CA ARG G 73 -23.98 -18.55 -2.91
C ARG G 73 -25.37 -18.62 -2.31
N TYR G 74 -25.57 -17.97 -1.16
CA TYR G 74 -26.88 -17.97 -0.53
C TYR G 74 -27.93 -17.30 -1.42
N LEU G 75 -27.58 -16.17 -2.03
CA LEU G 75 -28.52 -15.49 -2.90
C LEU G 75 -28.83 -16.34 -4.12
N ARG G 76 -27.83 -17.05 -4.66
CA ARG G 76 -28.07 -17.90 -5.81
C ARG G 76 -29.04 -19.02 -5.45
N ASP G 77 -28.84 -19.63 -4.28
CA ASP G 77 -29.74 -20.69 -3.86
C ASP G 77 -31.15 -20.15 -3.64
N GLN G 78 -31.26 -18.97 -3.03
CA GLN G 78 -32.58 -18.38 -2.82
C GLN G 78 -33.26 -18.09 -4.15
N GLN G 79 -32.51 -17.60 -5.13
CA GLN G 79 -33.08 -17.32 -6.44
C GLN G 79 -33.55 -18.60 -7.10
N LEU G 80 -32.75 -19.67 -6.99
CA LEU G 80 -33.14 -20.94 -7.59
C LEU G 80 -34.42 -21.48 -6.96
N LEU G 81 -34.56 -21.32 -5.64
CA LEU G 81 -35.78 -21.80 -4.99
C LEU G 81 -36.97 -20.91 -5.31
N GLY G 82 -36.74 -19.60 -5.42
CA GLY G 82 -37.83 -18.68 -5.70
C GLY G 82 -38.38 -18.82 -7.12
N ILE G 83 -37.49 -19.05 -8.10
CA ILE G 83 -37.96 -19.18 -9.47
C ILE G 83 -38.90 -20.37 -9.62
N TRP G 84 -38.76 -21.38 -8.74
CA TRP G 84 -39.61 -22.57 -8.77
C TRP G 84 -40.83 -22.42 -7.87
N GLY G 85 -41.20 -21.19 -7.50
CA GLY G 85 -42.36 -20.98 -6.65
C GLY G 85 -42.26 -21.66 -5.30
N CYS G 86 -41.08 -21.61 -4.68
CA CYS G 86 -40.86 -22.23 -3.38
C CYS G 86 -39.99 -21.35 -2.48
N SER G 87 -40.09 -20.04 -2.63
CA SER G 87 -39.28 -19.14 -1.81
C SER G 87 -39.72 -19.19 -0.36
N GLY G 88 -38.75 -19.32 0.55
CA GLY G 88 -39.02 -19.35 1.96
C GLY G 88 -39.61 -20.64 2.48
N LYS G 89 -39.66 -21.70 1.68
CA LYS G 89 -40.21 -22.98 2.09
C LYS G 89 -39.10 -24.03 2.08
N LEU G 90 -38.90 -24.68 3.24
CA LEU G 90 -37.87 -25.71 3.34
C LEU G 90 -38.20 -26.89 2.43
N ILE G 91 -39.47 -27.30 2.40
CA ILE G 91 -39.94 -28.41 1.58
C ILE G 91 -41.02 -27.86 0.67
N CYS G 92 -40.94 -28.18 -0.61
CA CYS G 92 -41.91 -27.70 -1.58
C CYS G 92 -42.13 -28.74 -2.67
N CYS G 93 -43.39 -28.93 -3.03
CA CYS G 93 -43.80 -29.89 -4.06
C CYS G 93 -44.27 -29.15 -5.30
N THR G 94 -43.90 -29.68 -6.45
CA THR G 94 -44.25 -29.10 -7.76
C THR G 94 -45.22 -30.04 -8.47
N ASN G 95 -45.60 -29.63 -9.69
CA ASN G 95 -46.53 -30.37 -10.53
C ASN G 95 -45.82 -30.98 -11.74
N VAL G 96 -44.58 -31.40 -11.56
CA VAL G 96 -43.76 -32.00 -12.60
C VAL G 96 -43.72 -33.51 -12.37
N PRO G 97 -44.21 -34.34 -13.28
CA PRO G 97 -44.19 -35.79 -13.03
C PRO G 97 -42.77 -36.34 -13.05
N TRP G 98 -42.60 -37.44 -12.32
CA TRP G 98 -41.31 -38.12 -12.23
C TRP G 98 -41.08 -38.97 -13.48
N ASN G 99 -39.80 -39.28 -13.73
CA ASN G 99 -39.39 -40.08 -14.87
C ASN G 99 -38.66 -41.33 -14.40
N SER G 100 -38.99 -42.46 -15.02
CA SER G 100 -38.34 -43.72 -14.64
C SER G 100 -36.88 -43.73 -15.07
N SER G 101 -36.54 -42.98 -16.12
CA SER G 101 -35.15 -42.95 -16.58
C SER G 101 -34.22 -42.35 -15.53
N TRP G 102 -34.68 -41.30 -14.84
CA TRP G 102 -33.84 -40.68 -13.82
C TRP G 102 -33.57 -41.65 -12.68
N SER G 103 -34.56 -42.45 -12.30
CA SER G 103 -34.42 -43.43 -11.23
C SER G 103 -35.21 -44.68 -11.61
N ASN G 104 -34.50 -45.80 -11.76
CA ASN G 104 -35.08 -47.08 -12.12
C ASN G 104 -35.19 -48.00 -10.91
N ARG G 105 -35.53 -47.42 -9.76
CA ARG G 105 -35.65 -48.15 -8.51
C ARG G 105 -36.91 -47.71 -7.76
N ASN G 106 -37.39 -48.57 -6.88
CA ASN G 106 -38.61 -48.31 -6.12
C ASN G 106 -38.44 -47.13 -5.16
N LEU G 107 -39.57 -46.46 -4.90
CA LEU G 107 -39.59 -45.29 -4.02
C LEU G 107 -39.26 -45.64 -2.57
N SER G 108 -39.73 -46.80 -2.10
CA SER G 108 -39.52 -47.20 -0.71
C SER G 108 -38.04 -47.18 -0.33
N GLU G 109 -37.20 -47.85 -1.11
CA GLU G 109 -35.77 -47.86 -0.77
C GLU G 109 -35.16 -46.47 -0.96
N ILE G 110 -35.68 -45.68 -1.90
CA ILE G 110 -35.14 -44.33 -2.08
C ILE G 110 -35.34 -43.51 -0.82
N TRP G 111 -36.44 -43.73 -0.11
CA TRP G 111 -36.69 -42.96 1.11
C TRP G 111 -36.13 -43.61 2.38
N ASP G 112 -36.60 -44.80 2.73
CA ASP G 112 -36.15 -45.43 3.97
C ASP G 112 -34.90 -46.28 3.84
N ASN G 113 -34.28 -46.39 2.67
CA ASN G 113 -33.08 -47.22 2.50
C ASN G 113 -32.06 -46.52 1.61
N MET G 114 -31.85 -45.22 1.82
CA MET G 114 -30.88 -44.50 1.00
C MET G 114 -30.57 -43.17 1.66
N THR G 115 -29.33 -42.73 1.50
CA THR G 115 -28.85 -41.46 2.05
C THR G 115 -28.84 -40.40 0.94
N TRP G 116 -28.74 -39.14 1.35
CA TRP G 116 -28.73 -38.06 0.38
C TRP G 116 -27.48 -38.09 -0.50
N LEU G 117 -26.36 -38.58 0.03
CA LEU G 117 -25.14 -38.63 -0.77
C LEU G 117 -25.31 -39.57 -1.96
N GLN G 118 -25.77 -40.79 -1.71
CA GLN G 118 -25.98 -41.74 -2.80
C GLN G 118 -27.03 -41.23 -3.78
N TRP G 119 -28.10 -40.64 -3.25
CA TRP G 119 -29.16 -40.13 -4.11
C TRP G 119 -28.64 -39.04 -5.03
N ASP G 120 -27.88 -38.08 -4.49
CA ASP G 120 -27.34 -37.02 -5.33
C ASP G 120 -26.35 -37.57 -6.33
N LYS G 121 -25.54 -38.56 -5.92
CA LYS G 121 -24.58 -39.15 -6.85
C LYS G 121 -25.30 -39.80 -8.02
N GLU G 122 -26.43 -40.46 -7.75
CA GLU G 122 -27.18 -41.12 -8.82
C GLU G 122 -27.94 -40.13 -9.69
N ILE G 123 -28.46 -39.03 -9.11
CA ILE G 123 -29.21 -38.05 -9.89
C ILE G 123 -28.34 -37.00 -10.56
N SER G 124 -27.04 -36.96 -10.26
CA SER G 124 -26.15 -35.97 -10.87
C SER G 124 -26.13 -36.06 -12.40
N ASN G 125 -26.48 -37.20 -12.97
CA ASN G 125 -26.46 -37.32 -14.43
C ASN G 125 -27.46 -36.39 -15.09
N TYR G 126 -28.67 -36.27 -14.53
CA TYR G 126 -29.72 -35.44 -15.09
C TYR G 126 -30.13 -34.29 -14.17
N THR G 127 -29.29 -33.92 -13.21
CA THR G 127 -29.65 -32.83 -12.30
C THR G 127 -29.82 -31.50 -13.02
N GLN G 128 -29.16 -31.31 -14.16
CA GLN G 128 -29.25 -30.04 -14.87
C GLN G 128 -30.56 -29.89 -15.64
N ILE G 129 -31.13 -30.97 -16.18
CA ILE G 129 -32.36 -30.85 -16.95
C ILE G 129 -33.61 -30.69 -16.09
N ILE G 130 -33.56 -31.11 -14.82
CA ILE G 130 -34.74 -30.96 -13.96
C ILE G 130 -35.07 -29.50 -13.74
N TYR G 131 -34.04 -28.65 -13.64
CA TYR G 131 -34.26 -27.23 -13.42
C TYR G 131 -35.07 -26.60 -14.55
N GLY G 132 -34.75 -26.95 -15.80
CA GLY G 132 -35.49 -26.39 -16.92
C GLY G 132 -36.95 -26.78 -16.90
N LEU G 133 -37.24 -28.06 -16.64
CA LEU G 133 -38.61 -28.52 -16.59
C LEU G 133 -39.37 -27.84 -15.47
N LEU G 134 -38.74 -27.71 -14.30
CA LEU G 134 -39.41 -27.04 -13.18
C LEU G 134 -39.70 -25.59 -13.52
N GLU G 135 -38.75 -24.93 -14.18
CA GLU G 135 -38.94 -23.53 -14.58
C GLU G 135 -40.10 -23.40 -15.55
N GLU G 136 -40.16 -24.28 -16.55
CA GLU G 136 -41.24 -24.21 -17.52
C GLU G 136 -42.59 -24.44 -16.84
N SER G 137 -42.67 -25.44 -15.96
CA SER G 137 -43.92 -25.71 -15.27
C SER G 137 -44.34 -24.52 -14.40
N GLN G 138 -43.38 -23.92 -13.70
CA GLN G 138 -43.68 -22.78 -12.84
C GLN G 138 -44.23 -21.62 -13.67
N ASN G 139 -43.57 -21.30 -14.79
CA ASN G 139 -44.03 -20.19 -15.62
C ASN G 139 -45.42 -20.49 -16.18
N GLN G 140 -45.66 -21.72 -16.61
CA GLN G 140 -46.96 -22.07 -17.16
C GLN G 140 -48.06 -21.92 -16.12
N GLN G 141 -47.85 -22.46 -14.92
CA GLN G 141 -48.89 -22.35 -13.90
C GLN G 141 -49.09 -20.90 -13.48
N GLU G 142 -48.01 -20.11 -13.46
CA GLU G 142 -48.15 -18.72 -13.07
C GLU G 142 -48.97 -17.96 -14.10
N LYS G 143 -48.72 -18.20 -15.38
CA LYS G 143 -49.50 -17.53 -16.42
C LYS G 143 -50.96 -17.97 -16.34
N ASN G 144 -51.20 -19.26 -16.09
CA ASN G 144 -52.56 -19.75 -15.98
C ASN G 144 -53.28 -19.10 -14.81
N GLU G 145 -52.59 -18.96 -13.67
CA GLU G 145 -53.19 -18.33 -12.51
C GLU G 145 -53.51 -16.86 -12.80
N GLN G 146 -52.59 -16.18 -13.49
CA GLN G 146 -52.83 -14.78 -13.83
C GLN G 146 -54.06 -14.65 -14.72
N ASP G 147 -54.19 -15.54 -15.71
CA ASP G 147 -55.35 -15.50 -16.59
C ASP G 147 -56.63 -15.77 -15.82
N LEU G 148 -56.58 -16.76 -14.92
CA LEU G 148 -57.77 -17.09 -14.12
C LEU G 148 -58.20 -15.89 -13.29
N LEU G 149 -57.24 -15.21 -12.65
CA LEU G 149 -57.59 -14.05 -11.86
C LEU G 149 -58.09 -12.92 -12.74
N ALA G 150 -57.55 -12.82 -13.96
CA ALA G 150 -58.00 -11.77 -14.88
C ALA G 150 -59.46 -11.98 -15.27
N LEU G 151 -59.86 -13.22 -15.54
CA LEU G 151 -61.24 -13.48 -15.92
C LEU G 151 -62.20 -13.15 -14.77
N ASP G 152 -61.82 -13.49 -13.54
CA ASP G 152 -62.65 -13.20 -12.38
C ASP G 152 -62.51 -11.74 -11.96
N LEU H 8 -45.06 9.88 8.24
CA LEU H 8 -43.92 10.21 9.13
C LEU H 8 -42.61 9.70 8.54
N GLY H 9 -41.50 10.24 9.03
CA GLY H 9 -40.18 9.84 8.58
C GLY H 9 -39.69 8.59 9.26
N PHE H 10 -38.45 8.22 8.94
CA PHE H 10 -37.83 7.04 9.52
C PHE H 10 -37.69 7.19 11.03
N LEU H 11 -38.07 6.14 11.76
CA LEU H 11 -37.99 6.08 13.22
C LEU H 11 -38.90 7.12 13.89
N GLY H 12 -39.82 7.72 13.14
CA GLY H 12 -40.69 8.73 13.74
C GLY H 12 -41.58 8.18 14.83
N ALA H 13 -42.07 6.95 14.66
CA ALA H 13 -42.95 6.31 15.63
C ALA H 13 -42.19 5.52 16.69
N ALA H 14 -40.93 5.86 16.95
CA ALA H 14 -40.17 5.13 17.97
C ALA H 14 -40.77 5.31 19.35
N GLY H 15 -41.18 6.53 19.68
CA GLY H 15 -41.77 6.79 20.99
C GLY H 15 -43.25 6.51 21.08
N SER H 16 -43.96 6.52 19.96
CA SER H 16 -45.38 6.26 19.97
C SER H 16 -45.64 4.81 20.37
N THR H 17 -46.91 4.51 20.65
CA THR H 17 -47.29 3.17 21.04
C THR H 17 -47.06 2.20 19.89
N MET H 18 -46.83 0.93 20.24
CA MET H 18 -46.59 -0.09 19.23
C MET H 18 -47.75 -0.21 18.25
N GLY H 19 -48.98 0.03 18.71
CA GLY H 19 -50.13 -0.05 17.82
C GLY H 19 -50.02 0.92 16.67
N ALA H 20 -49.68 2.17 16.97
CA ALA H 20 -49.54 3.18 15.93
C ALA H 20 -48.24 3.02 15.17
N ALA H 21 -47.17 2.57 15.85
CA ALA H 21 -45.89 2.39 15.18
C ALA H 21 -45.91 1.25 14.17
N SER H 22 -46.76 0.25 14.36
CA SER H 22 -46.81 -0.85 13.41
C SER H 22 -47.30 -0.42 12.04
N MET H 23 -47.95 0.75 11.93
CA MET H 23 -48.41 1.24 10.63
C MET H 23 -47.29 1.80 9.77
N THR H 24 -46.08 1.97 10.29
CA THR H 24 -44.95 2.53 9.55
C THR H 24 -43.70 1.66 9.70
N LEU H 25 -43.86 0.35 9.51
CA LEU H 25 -42.76 -0.59 9.63
C LEU H 25 -41.96 -0.73 8.34
N THR H 26 -42.60 -0.49 7.20
CA THR H 26 -41.91 -0.64 5.92
C THR H 26 -40.78 0.37 5.75
N VAL H 27 -40.98 1.60 6.24
CA VAL H 27 -39.91 2.59 6.10
C VAL H 27 -38.67 2.12 6.85
N GLN H 28 -38.88 1.59 8.05
CA GLN H 28 -37.76 1.09 8.89
C GLN H 28 -37.11 -0.07 8.13
N ALA H 29 -37.90 -0.99 7.57
CA ALA H 29 -37.35 -2.14 6.87
C ALA H 29 -36.57 -1.70 5.63
N ARG H 30 -37.03 -0.64 4.98
CA ARG H 30 -36.36 -0.14 3.78
C ARG H 30 -35.04 0.53 4.11
N ASN H 31 -34.98 1.24 5.24
CA ASN H 31 -33.72 1.90 5.59
C ASN H 31 -32.61 0.92 5.95
N LEU H 32 -32.92 -0.37 6.12
CA LEU H 32 -31.89 -1.34 6.44
C LEU H 32 -30.85 -1.50 5.33
N LEU H 33 -31.16 -1.05 4.12
CA LEU H 33 -30.24 -1.14 2.99
C LEU H 33 -29.71 0.24 2.63
N LEU H 56 -7.40 6.15 -1.02
CA LEU H 56 -8.32 5.44 -1.91
C LEU H 56 -8.77 4.13 -1.27
N THR H 57 -7.84 3.44 -0.62
CA THR H 57 -8.13 2.17 0.03
C THR H 57 -8.56 2.33 1.48
N VAL H 58 -8.12 3.38 2.16
CA VAL H 58 -8.48 3.58 3.56
C VAL H 58 -10.00 3.63 3.72
N TRP H 59 -10.67 4.39 2.86
CA TRP H 59 -12.12 4.49 2.88
C TRP H 59 -12.79 3.39 2.07
N GLY H 60 -12.12 2.88 1.05
CA GLY H 60 -12.71 1.81 0.26
C GLY H 60 -12.92 0.55 1.09
N ILE H 61 -11.90 0.15 1.84
CA ILE H 61 -12.03 -1.04 2.67
C ILE H 61 -13.11 -0.85 3.72
N LYS H 62 -13.18 0.34 4.32
CA LYS H 62 -14.19 0.61 5.35
C LYS H 62 -15.59 0.53 4.76
N GLN H 63 -15.80 1.15 3.59
CA GLN H 63 -17.12 1.12 2.97
C GLN H 63 -17.51 -0.31 2.57
N LEU H 64 -16.56 -1.06 2.01
CA LEU H 64 -16.88 -2.44 1.62
C LEU H 64 -17.22 -3.28 2.84
N GLN H 65 -16.47 -3.13 3.93
CA GLN H 65 -16.76 -3.89 5.14
C GLN H 65 -18.13 -3.52 5.69
N ALA H 66 -18.46 -2.23 5.74
CA ALA H 66 -19.75 -1.81 6.26
C ALA H 66 -20.88 -2.35 5.39
N ARG H 67 -20.73 -2.25 4.07
CA ARG H 67 -21.78 -2.74 3.17
C ARG H 67 -21.96 -4.25 3.31
N VAL H 68 -20.86 -4.99 3.41
CA VAL H 68 -20.96 -6.44 3.56
C VAL H 68 -21.63 -6.79 4.88
N LEU H 69 -21.29 -6.07 5.95
CA LEU H 69 -21.91 -6.36 7.24
C LEU H 69 -23.41 -6.08 7.20
N ALA H 70 -23.80 -4.96 6.59
CA ALA H 70 -25.22 -4.64 6.49
C ALA H 70 -25.96 -5.68 5.66
N VAL H 71 -25.36 -6.10 4.55
CA VAL H 71 -25.99 -7.10 3.69
C VAL H 71 -26.13 -8.41 4.45
N GLU H 72 -25.09 -8.80 5.20
CA GLU H 72 -25.17 -10.05 5.96
C GLU H 72 -26.27 -9.97 7.01
N ARG H 73 -26.39 -8.82 7.68
CA ARG H 73 -27.45 -8.67 8.67
C ARG H 73 -28.82 -8.79 8.03
N TYR H 74 -29.00 -8.15 6.87
CA TYR H 74 -30.28 -8.22 6.19
C TYR H 74 -30.60 -9.66 5.78
N LEU H 75 -29.60 -10.38 5.26
CA LEU H 75 -29.83 -11.76 4.87
C LEU H 75 -30.17 -12.62 6.08
N ARG H 76 -29.52 -12.36 7.21
CA ARG H 76 -29.81 -13.14 8.41
C ARG H 76 -31.25 -12.91 8.85
N ASP H 77 -31.68 -11.66 8.86
CA ASP H 77 -33.06 -11.35 9.26
C ASP H 77 -34.06 -11.98 8.30
N GLN H 78 -33.81 -11.86 6.99
CA GLN H 78 -34.71 -12.44 6.01
C GLN H 78 -34.75 -13.95 6.16
N GLN H 79 -33.61 -14.57 6.45
CA GLN H 79 -33.57 -16.01 6.63
C GLN H 79 -34.39 -16.42 7.84
N LEU H 80 -34.30 -15.64 8.93
CA LEU H 80 -35.09 -15.96 10.11
C LEU H 80 -36.58 -15.89 9.79
N LEU H 81 -36.99 -14.82 9.10
CA LEU H 81 -38.40 -14.70 8.73
C LEU H 81 -38.85 -15.84 7.83
N GLY H 82 -38.02 -16.21 6.86
CA GLY H 82 -38.38 -17.30 5.97
C GLY H 82 -38.52 -18.63 6.69
N ILE H 83 -37.53 -18.95 7.53
CA ILE H 83 -37.58 -20.20 8.27
C ILE H 83 -38.73 -20.20 9.27
N TRP H 84 -39.22 -19.03 9.68
CA TRP H 84 -40.34 -18.97 10.61
C TRP H 84 -41.70 -19.06 9.91
N GLY H 85 -41.72 -19.11 8.58
CA GLY H 85 -42.95 -19.21 7.81
C GLY H 85 -43.42 -17.92 7.18
N CYS H 86 -42.94 -16.76 7.64
CA CYS H 86 -43.38 -15.50 7.06
C CYS H 86 -42.94 -15.38 5.60
N SER H 87 -41.66 -15.58 5.35
CA SER H 87 -41.10 -15.52 3.99
C SER H 87 -41.42 -14.20 3.29
N GLY H 88 -41.25 -13.08 4.01
CA GLY H 88 -41.48 -11.75 3.48
C GLY H 88 -42.62 -11.00 4.16
N LYS H 89 -43.62 -11.71 4.66
CA LYS H 89 -44.74 -11.06 5.32
C LYS H 89 -44.27 -10.28 6.54
N LEU H 90 -44.41 -8.96 6.49
CA LEU H 90 -43.98 -8.12 7.61
C LEU H 90 -44.79 -8.44 8.86
N ILE H 91 -46.10 -8.62 8.72
CA ILE H 91 -46.99 -8.93 9.82
C ILE H 91 -47.40 -10.38 9.64
N CYS H 92 -46.73 -11.28 10.35
CA CYS H 92 -46.99 -12.72 10.29
C CYS H 92 -47.15 -13.27 11.69
N CYS H 93 -48.09 -14.19 11.85
CA CYS H 93 -48.38 -14.84 13.12
C CYS H 93 -48.06 -16.32 13.02
N THR H 94 -48.10 -17.00 14.18
CA THR H 94 -47.80 -18.43 14.25
C THR H 94 -48.79 -19.18 15.12
N ASN H 95 -48.49 -20.44 15.44
CA ASN H 95 -49.33 -21.31 16.26
C ASN H 95 -48.61 -21.71 17.55
N VAL H 96 -47.85 -20.78 18.12
CA VAL H 96 -47.10 -21.01 19.36
C VAL H 96 -47.79 -20.23 20.48
N PRO H 97 -48.37 -20.89 21.48
CA PRO H 97 -49.03 -20.12 22.56
C PRO H 97 -48.02 -19.28 23.33
N TRP H 98 -48.52 -18.16 23.85
CA TRP H 98 -47.69 -17.23 24.62
C TRP H 98 -47.72 -17.65 26.09
N ASN H 99 -46.62 -18.24 26.55
CA ASN H 99 -46.55 -18.69 27.94
C ASN H 99 -46.59 -17.48 28.88
N SER H 100 -47.39 -17.61 29.94
CA SER H 100 -47.51 -16.53 30.91
C SER H 100 -46.21 -16.29 31.68
N SER H 101 -45.33 -17.28 31.74
CA SER H 101 -44.07 -17.11 32.46
C SER H 101 -43.23 -16.00 31.85
N TRP H 102 -43.31 -15.81 30.53
CA TRP H 102 -42.53 -14.76 29.88
C TRP H 102 -42.99 -13.38 30.31
N SER H 103 -44.30 -13.21 30.57
CA SER H 103 -44.83 -11.92 30.99
C SER H 103 -46.22 -12.09 31.58
N ASN H 104 -46.45 -11.52 32.77
CA ASN H 104 -47.73 -11.58 33.46
C ASN H 104 -48.60 -10.36 33.19
N ARG H 105 -48.42 -9.71 32.04
CA ARG H 105 -49.18 -8.53 31.67
C ARG H 105 -50.20 -8.89 30.59
N ASN H 106 -51.42 -8.41 30.75
CA ASN H 106 -52.47 -8.71 29.79
C ASN H 106 -52.33 -7.80 28.56
N LEU H 107 -53.09 -8.14 27.51
CA LEU H 107 -53.05 -7.40 26.25
C LEU H 107 -53.61 -5.99 26.37
N SER H 108 -54.26 -5.64 27.47
CA SER H 108 -54.84 -4.31 27.62
C SER H 108 -53.85 -3.16 27.47
N GLU H 109 -52.91 -3.02 28.41
CA GLU H 109 -51.95 -1.92 28.34
C GLU H 109 -50.80 -2.17 27.37
N ILE H 110 -50.59 -3.40 26.93
CA ILE H 110 -49.49 -3.69 26.03
C ILE H 110 -49.71 -3.04 24.66
N TRP H 111 -50.97 -2.97 24.21
CA TRP H 111 -51.29 -2.42 22.90
C TRP H 111 -51.95 -1.04 22.95
N ASP H 112 -51.94 -0.37 24.09
CA ASP H 112 -52.54 0.96 24.22
C ASP H 112 -51.52 2.07 24.43
N ASN H 113 -50.56 1.88 25.34
CA ASN H 113 -49.55 2.90 25.62
C ASN H 113 -48.12 2.39 25.65
N MET H 114 -47.88 1.10 25.87
CA MET H 114 -46.51 0.60 25.91
C MET H 114 -45.83 0.74 24.56
N THR H 115 -44.58 1.19 24.59
CA THR H 115 -43.79 1.38 23.38
C THR H 115 -43.04 0.08 23.08
N TRP H 116 -42.07 0.14 22.17
CA TRP H 116 -41.30 -1.04 21.79
C TRP H 116 -40.01 -1.18 22.57
N LEU H 117 -39.46 -0.09 23.10
CA LEU H 117 -38.21 -0.16 23.85
C LEU H 117 -38.36 -1.04 25.09
N GLN H 118 -39.22 -0.64 26.03
CA GLN H 118 -39.41 -1.44 27.23
C GLN H 118 -39.97 -2.82 26.90
N TRP H 119 -40.74 -2.93 25.81
CA TRP H 119 -41.27 -4.23 25.42
C TRP H 119 -40.14 -5.18 25.08
N ASP H 120 -39.20 -4.66 24.26
CA ASP H 120 -38.02 -5.48 23.91
C ASP H 120 -37.39 -5.95 25.22
N LYS H 121 -37.21 -5.01 26.16
CA LYS H 121 -36.57 -5.35 27.45
C LYS H 121 -37.37 -6.48 28.11
N GLU H 122 -38.69 -6.40 28.06
CA GLU H 122 -39.51 -7.42 28.76
C GLU H 122 -39.15 -8.82 28.25
N ILE H 123 -39.12 -9.02 26.94
CA ILE H 123 -38.89 -10.39 26.40
C ILE H 123 -37.40 -10.61 26.12
N SER H 124 -36.56 -9.61 26.44
CA SER H 124 -35.11 -9.72 26.12
C SER H 124 -34.51 -10.92 26.85
N ASN H 125 -35.25 -11.51 27.79
CA ASN H 125 -34.70 -12.63 28.61
C ASN H 125 -34.99 -13.98 27.94
N TYR H 126 -35.91 -14.03 26.98
CA TYR H 126 -36.28 -15.36 26.41
C TYR H 126 -36.45 -15.30 24.89
N THR H 127 -36.21 -14.14 24.27
CA THR H 127 -36.45 -14.04 22.82
C THR H 127 -35.85 -15.26 22.16
N GLN H 128 -34.75 -15.78 22.69
CA GLN H 128 -34.07 -16.95 22.07
C GLN H 128 -35.01 -18.15 22.15
N ILE H 129 -35.58 -18.40 23.33
CA ILE H 129 -36.57 -19.51 23.48
C ILE H 129 -37.71 -19.27 22.49
N ILE H 130 -38.21 -18.04 22.39
CA ILE H 130 -39.37 -17.79 21.51
C ILE H 130 -38.97 -18.20 20.08
N TYR H 131 -37.80 -17.76 19.62
CA TYR H 131 -37.34 -18.06 18.24
C TYR H 131 -37.26 -19.57 18.05
N GLY H 132 -36.67 -20.25 19.03
CA GLY H 132 -36.55 -21.72 18.92
C GLY H 132 -37.91 -22.36 18.74
N LEU H 133 -38.86 -21.99 19.59
CA LEU H 133 -40.23 -22.57 19.50
C LEU H 133 -40.75 -22.30 18.08
N LEU H 134 -40.68 -21.04 17.63
CA LEU H 134 -41.21 -20.69 16.28
C LEU H 134 -40.63 -21.68 15.28
N GLU H 135 -39.29 -21.80 15.24
CA GLU H 135 -38.64 -22.69 14.25
C GLU H 135 -39.28 -24.08 14.32
N GLU H 136 -39.13 -24.76 15.45
CA GLU H 136 -39.64 -26.13 15.56
C GLU H 136 -41.09 -26.21 15.10
N SER H 137 -41.91 -25.22 15.49
CA SER H 137 -43.31 -25.22 15.10
C SER H 137 -43.46 -25.13 13.59
N GLN H 138 -42.67 -24.26 12.94
CA GLN H 138 -42.76 -24.15 11.49
C GLN H 138 -42.32 -25.44 10.81
N ASN H 139 -41.25 -26.06 11.32
CA ASN H 139 -40.79 -27.31 10.72
C ASN H 139 -41.86 -28.39 10.82
N GLN H 140 -42.47 -28.51 12.00
CA GLN H 140 -43.51 -29.51 12.20
C GLN H 140 -44.72 -29.20 11.31
N GLN H 141 -45.07 -27.93 11.18
CA GLN H 141 -46.21 -27.56 10.34
C GLN H 141 -45.94 -27.92 8.90
N GLU H 142 -44.73 -27.66 8.40
CA GLU H 142 -44.42 -27.99 7.02
C GLU H 142 -44.46 -29.50 6.81
N LYS H 143 -43.92 -30.27 7.76
CA LYS H 143 -43.95 -31.72 7.63
C LYS H 143 -45.39 -32.23 7.61
N ASN H 144 -46.23 -31.72 8.50
CA ASN H 144 -47.63 -32.14 8.55
C ASN H 144 -48.35 -31.76 7.27
N GLU H 145 -48.07 -30.56 6.74
CA GLU H 145 -48.72 -30.13 5.51
C GLU H 145 -48.32 -31.04 4.36
N GLN H 146 -47.04 -31.39 4.26
CA GLN H 146 -46.60 -32.28 3.20
C GLN H 146 -47.26 -33.65 3.33
N ASP H 147 -47.35 -34.17 4.55
CA ASP H 147 -47.97 -35.47 4.76
C ASP H 147 -49.45 -35.43 4.36
N LEU H 148 -50.18 -34.42 4.82
CA LEU H 148 -51.59 -34.30 4.50
C LEU H 148 -51.80 -34.18 3.00
N LEU H 149 -50.99 -33.35 2.33
CA LEU H 149 -51.13 -33.20 0.89
C LEU H 149 -50.77 -34.48 0.17
N ALA H 150 -49.84 -35.27 0.72
CA ALA H 150 -49.45 -36.52 0.09
C ALA H 150 -50.59 -37.55 0.19
N LEU H 151 -51.30 -37.57 1.32
CA LEU H 151 -52.39 -38.52 1.46
C LEU H 151 -53.46 -38.28 0.41
N ASP H 152 -53.80 -37.02 0.15
CA ASP H 152 -54.81 -36.65 -0.84
C ASP H 152 -54.16 -35.94 -2.04
#